data_1YWK
#
_entry.id   1YWK
#
_cell.length_a   81.010
_cell.length_b   107.685
_cell.length_c   191.021
_cell.angle_alpha   90.00
_cell.angle_beta   90.00
_cell.angle_gamma   90.00
#
_symmetry.space_group_name_H-M   'P 21 21 21'
#
_entity_poly.entity_id   1
_entity_poly.type   'polypeptide(L)'
_entity_poly.pdbx_seq_one_letter_code
;MSLQNMETRYTHSPADIRHYSTEQLRDEFLVEKVFIPGAISLTYTHNDRMIFGGVTPTTEELEIILDKELGVDYFLERRE
LGVINIGGPGFIEIDGAKETMKKQDGYYIGKETKHVRFSSENPDNPAKFYISCVPAHHKYPNVKISIDEITPMETGDPLT
LNQRKIYQYIHPNVCESCQLQMGYTILEPGSAWNTMPCHTHERRMEAYVYFDMEEDTRIFHMMGKPDETKHLVMSNEQAA
ISPSWSIHSGVGTSNYSFIWAMCGENITYTDMDMVAMDQLKEGHHHHHH
;
_entity_poly.pdbx_strand_id   A,B,C,D,E,F
#
# COMPACT_ATOMS: atom_id res chain seq x y z
N LEU A 3 6.99 -5.06 1.49
CA LEU A 3 6.26 -3.92 0.83
C LEU A 3 6.49 -3.93 -0.69
N GLN A 4 5.71 -3.13 -1.42
CA GLN A 4 5.81 -3.03 -2.88
C GLN A 4 5.90 -1.55 -3.16
N ASN A 5 6.49 -1.16 -4.29
CA ASN A 5 6.64 0.27 -4.57
C ASN A 5 6.92 0.57 -6.05
N MET A 6 6.24 1.59 -6.60
CA MET A 6 6.41 1.96 -8.00
C MET A 6 6.59 3.46 -8.23
N GLU A 7 7.82 3.87 -8.55
CA GLU A 7 8.11 5.28 -8.81
C GLU A 7 7.84 5.64 -10.27
N THR A 8 7.02 6.66 -10.52
CA THR A 8 6.77 7.02 -11.92
C THR A 8 7.79 8.07 -12.36
N ARG A 9 8.14 8.07 -13.64
CA ARG A 9 9.10 9.02 -14.16
C ARG A 9 8.65 9.62 -15.48
N TYR A 10 8.53 10.94 -15.51
CA TYR A 10 8.14 11.62 -16.73
C TYR A 10 9.27 11.56 -17.73
N THR A 11 8.93 11.71 -18.99
CA THR A 11 9.92 11.71 -20.05
C THR A 11 10.23 13.15 -20.37
N HIS A 12 11.32 13.36 -21.11
CA HIS A 12 11.71 14.71 -21.47
C HIS A 12 12.06 14.75 -22.94
N SER A 13 12.56 15.88 -23.39
CA SER A 13 12.96 16.03 -24.77
C SER A 13 14.46 16.26 -24.79
N PRO A 14 15.13 15.93 -25.90
CA PRO A 14 16.57 16.14 -25.98
C PRO A 14 16.97 17.54 -25.57
N ALA A 15 16.05 18.49 -25.68
CA ALA A 15 16.33 19.88 -25.30
C ALA A 15 16.20 20.07 -23.79
N ASP A 16 15.19 19.48 -23.19
CA ASP A 16 15.02 19.62 -21.74
C ASP A 16 16.28 19.16 -21.01
N ILE A 17 16.87 18.09 -21.52
CA ILE A 17 18.05 17.44 -20.96
C ILE A 17 19.39 18.08 -21.38
N ARG A 18 19.36 18.92 -22.41
CA ARG A 18 20.58 19.53 -22.91
C ARG A 18 21.60 20.04 -21.89
N HIS A 19 21.16 20.68 -20.81
CA HIS A 19 22.11 21.18 -19.81
C HIS A 19 21.98 20.50 -18.47
N TYR A 20 21.37 19.31 -18.48
CA TYR A 20 21.19 18.50 -17.29
C TYR A 20 22.52 18.22 -16.60
N SER A 21 22.51 18.17 -15.28
CA SER A 21 23.74 17.87 -14.55
C SER A 21 23.84 16.35 -14.43
N THR A 22 25.01 15.87 -14.06
CA THR A 22 25.19 14.43 -13.88
C THR A 22 24.10 13.93 -12.92
N GLU A 23 23.81 14.75 -11.92
CA GLU A 23 22.80 14.39 -10.94
C GLU A 23 21.46 14.26 -11.65
N GLN A 24 21.01 15.35 -12.24
CA GLN A 24 19.73 15.34 -12.95
C GLN A 24 19.59 14.12 -13.85
N LEU A 25 20.59 13.88 -14.70
CA LEU A 25 20.56 12.71 -15.58
C LEU A 25 20.23 11.46 -14.78
N ARG A 26 21.00 11.22 -13.73
CA ARG A 26 20.77 10.04 -12.91
C ARG A 26 19.35 10.04 -12.37
N ASP A 27 18.92 11.19 -11.87
CA ASP A 27 17.57 11.31 -11.31
C ASP A 27 16.46 10.94 -12.28
N GLU A 28 16.64 11.26 -13.54
CA GLU A 28 15.61 10.96 -14.51
C GLU A 28 15.74 9.64 -15.24
N PHE A 29 16.95 9.26 -15.60
CA PHE A 29 17.10 8.02 -16.36
C PHE A 29 17.74 6.80 -15.69
N LEU A 30 18.19 6.94 -14.46
CA LEU A 30 18.80 5.82 -13.77
C LEU A 30 17.97 5.27 -12.63
N VAL A 31 17.83 3.95 -12.60
CA VAL A 31 17.10 3.31 -11.50
C VAL A 31 18.20 2.60 -10.72
N GLU A 32 18.56 3.14 -9.55
CA GLU A 32 19.61 2.59 -8.71
C GLU A 32 19.32 1.28 -8.00
N LYS A 33 18.08 1.08 -7.58
CA LYS A 33 17.72 -0.18 -6.94
C LYS A 33 16.63 -0.89 -7.73
N VAL A 34 16.95 -2.06 -8.27
CA VAL A 34 15.99 -2.82 -9.05
C VAL A 34 15.53 -4.06 -8.31
N PHE A 35 16.46 -4.73 -7.63
CA PHE A 35 16.12 -5.93 -6.88
C PHE A 35 16.37 -5.75 -5.40
N ILE A 36 15.38 -5.22 -4.70
CA ILE A 36 15.51 -5.06 -3.25
C ILE A 36 14.72 -6.23 -2.64
N PRO A 37 15.43 -7.24 -2.09
CA PRO A 37 14.92 -8.46 -1.46
C PRO A 37 13.77 -8.32 -0.48
N GLY A 38 12.73 -9.14 -0.71
CA GLY A 38 11.56 -9.14 0.13
C GLY A 38 10.47 -8.21 -0.35
N ALA A 39 10.76 -7.43 -1.40
CA ALA A 39 9.80 -6.48 -1.94
C ALA A 39 9.87 -6.39 -3.46
N ILE A 40 8.87 -5.74 -4.02
CA ILE A 40 8.86 -5.54 -5.46
C ILE A 40 9.21 -4.07 -5.66
N SER A 41 10.22 -3.82 -6.48
CA SER A 41 10.65 -2.47 -6.77
C SER A 41 10.34 -2.18 -8.24
N LEU A 42 9.37 -1.30 -8.46
CA LEU A 42 8.98 -0.99 -9.82
C LEU A 42 9.06 0.49 -10.15
N THR A 43 9.19 0.77 -11.45
CA THR A 43 9.26 2.14 -11.92
C THR A 43 8.38 2.25 -13.19
N TYR A 44 7.50 3.25 -13.19
CA TYR A 44 6.55 3.51 -14.28
C TYR A 44 7.07 4.64 -15.13
N THR A 45 7.46 4.33 -16.36
CA THR A 45 7.98 5.36 -17.25
C THR A 45 6.91 5.83 -18.22
N HIS A 46 6.74 7.14 -18.34
CA HIS A 46 5.75 7.69 -19.26
C HIS A 46 6.13 7.43 -20.70
N ASN A 47 7.32 6.90 -20.90
CA ASN A 47 7.77 6.54 -22.23
C ASN A 47 6.96 5.28 -22.54
N ASP A 48 5.87 5.43 -23.26
CA ASP A 48 5.03 4.31 -23.60
C ASP A 48 4.40 3.56 -22.43
N ARG A 49 4.44 4.17 -21.25
CA ARG A 49 3.80 3.58 -20.09
C ARG A 49 4.30 2.21 -19.65
N MET A 50 5.58 1.92 -19.88
CA MET A 50 6.14 0.64 -19.47
C MET A 50 6.41 0.70 -17.98
N ILE A 51 6.09 -0.38 -17.27
CA ILE A 51 6.37 -0.44 -15.84
C ILE A 51 7.32 -1.61 -15.73
N PHE A 52 8.53 -1.34 -15.23
CA PHE A 52 9.55 -2.37 -15.08
C PHE A 52 10.16 -2.30 -13.70
N GLY A 53 10.94 -3.32 -13.38
CA GLY A 53 11.57 -3.36 -12.08
C GLY A 53 11.81 -4.79 -11.66
N GLY A 54 12.12 -4.96 -10.37
CA GLY A 54 12.38 -6.29 -9.89
C GLY A 54 11.58 -6.74 -8.69
N VAL A 55 10.96 -7.90 -8.82
CA VAL A 55 10.22 -8.51 -7.73
C VAL A 55 11.10 -9.70 -7.31
N THR A 56 11.76 -9.52 -6.18
CA THR A 56 12.66 -10.51 -5.62
C THR A 56 12.13 -11.02 -4.28
N PRO A 57 11.32 -12.09 -4.33
CA PRO A 57 10.71 -12.70 -3.15
C PRO A 57 11.71 -13.48 -2.28
N THR A 58 11.49 -13.46 -0.98
CA THR A 58 12.38 -14.15 -0.08
C THR A 58 11.64 -15.10 0.84
N THR A 59 11.02 -14.53 1.87
CA THR A 59 10.30 -15.29 2.88
C THR A 59 8.79 -15.22 2.72
N GLU A 60 8.32 -14.68 1.61
CA GLU A 60 6.89 -14.57 1.37
C GLU A 60 6.64 -14.33 -0.12
N GLU A 61 5.79 -15.16 -0.74
CA GLU A 61 5.53 -14.98 -2.15
C GLU A 61 5.04 -13.57 -2.39
N LEU A 62 5.39 -13.01 -3.55
CA LEU A 62 4.99 -11.65 -3.91
C LEU A 62 4.12 -11.59 -5.14
N GLU A 63 3.26 -10.57 -5.18
CA GLU A 63 2.37 -10.33 -6.30
C GLU A 63 2.20 -8.82 -6.49
N ILE A 64 2.38 -8.36 -7.73
CA ILE A 64 2.24 -6.95 -8.03
C ILE A 64 0.75 -6.63 -8.00
N ILE A 65 0.33 -5.89 -6.98
CA ILE A 65 -1.09 -5.54 -6.88
C ILE A 65 -1.28 -4.08 -7.25
N LEU A 66 -1.89 -3.89 -8.42
CA LEU A 66 -2.14 -2.56 -8.97
C LEU A 66 -3.51 -2.55 -9.64
N ASP A 67 -4.29 -1.53 -9.36
CA ASP A 67 -5.62 -1.40 -9.95
C ASP A 67 -6.06 0.06 -10.07
N LYS A 68 -6.34 0.69 -8.94
CA LYS A 68 -6.76 2.09 -8.93
C LYS A 68 -5.67 2.94 -9.54
N GLU A 69 -4.41 2.59 -9.25
CA GLU A 69 -3.27 3.33 -9.77
C GLU A 69 -3.25 3.32 -11.29
N LEU A 70 -3.82 2.27 -11.90
CA LEU A 70 -3.84 2.17 -13.35
C LEU A 70 -5.25 2.18 -13.92
N GLY A 71 -6.20 2.70 -13.14
CA GLY A 71 -7.58 2.76 -13.59
C GLY A 71 -8.13 1.43 -14.09
N VAL A 72 -7.81 0.35 -13.37
CA VAL A 72 -8.28 -0.99 -13.74
C VAL A 72 -8.55 -1.77 -12.46
N ASP A 73 -9.11 -2.97 -12.60
CA ASP A 73 -9.42 -3.82 -11.44
C ASP A 73 -8.22 -4.67 -10.98
N TYR A 74 -7.37 -5.07 -11.92
CA TYR A 74 -6.21 -5.85 -11.57
C TYR A 74 -5.04 -5.59 -12.53
N PHE A 75 -3.83 -5.65 -11.99
CA PHE A 75 -2.59 -5.41 -12.72
C PHE A 75 -2.55 -5.68 -14.21
N LEU A 76 -2.89 -6.89 -14.63
CA LEU A 76 -2.80 -7.21 -16.06
C LEU A 76 -4.10 -7.16 -16.85
N GLU A 77 -5.13 -6.50 -16.33
CA GLU A 77 -6.41 -6.42 -17.02
C GLU A 77 -6.21 -5.95 -18.45
N ARG A 78 -5.31 -4.99 -18.65
CA ARG A 78 -5.05 -4.45 -19.99
C ARG A 78 -3.56 -4.34 -20.30
N ARG A 79 -2.78 -5.28 -19.79
CA ARG A 79 -1.33 -5.30 -19.99
C ARG A 79 -0.77 -6.70 -20.19
N GLU A 80 0.36 -6.78 -20.88
CA GLU A 80 1.05 -8.05 -21.06
C GLU A 80 2.32 -7.86 -20.23
N LEU A 81 2.98 -8.95 -19.85
CA LEU A 81 4.17 -8.86 -19.04
C LEU A 81 5.20 -9.92 -19.33
N GLY A 82 6.46 -9.51 -19.38
CA GLY A 82 7.55 -10.45 -19.62
C GLY A 82 8.34 -10.63 -18.34
N VAL A 83 8.88 -11.82 -18.10
CA VAL A 83 9.66 -12.07 -16.89
C VAL A 83 10.87 -12.94 -17.15
N ILE A 84 11.96 -12.65 -16.45
CA ILE A 84 13.17 -13.45 -16.58
C ILE A 84 13.84 -13.50 -15.22
N ASN A 85 14.05 -14.72 -14.70
CA ASN A 85 14.67 -14.87 -13.39
C ASN A 85 16.19 -14.73 -13.48
N ILE A 86 16.70 -13.70 -12.83
CA ILE A 86 18.13 -13.37 -12.83
C ILE A 86 18.88 -13.98 -11.65
N GLY A 87 18.15 -14.34 -10.59
CA GLY A 87 18.79 -14.89 -9.40
C GLY A 87 18.68 -16.39 -9.16
N GLY A 88 18.39 -16.75 -7.91
CA GLY A 88 18.26 -18.15 -7.53
C GLY A 88 16.96 -18.77 -8.01
N PRO A 89 16.83 -20.11 -7.92
CA PRO A 89 15.63 -20.83 -8.35
C PRO A 89 14.38 -20.39 -7.60
N GLY A 90 13.29 -20.26 -8.34
CA GLY A 90 12.04 -19.84 -7.76
C GLY A 90 10.83 -20.48 -8.42
N PHE A 91 9.67 -19.86 -8.21
CA PHE A 91 8.43 -20.36 -8.77
C PHE A 91 7.58 -19.20 -9.22
N ILE A 92 6.77 -19.45 -10.24
CA ILE A 92 5.84 -18.45 -10.75
C ILE A 92 4.47 -19.12 -10.76
N GLU A 93 3.47 -18.46 -10.18
CA GLU A 93 2.13 -19.02 -10.13
C GLU A 93 1.19 -18.13 -10.92
N ILE A 94 0.88 -18.56 -12.14
CA ILE A 94 -0.02 -17.80 -13.00
C ILE A 94 -1.43 -18.42 -12.95
N ASP A 95 -2.33 -17.75 -12.22
CA ASP A 95 -3.72 -18.19 -12.04
C ASP A 95 -3.85 -19.62 -11.52
N GLY A 96 -3.13 -19.92 -10.44
CA GLY A 96 -3.19 -21.25 -9.87
C GLY A 96 -2.03 -22.12 -10.30
N ALA A 97 -1.77 -22.19 -11.61
CA ALA A 97 -0.68 -23.00 -12.16
C ALA A 97 0.68 -22.53 -11.63
N LYS A 98 1.32 -23.37 -10.81
CA LYS A 98 2.62 -23.05 -10.22
C LYS A 98 3.72 -23.83 -10.93
N GLU A 99 4.66 -23.11 -11.53
CA GLU A 99 5.77 -23.75 -12.23
C GLU A 99 7.09 -23.41 -11.57
N THR A 100 8.16 -23.99 -12.10
CA THR A 100 9.47 -23.73 -11.56
C THR A 100 10.20 -22.75 -12.47
N MET A 101 10.78 -21.71 -11.85
CA MET A 101 11.53 -20.69 -12.56
C MET A 101 12.99 -20.72 -12.12
N LYS A 102 13.82 -21.35 -12.95
CA LYS A 102 15.24 -21.45 -12.67
C LYS A 102 15.89 -20.23 -13.30
N LYS A 103 17.10 -19.88 -12.87
CA LYS A 103 17.78 -18.74 -13.46
C LYS A 103 17.75 -18.85 -14.98
N GLN A 104 17.53 -17.72 -15.64
CA GLN A 104 17.49 -17.66 -17.10
C GLN A 104 16.17 -18.15 -17.66
N ASP A 105 15.28 -18.60 -16.78
CA ASP A 105 13.95 -19.05 -17.23
C ASP A 105 13.14 -17.79 -17.40
N GLY A 106 12.29 -17.76 -18.42
CA GLY A 106 11.49 -16.57 -18.66
C GLY A 106 10.02 -16.91 -18.84
N TYR A 107 9.23 -15.89 -19.14
CA TYR A 107 7.79 -16.12 -19.30
C TYR A 107 7.06 -14.95 -19.94
N TYR A 108 6.16 -15.26 -20.86
CA TYR A 108 5.35 -14.23 -21.49
C TYR A 108 3.94 -14.40 -20.96
N ILE A 109 3.45 -13.44 -20.18
CA ILE A 109 2.11 -13.57 -19.66
C ILE A 109 1.23 -12.52 -20.36
N GLY A 110 0.07 -12.94 -20.82
CA GLY A 110 -0.79 -12.03 -21.54
C GLY A 110 -1.89 -11.33 -20.77
N LYS A 111 -2.56 -10.44 -21.51
CA LYS A 111 -3.66 -9.63 -21.03
C LYS A 111 -4.73 -10.44 -20.32
N GLU A 112 -5.24 -9.88 -19.23
CA GLU A 112 -6.31 -10.48 -18.44
C GLU A 112 -5.99 -11.62 -17.48
N THR A 113 -4.73 -11.97 -17.29
CA THR A 113 -4.45 -13.04 -16.34
C THR A 113 -4.59 -12.37 -14.98
N LYS A 114 -5.43 -12.92 -14.12
CA LYS A 114 -5.69 -12.33 -12.81
C LYS A 114 -4.55 -12.24 -11.80
N HIS A 115 -3.92 -13.36 -11.45
CA HIS A 115 -2.84 -13.31 -10.44
C HIS A 115 -1.52 -13.96 -10.84
N VAL A 116 -0.44 -13.20 -10.80
CA VAL A 116 0.88 -13.75 -11.11
C VAL A 116 1.69 -13.61 -9.82
N ARG A 117 1.93 -14.72 -9.14
CA ARG A 117 2.67 -14.69 -7.90
C ARG A 117 4.08 -15.28 -8.01
N PHE A 118 5.05 -14.54 -7.47
CA PHE A 118 6.45 -14.95 -7.51
C PHE A 118 6.95 -15.44 -6.14
N SER A 119 7.80 -16.44 -6.17
CA SER A 119 8.35 -17.02 -4.94
C SER A 119 9.71 -17.67 -5.18
N SER A 120 10.52 -17.72 -4.12
CA SER A 120 11.85 -18.32 -4.20
C SER A 120 11.85 -19.62 -3.39
N GLU A 121 12.80 -20.50 -3.66
CA GLU A 121 12.86 -21.74 -2.88
C GLU A 121 13.94 -21.64 -1.82
N ASN A 122 14.59 -20.48 -1.73
CA ASN A 122 15.64 -20.26 -0.74
C ASN A 122 15.82 -18.76 -0.49
N PRO A 123 15.35 -18.28 0.67
CA PRO A 123 15.45 -16.85 1.06
C PRO A 123 16.87 -16.31 1.05
N ASP A 124 17.82 -17.22 1.26
CA ASP A 124 19.24 -16.87 1.30
C ASP A 124 19.77 -16.51 -0.08
N ASN A 125 19.25 -17.21 -1.09
CA ASN A 125 19.61 -16.97 -2.49
C ASN A 125 18.31 -16.80 -3.25
N PRO A 126 17.60 -15.68 -2.99
CA PRO A 126 16.32 -15.37 -3.63
C PRO A 126 16.36 -15.30 -5.14
N ALA A 127 15.20 -15.54 -5.73
CA ALA A 127 15.06 -15.47 -7.17
C ALA A 127 14.83 -13.99 -7.45
N LYS A 128 15.54 -13.48 -8.44
CA LYS A 128 15.38 -12.07 -8.80
C LYS A 128 14.60 -12.03 -10.09
N PHE A 129 13.30 -11.77 -9.98
CA PHE A 129 12.43 -11.70 -11.14
C PHE A 129 12.40 -10.28 -11.71
N TYR A 130 12.92 -10.14 -12.94
CA TYR A 130 12.94 -8.85 -13.61
C TYR A 130 11.71 -8.84 -14.51
N ILE A 131 10.80 -7.91 -14.27
CA ILE A 131 9.59 -7.84 -15.06
C ILE A 131 9.51 -6.56 -15.88
N SER A 132 8.95 -6.69 -17.08
CA SER A 132 8.75 -5.57 -18.00
C SER A 132 7.30 -5.65 -18.42
N CYS A 133 6.49 -4.76 -17.88
CA CYS A 133 5.06 -4.76 -18.17
C CYS A 133 4.67 -3.61 -19.09
N VAL A 134 3.80 -3.90 -20.05
CA VAL A 134 3.37 -2.92 -21.04
C VAL A 134 1.89 -3.08 -21.42
N PRO A 135 1.22 -1.96 -21.79
CA PRO A 135 -0.20 -2.02 -22.17
C PRO A 135 -0.44 -2.94 -23.35
N ALA A 136 -1.49 -3.75 -23.26
CA ALA A 136 -1.85 -4.69 -24.32
C ALA A 136 -3.35 -4.66 -24.61
N HIS A 137 -3.71 -4.59 -25.89
CA HIS A 137 -5.12 -4.56 -26.27
C HIS A 137 -5.67 -5.92 -26.65
N HIS A 138 -4.77 -6.85 -26.99
CA HIS A 138 -5.19 -8.18 -27.39
C HIS A 138 -4.60 -9.23 -26.46
N LYS A 139 -5.28 -10.35 -26.31
CA LYS A 139 -4.78 -11.40 -25.43
C LYS A 139 -4.15 -12.57 -26.16
N TYR A 140 -2.86 -12.78 -25.91
CA TYR A 140 -2.13 -13.91 -26.50
C TYR A 140 -1.88 -14.92 -25.38
N PRO A 141 -1.63 -16.17 -25.74
CA PRO A 141 -1.38 -17.20 -24.73
C PRO A 141 -0.11 -17.01 -23.92
N ASN A 142 -0.15 -17.44 -22.66
CA ASN A 142 1.02 -17.37 -21.79
C ASN A 142 1.97 -18.46 -22.30
N VAL A 143 3.26 -18.17 -22.36
CA VAL A 143 4.21 -19.17 -22.83
C VAL A 143 5.50 -19.12 -22.04
N LYS A 144 5.89 -20.26 -21.47
CA LYS A 144 7.12 -20.33 -20.70
C LYS A 144 8.32 -20.37 -21.64
N ILE A 145 9.39 -19.71 -21.23
CA ILE A 145 10.59 -19.67 -22.04
C ILE A 145 11.78 -20.21 -21.24
N SER A 146 12.51 -21.15 -21.84
CA SER A 146 13.70 -21.74 -21.22
C SER A 146 14.90 -21.50 -22.12
N ILE A 147 15.99 -20.99 -21.53
CA ILE A 147 17.22 -20.70 -22.29
C ILE A 147 17.42 -21.70 -23.44
N ASP A 148 17.22 -22.98 -23.10
CA ASP A 148 17.37 -24.09 -24.05
C ASP A 148 16.71 -23.80 -25.39
N GLU A 149 15.38 -23.79 -25.40
CA GLU A 149 14.60 -23.55 -26.60
C GLU A 149 15.03 -22.29 -27.39
N ILE A 150 15.98 -21.52 -26.85
CA ILE A 150 16.43 -20.32 -27.55
C ILE A 150 17.80 -20.51 -28.24
N THR A 151 17.86 -20.09 -29.51
CA THR A 151 19.09 -20.15 -30.28
C THR A 151 19.75 -18.77 -30.15
N PRO A 152 20.75 -18.64 -29.27
CA PRO A 152 21.44 -17.35 -29.08
C PRO A 152 22.16 -16.86 -30.35
N MET A 153 21.62 -15.80 -30.96
CA MET A 153 22.19 -15.22 -32.17
C MET A 153 23.40 -14.36 -31.85
N GLU A 154 24.56 -15.01 -31.74
CA GLU A 154 25.79 -14.29 -31.41
C GLU A 154 26.39 -13.51 -32.57
N THR A 155 27.06 -12.42 -32.22
CA THR A 155 27.71 -11.54 -33.20
C THR A 155 28.85 -10.82 -32.47
N GLY A 156 29.42 -9.81 -33.12
CA GLY A 156 30.51 -9.06 -32.51
C GLY A 156 31.81 -9.84 -32.56
N ASP A 157 32.92 -9.16 -32.23
CA ASP A 157 34.23 -9.80 -32.27
C ASP A 157 35.14 -9.27 -31.15
N PRO A 158 35.86 -10.18 -30.47
CA PRO A 158 36.77 -9.78 -29.39
C PRO A 158 37.78 -8.72 -29.80
N LEU A 159 37.93 -8.52 -31.11
CA LEU A 159 38.85 -7.53 -31.64
C LEU A 159 38.21 -6.17 -31.49
N THR A 160 36.88 -6.17 -31.38
CA THR A 160 36.12 -4.94 -31.21
C THR A 160 35.37 -4.97 -29.87
N LEU A 161 35.91 -5.79 -28.97
CA LEU A 161 35.38 -5.95 -27.62
C LEU A 161 33.88 -6.02 -27.51
N ASN A 162 33.25 -6.71 -28.46
CA ASN A 162 31.80 -6.84 -28.46
C ASN A 162 31.35 -8.28 -28.73
N GLN A 163 32.21 -9.22 -28.37
CA GLN A 163 31.93 -10.65 -28.51
C GLN A 163 30.77 -10.98 -27.55
N ARG A 164 29.54 -11.07 -28.07
CA ARG A 164 28.40 -11.34 -27.20
C ARG A 164 27.36 -12.30 -27.76
N LYS A 165 26.56 -12.88 -26.86
CA LYS A 165 25.47 -13.80 -27.23
C LYS A 165 24.12 -13.19 -26.85
N ILE A 166 23.25 -12.95 -27.84
CA ILE A 166 21.94 -12.36 -27.56
C ILE A 166 20.87 -13.45 -27.52
N TYR A 167 19.97 -13.37 -26.54
CA TYR A 167 18.89 -14.36 -26.39
C TYR A 167 17.51 -13.73 -26.51
N GLN A 168 16.77 -14.09 -27.56
CA GLN A 168 15.43 -13.56 -27.79
C GLN A 168 14.42 -14.27 -26.87
N TYR A 169 13.87 -13.56 -25.88
CA TYR A 169 12.88 -14.17 -24.99
C TYR A 169 11.48 -13.85 -25.49
N ILE A 170 11.08 -12.58 -25.37
CA ILE A 170 9.77 -12.19 -25.88
C ILE A 170 10.06 -11.65 -27.27
N HIS A 171 9.93 -12.54 -28.26
CA HIS A 171 10.20 -12.21 -29.65
C HIS A 171 9.32 -13.11 -30.52
N PRO A 172 8.99 -12.69 -31.74
CA PRO A 172 8.15 -13.51 -32.62
C PRO A 172 8.60 -14.97 -32.77
N ASN A 173 9.91 -15.21 -32.73
CA ASN A 173 10.43 -16.57 -32.88
C ASN A 173 10.08 -17.51 -31.73
N VAL A 174 9.63 -16.96 -30.60
CA VAL A 174 9.29 -17.82 -29.48
C VAL A 174 7.87 -17.58 -28.96
N CYS A 175 7.29 -16.43 -29.26
CA CYS A 175 5.91 -16.19 -28.81
C CYS A 175 5.31 -14.90 -29.35
N GLU A 176 3.99 -14.80 -29.27
CA GLU A 176 3.29 -13.60 -29.73
C GLU A 176 3.14 -12.59 -28.61
N SER A 177 2.94 -11.33 -28.97
CA SER A 177 2.74 -10.27 -28.00
C SER A 177 2.27 -9.02 -28.73
N CYS A 178 1.59 -8.13 -28.01
CA CYS A 178 1.08 -6.91 -28.61
C CYS A 178 2.20 -5.95 -29.01
N GLN A 179 3.12 -5.70 -28.08
CA GLN A 179 4.23 -4.80 -28.39
C GLN A 179 5.50 -5.07 -27.59
N LEU A 180 5.39 -5.77 -26.46
CA LEU A 180 6.55 -6.05 -25.65
C LEU A 180 7.60 -6.86 -26.41
N GLN A 181 8.86 -6.59 -26.10
CA GLN A 181 10.00 -7.28 -26.71
C GLN A 181 11.10 -7.37 -25.65
N MET A 182 11.55 -8.57 -25.33
CA MET A 182 12.61 -8.72 -24.33
C MET A 182 13.77 -9.56 -24.82
N GLY A 183 14.93 -9.31 -24.24
CA GLY A 183 16.12 -10.04 -24.61
C GLY A 183 17.11 -10.13 -23.47
N TYR A 184 17.96 -11.14 -23.53
CA TYR A 184 19.00 -11.40 -22.53
C TYR A 184 20.30 -11.43 -23.32
N THR A 185 21.25 -10.57 -22.96
CA THR A 185 22.54 -10.52 -23.65
C THR A 185 23.68 -10.68 -22.67
N ILE A 186 24.60 -11.58 -22.98
CA ILE A 186 25.77 -11.78 -22.11
C ILE A 186 27.05 -11.48 -22.87
N LEU A 187 27.80 -10.51 -22.35
CA LEU A 187 29.07 -10.11 -22.94
C LEU A 187 30.14 -11.13 -22.55
N GLU A 188 30.70 -11.77 -23.57
CA GLU A 188 31.74 -12.76 -23.35
C GLU A 188 33.01 -12.06 -22.82
N PRO A 189 33.74 -12.71 -21.89
CA PRO A 189 34.96 -12.14 -21.31
C PRO A 189 35.90 -11.50 -22.33
N GLY A 190 36.36 -10.30 -22.03
CA GLY A 190 37.26 -9.61 -22.95
C GLY A 190 36.51 -8.73 -23.92
N SER A 191 35.23 -8.49 -23.63
CA SER A 191 34.38 -7.64 -24.45
C SER A 191 33.52 -6.81 -23.51
N ALA A 192 33.02 -5.67 -23.96
CA ALA A 192 32.22 -4.82 -23.07
C ALA A 192 31.32 -3.79 -23.75
N TRP A 193 31.00 -3.98 -25.01
CA TRP A 193 30.16 -3.02 -25.74
C TRP A 193 28.75 -3.48 -26.16
N ASN A 194 27.90 -2.51 -26.53
CA ASN A 194 26.52 -2.75 -27.00
C ASN A 194 26.28 -2.23 -28.43
N THR A 195 27.33 -2.18 -29.23
CA THR A 195 27.20 -1.70 -30.61
C THR A 195 28.47 -1.97 -31.42
N ARG A 204 10.17 4.04 -30.81
CA ARG A 204 10.27 2.86 -29.96
C ARG A 204 11.32 3.01 -28.86
N MET A 205 10.86 3.01 -27.60
CA MET A 205 11.74 3.16 -26.44
C MET A 205 12.22 1.83 -25.80
N GLU A 206 13.30 1.88 -25.03
CA GLU A 206 13.88 0.71 -24.37
C GLU A 206 14.24 0.97 -22.91
N ALA A 207 14.39 -0.12 -22.15
CA ALA A 207 14.77 -0.03 -20.74
C ALA A 207 15.81 -1.12 -20.51
N TYR A 208 16.96 -0.73 -19.97
CA TYR A 208 18.04 -1.68 -19.71
C TYR A 208 18.28 -1.93 -18.23
N VAL A 209 18.69 -3.16 -17.94
CA VAL A 209 19.02 -3.56 -16.58
C VAL A 209 20.31 -4.37 -16.70
N TYR A 210 21.37 -3.91 -16.04
CA TYR A 210 22.65 -4.61 -16.09
C TYR A 210 22.80 -5.41 -14.81
N PHE A 211 23.38 -6.61 -14.94
CA PHE A 211 23.58 -7.47 -13.80
C PHE A 211 24.68 -8.49 -14.08
N ASP A 212 24.93 -9.39 -13.13
CA ASP A 212 25.96 -10.40 -13.26
C ASP A 212 27.31 -9.80 -13.60
N MET A 213 27.76 -8.87 -12.77
CA MET A 213 29.04 -8.22 -12.98
C MET A 213 29.78 -8.09 -11.66
N GLU A 214 31.11 -8.16 -11.72
CA GLU A 214 31.93 -8.03 -10.54
C GLU A 214 31.54 -6.76 -9.78
N GLU A 215 31.74 -6.76 -8.47
CA GLU A 215 31.36 -5.62 -7.66
C GLU A 215 31.98 -4.32 -8.10
N ASP A 216 33.20 -4.38 -8.64
CA ASP A 216 33.86 -3.14 -9.04
C ASP A 216 33.74 -2.73 -10.47
N THR A 217 33.22 -3.60 -11.33
CA THR A 217 33.09 -3.21 -12.72
C THR A 217 31.89 -2.29 -12.75
N ARG A 218 31.90 -1.35 -13.67
CA ARG A 218 30.79 -0.41 -13.81
C ARG A 218 30.60 -0.18 -15.31
N ILE A 219 29.39 0.12 -15.74
CA ILE A 219 29.18 0.36 -17.15
C ILE A 219 28.85 1.84 -17.41
N PHE A 220 29.34 2.36 -18.53
CA PHE A 220 29.09 3.74 -18.93
C PHE A 220 28.01 3.71 -19.99
N HIS A 221 26.75 3.78 -19.54
CA HIS A 221 25.61 3.73 -20.44
C HIS A 221 25.42 5.02 -21.19
N MET A 222 25.64 4.97 -22.50
CA MET A 222 25.52 6.13 -23.36
C MET A 222 24.06 6.42 -23.63
N MET A 223 23.70 7.70 -23.74
CA MET A 223 22.32 8.08 -24.02
C MET A 223 22.21 9.47 -24.63
N GLY A 224 20.99 9.81 -25.05
CA GLY A 224 20.73 11.11 -25.65
C GLY A 224 20.72 11.06 -27.17
N LYS A 225 20.34 12.17 -27.78
CA LYS A 225 20.31 12.26 -29.24
C LYS A 225 21.74 11.93 -29.67
N PRO A 226 21.92 11.19 -30.78
CA PRO A 226 23.29 10.86 -31.20
C PRO A 226 24.30 12.01 -31.29
N ASP A 227 23.84 13.24 -31.46
CA ASP A 227 24.73 14.40 -31.54
C ASP A 227 24.98 15.02 -30.18
N GLU A 228 24.17 14.67 -29.20
CA GLU A 228 24.31 15.21 -27.85
C GLU A 228 24.30 14.07 -26.84
N THR A 229 25.23 13.14 -26.99
CA THR A 229 25.27 12.00 -26.07
C THR A 229 25.85 12.39 -24.72
N LYS A 230 25.37 11.69 -23.71
CA LYS A 230 25.80 11.86 -22.33
C LYS A 230 25.80 10.45 -21.80
N HIS A 231 26.28 10.25 -20.58
CA HIS A 231 26.28 8.89 -20.05
C HIS A 231 25.87 8.81 -18.59
N LEU A 232 25.50 7.61 -18.19
CA LEU A 232 25.10 7.32 -16.84
C LEU A 232 26.11 6.27 -16.38
N VAL A 233 26.71 6.47 -15.22
CA VAL A 233 27.68 5.51 -14.69
C VAL A 233 26.86 4.54 -13.84
N MET A 234 26.85 3.27 -14.24
CA MET A 234 26.05 2.26 -13.54
C MET A 234 26.78 1.13 -12.82
N SER A 235 26.18 0.70 -11.70
CA SER A 235 26.70 -0.39 -10.87
C SER A 235 25.91 -1.64 -11.21
N ASN A 236 26.26 -2.76 -10.57
CA ASN A 236 25.58 -4.02 -10.80
C ASN A 236 24.11 -3.95 -10.37
N GLU A 237 23.25 -4.55 -11.18
CA GLU A 237 21.83 -4.59 -10.91
C GLU A 237 21.12 -3.24 -10.88
N GLN A 238 21.54 -2.34 -11.77
CA GLN A 238 20.92 -1.02 -11.90
C GLN A 238 20.31 -0.94 -13.31
N ALA A 239 19.27 -0.13 -13.46
CA ALA A 239 18.60 0.00 -14.75
C ALA A 239 18.59 1.41 -15.31
N ALA A 240 18.51 1.50 -16.63
CA ALA A 240 18.49 2.77 -17.33
C ALA A 240 17.29 2.87 -18.26
N ILE A 241 16.60 4.01 -18.25
CA ILE A 241 15.46 4.23 -19.14
C ILE A 241 15.95 4.93 -20.39
N SER A 242 15.66 4.39 -21.56
CA SER A 242 16.13 5.03 -22.77
C SER A 242 14.98 5.41 -23.68
N PRO A 243 14.64 6.72 -23.71
CA PRO A 243 13.54 7.23 -24.54
C PRO A 243 13.77 7.06 -26.03
N SER A 244 12.68 7.08 -26.78
CA SER A 244 12.68 6.92 -28.24
C SER A 244 13.81 7.65 -28.94
N TRP A 245 13.93 8.94 -28.65
CA TRP A 245 14.95 9.78 -29.27
C TRP A 245 16.38 9.58 -28.77
N SER A 246 16.61 8.55 -27.96
CA SER A 246 17.95 8.32 -27.42
C SER A 246 18.73 7.09 -27.88
N ILE A 247 20.04 7.17 -27.71
CA ILE A 247 20.99 6.11 -28.03
C ILE A 247 20.80 4.98 -27.00
N HIS A 248 21.19 3.76 -27.36
CA HIS A 248 21.01 2.62 -26.46
C HIS A 248 22.28 1.86 -26.04
N SER A 249 23.44 2.25 -26.55
CA SER A 249 24.69 1.53 -26.23
C SER A 249 25.37 1.84 -24.90
N GLY A 250 26.31 0.98 -24.53
CA GLY A 250 27.04 1.15 -23.29
C GLY A 250 28.34 0.36 -23.25
N VAL A 251 29.33 0.88 -22.52
CA VAL A 251 30.61 0.21 -22.41
C VAL A 251 30.83 -0.17 -20.97
N GLY A 252 31.30 -1.40 -20.77
CA GLY A 252 31.57 -1.84 -19.42
C GLY A 252 33.05 -1.79 -19.15
N THR A 253 33.39 -1.72 -17.87
CA THR A 253 34.76 -1.71 -17.42
C THR A 253 35.26 -3.14 -17.56
N SER A 254 34.30 -4.08 -17.54
CA SER A 254 34.57 -5.50 -17.66
C SER A 254 33.36 -6.22 -18.26
N ASN A 255 33.23 -7.52 -17.97
CA ASN A 255 32.13 -8.34 -18.48
C ASN A 255 30.83 -8.03 -17.73
N TYR A 256 29.71 -8.33 -18.36
CA TYR A 256 28.41 -8.08 -17.75
C TYR A 256 27.35 -8.67 -18.66
N SER A 257 26.13 -8.78 -18.12
CA SER A 257 24.97 -9.27 -18.85
C SER A 257 23.94 -8.18 -18.69
N PHE A 258 22.87 -8.25 -19.48
CA PHE A 258 21.81 -7.25 -19.37
C PHE A 258 20.54 -7.71 -20.07
N ILE A 259 19.41 -7.29 -19.51
CA ILE A 259 18.10 -7.61 -20.06
C ILE A 259 17.57 -6.31 -20.67
N TRP A 260 17.22 -6.36 -21.94
CA TRP A 260 16.64 -5.18 -22.58
C TRP A 260 15.16 -5.45 -22.87
N ALA A 261 14.30 -4.48 -22.54
CA ALA A 261 12.86 -4.62 -22.79
C ALA A 261 12.43 -3.39 -23.56
N MET A 262 11.62 -3.60 -24.60
CA MET A 262 11.14 -2.48 -25.41
C MET A 262 9.72 -2.66 -25.90
N CYS A 263 9.14 -1.57 -26.39
CA CYS A 263 7.78 -1.56 -26.94
C CYS A 263 7.59 -0.24 -27.68
N GLY A 264 6.67 -0.21 -28.66
CA GLY A 264 6.43 0.99 -29.44
C GLY A 264 5.45 0.71 -30.55
N GLU A 265 5.93 0.60 -31.79
CA GLU A 265 5.04 0.32 -32.94
C GLU A 265 5.58 -0.82 -33.82
N LEU B 3 -21.15 -32.34 -29.87
CA LEU B 3 -22.08 -33.35 -29.27
C LEU B 3 -22.41 -33.03 -27.83
N GLN B 4 -23.15 -33.94 -27.21
CA GLN B 4 -23.59 -33.81 -25.83
C GLN B 4 -23.69 -35.25 -25.37
N ASN B 5 -22.98 -35.63 -24.31
CA ASN B 5 -23.03 -37.03 -23.93
C ASN B 5 -22.93 -37.29 -22.43
N MET B 6 -23.82 -38.12 -21.90
CA MET B 6 -23.82 -38.43 -20.46
C MET B 6 -23.89 -39.93 -20.15
N GLU B 7 -22.76 -40.50 -19.69
CA GLU B 7 -22.71 -41.92 -19.34
C GLU B 7 -23.13 -42.14 -17.90
N THR B 8 -24.12 -42.98 -17.68
CA THR B 8 -24.54 -43.23 -16.30
C THR B 8 -23.72 -44.40 -15.74
N ARG B 9 -23.49 -44.39 -14.43
CA ARG B 9 -22.72 -45.45 -13.78
C ARG B 9 -23.35 -45.89 -12.49
N TYR B 10 -23.65 -47.18 -12.41
CA TYR B 10 -24.25 -47.73 -11.21
C TYR B 10 -23.21 -47.79 -10.12
N THR B 11 -23.69 -47.81 -8.89
CA THR B 11 -22.80 -47.89 -7.75
C THR B 11 -22.74 -49.34 -7.33
N HIS B 12 -21.76 -49.67 -6.50
CA HIS B 12 -21.60 -51.04 -6.05
C HIS B 12 -21.41 -51.05 -4.55
N SER B 13 -21.11 -52.21 -4.00
CA SER B 13 -20.87 -52.35 -2.58
C SER B 13 -19.42 -52.80 -2.42
N PRO B 14 -18.82 -52.52 -1.26
CA PRO B 14 -17.44 -52.93 -1.05
C PRO B 14 -17.22 -54.41 -1.36
N ALA B 15 -18.29 -55.20 -1.30
CA ALA B 15 -18.16 -56.62 -1.59
C ALA B 15 -18.19 -56.87 -3.09
N ASP B 16 -19.05 -56.17 -3.81
CA ASP B 16 -19.14 -56.36 -5.24
C ASP B 16 -17.75 -56.16 -5.87
N ILE B 17 -17.06 -55.15 -5.37
CA ILE B 17 -15.75 -54.73 -5.85
C ILE B 17 -14.56 -55.52 -5.28
N ARG B 18 -14.81 -56.30 -4.24
CA ARG B 18 -13.74 -57.06 -3.60
C ARG B 18 -12.72 -57.76 -4.50
N HIS B 19 -13.15 -58.38 -5.59
CA HIS B 19 -12.19 -59.07 -6.46
C HIS B 19 -12.10 -58.45 -7.84
N TYR B 20 -12.55 -57.21 -7.95
CA TYR B 20 -12.54 -56.44 -9.19
C TYR B 20 -11.12 -56.41 -9.76
N SER B 21 -11.00 -56.43 -11.07
CA SER B 21 -9.67 -56.36 -11.68
C SER B 21 -9.35 -54.89 -11.88
N THR B 22 -8.09 -54.57 -12.15
CA THR B 22 -7.69 -53.19 -12.39
C THR B 22 -8.59 -52.59 -13.47
N GLU B 23 -8.93 -53.41 -14.46
CA GLU B 23 -9.78 -52.97 -15.53
C GLU B 23 -11.13 -52.60 -14.95
N GLN B 24 -11.79 -53.57 -14.35
CA GLN B 24 -13.11 -53.35 -13.76
C GLN B 24 -13.13 -52.07 -12.93
N LEU B 25 -12.19 -51.92 -12.02
CA LEU B 25 -12.10 -50.72 -11.19
C LEU B 25 -12.17 -49.47 -12.06
N ARG B 26 -11.31 -49.41 -13.07
CA ARG B 26 -11.29 -48.27 -13.96
C ARG B 26 -12.65 -48.08 -14.64
N ASP B 27 -13.23 -49.18 -15.10
CA ASP B 27 -14.51 -49.12 -15.79
C ASP B 27 -15.62 -48.53 -14.94
N GLU B 28 -15.62 -48.84 -13.66
CA GLU B 28 -16.66 -48.33 -12.78
C GLU B 28 -16.39 -47.00 -12.10
N PHE B 29 -15.16 -46.77 -11.64
CA PHE B 29 -14.88 -45.54 -10.93
C PHE B 29 -14.03 -44.47 -11.59
N LEU B 30 -13.49 -44.74 -12.77
CA LEU B 30 -12.65 -43.75 -13.43
C LEU B 30 -13.28 -43.15 -14.68
N VAL B 31 -13.25 -41.83 -14.77
CA VAL B 31 -13.77 -41.15 -15.95
C VAL B 31 -12.51 -40.66 -16.67
N GLU B 32 -12.16 -41.31 -17.79
CA GLU B 32 -10.95 -40.98 -18.55
C GLU B 32 -10.97 -39.68 -19.32
N LYS B 33 -12.12 -39.31 -19.89
CA LYS B 33 -12.21 -38.05 -20.60
C LYS B 33 -13.26 -37.14 -19.94
N VAL B 34 -12.80 -36.01 -19.43
CA VAL B 34 -13.71 -35.07 -18.78
C VAL B 34 -13.91 -33.83 -19.63
N PHE B 35 -12.83 -33.34 -20.23
CA PHE B 35 -12.93 -32.15 -21.06
C PHE B 35 -12.58 -32.45 -22.50
N ILE B 36 -13.58 -32.85 -23.26
CA ILE B 36 -13.36 -33.12 -24.68
C ILE B 36 -13.91 -31.89 -25.41
N PRO B 37 -13.01 -31.04 -25.94
CA PRO B 37 -13.26 -29.79 -26.67
C PRO B 37 -14.35 -29.81 -27.72
N GLY B 38 -15.25 -28.84 -27.63
CA GLY B 38 -16.35 -28.74 -28.57
C GLY B 38 -17.61 -29.46 -28.15
N ALA B 39 -17.52 -30.21 -27.05
CA ALA B 39 -18.66 -30.96 -26.56
C ALA B 39 -18.75 -30.99 -25.03
N ILE B 40 -19.89 -31.42 -24.52
CA ILE B 40 -20.06 -31.53 -23.08
C ILE B 40 -19.96 -33.02 -22.77
N SER B 41 -19.07 -33.37 -21.86
CA SER B 41 -18.86 -34.76 -21.49
C SER B 41 -19.33 -34.91 -20.05
N LEU B 42 -20.43 -35.63 -19.87
CA LEU B 42 -20.98 -35.81 -18.53
C LEU B 42 -21.14 -37.26 -18.12
N THR B 43 -21.16 -37.47 -16.82
CA THR B 43 -21.32 -38.81 -16.29
C THR B 43 -22.31 -38.72 -15.10
N TYR B 44 -23.34 -39.56 -15.15
CA TYR B 44 -24.39 -39.61 -14.15
C TYR B 44 -24.10 -40.76 -13.20
N THR B 45 -23.81 -40.45 -11.94
CA THR B 45 -23.51 -41.49 -10.97
C THR B 45 -24.72 -41.74 -10.08
N HIS B 46 -25.10 -43.01 -9.92
CA HIS B 46 -26.25 -43.36 -9.08
C HIS B 46 -25.96 -43.08 -7.61
N ASN B 47 -24.71 -42.73 -7.33
CA ASN B 47 -24.33 -42.36 -5.99
C ASN B 47 -24.96 -40.97 -5.83
N ASP B 48 -26.11 -40.93 -5.19
CA ASP B 48 -26.80 -39.67 -4.96
C ASP B 48 -27.22 -38.91 -6.22
N ARG B 49 -27.18 -39.58 -7.36
CA ARG B 49 -27.62 -38.96 -8.61
C ARG B 49 -26.87 -37.69 -9.05
N MET B 50 -25.59 -37.60 -8.71
CA MET B 50 -24.81 -36.45 -9.14
C MET B 50 -24.41 -36.62 -10.60
N ILE B 51 -24.52 -35.55 -11.38
CA ILE B 51 -24.12 -35.61 -12.78
C ILE B 51 -22.99 -34.59 -12.86
N PHE B 52 -21.80 -35.08 -13.22
CA PHE B 52 -20.62 -34.21 -13.32
C PHE B 52 -19.91 -34.45 -14.63
N GLY B 53 -18.96 -33.58 -14.93
CA GLY B 53 -18.23 -33.70 -16.15
C GLY B 53 -17.77 -32.35 -16.64
N GLY B 54 -17.31 -32.31 -17.88
CA GLY B 54 -16.81 -31.06 -18.42
C GLY B 54 -17.44 -30.58 -19.71
N VAL B 55 -17.87 -29.33 -19.69
CA VAL B 55 -18.42 -28.69 -20.87
C VAL B 55 -17.33 -27.69 -21.24
N THR B 56 -16.61 -28.02 -22.30
CA THR B 56 -15.51 -27.21 -22.82
C THR B 56 -15.87 -26.68 -24.22
N PRO B 57 -16.51 -25.50 -24.29
CA PRO B 57 -16.93 -24.88 -25.55
C PRO B 57 -15.76 -24.32 -26.36
N THR B 58 -15.87 -24.39 -27.68
CA THR B 58 -14.80 -23.88 -28.51
C THR B 58 -15.32 -22.89 -29.54
N THR B 59 -15.92 -23.45 -30.57
CA THR B 59 -16.43 -22.68 -31.68
C THR B 59 -17.95 -22.48 -31.68
N GLU B 60 -18.59 -22.87 -30.58
CA GLU B 60 -20.04 -22.74 -30.48
C GLU B 60 -20.45 -22.85 -29.03
N GLU B 61 -21.21 -21.88 -28.53
CA GLU B 61 -21.61 -21.93 -27.13
C GLU B 61 -22.33 -23.23 -26.86
N LEU B 62 -22.15 -23.76 -25.65
CA LEU B 62 -22.78 -25.03 -25.26
C LEU B 62 -23.77 -24.88 -24.10
N GLU B 63 -24.75 -25.76 -24.09
CA GLU B 63 -25.75 -25.80 -23.05
C GLU B 63 -26.17 -27.25 -22.81
N ILE B 64 -26.19 -27.65 -21.54
CA ILE B 64 -26.57 -29.00 -21.19
C ILE B 64 -28.08 -29.11 -21.36
N ILE B 65 -28.53 -29.81 -22.39
CA ILE B 65 -29.97 -29.97 -22.61
C ILE B 65 -30.40 -31.37 -22.18
N LEU B 66 -31.12 -31.41 -21.06
CA LEU B 66 -31.60 -32.65 -20.49
C LEU B 66 -33.01 -32.42 -19.94
N ASP B 67 -33.93 -33.32 -20.25
CA ASP B 67 -35.30 -33.21 -19.76
C ASP B 67 -35.95 -34.59 -19.62
N LYS B 68 -36.25 -35.22 -20.75
CA LYS B 68 -36.86 -36.54 -20.73
C LYS B 68 -35.96 -37.52 -19.97
N GLU B 69 -34.66 -37.40 -20.19
CA GLU B 69 -33.69 -38.26 -19.53
C GLU B 69 -33.82 -38.17 -18.01
N LEU B 70 -34.23 -37.02 -17.50
CA LEU B 70 -34.36 -36.83 -16.07
C LEU B 70 -35.81 -36.59 -15.63
N GLY B 71 -36.76 -37.00 -16.46
CA GLY B 71 -38.16 -36.81 -16.13
C GLY B 71 -38.53 -35.39 -15.74
N VAL B 72 -38.01 -34.42 -16.47
CA VAL B 72 -38.28 -33.01 -16.23
C VAL B 72 -38.33 -32.27 -17.56
N ASP B 73 -38.70 -30.99 -17.52
CA ASP B 73 -38.79 -30.18 -18.73
C ASP B 73 -37.46 -29.55 -19.12
N TYR B 74 -36.64 -29.21 -18.12
CA TYR B 74 -35.33 -28.64 -18.37
C TYR B 74 -34.30 -29.01 -17.30
N PHE B 75 -33.05 -29.18 -17.74
CA PHE B 75 -31.92 -29.56 -16.90
C PHE B 75 -31.96 -29.23 -15.42
N LEU B 76 -32.17 -27.97 -15.08
CA LEU B 76 -32.14 -27.58 -13.69
C LEU B 76 -33.48 -27.36 -13.03
N GLU B 77 -34.55 -27.90 -13.60
CA GLU B 77 -35.88 -27.74 -13.02
C GLU B 77 -35.88 -28.17 -11.55
N ARG B 78 -35.15 -29.24 -11.23
CA ARG B 78 -35.10 -29.72 -9.86
C ARG B 78 -33.69 -30.02 -9.40
N ARG B 79 -32.73 -29.24 -9.90
CA ARG B 79 -31.32 -29.44 -9.55
C ARG B 79 -30.56 -28.12 -9.36
N GLU B 80 -29.48 -28.19 -8.59
CA GLU B 80 -28.61 -27.04 -8.41
C GLU B 80 -27.32 -27.46 -9.09
N LEU B 81 -26.49 -26.49 -9.45
CA LEU B 81 -25.26 -26.80 -10.16
C LEU B 81 -24.09 -25.88 -9.81
N GLY B 82 -22.91 -26.45 -9.64
CA GLY B 82 -21.74 -25.65 -9.34
C GLY B 82 -20.82 -25.69 -10.55
N VAL B 83 -20.09 -24.60 -10.79
CA VAL B 83 -19.18 -24.55 -11.93
C VAL B 83 -17.88 -23.85 -11.61
N ILE B 84 -16.79 -24.33 -12.20
CA ILE B 84 -15.50 -23.71 -11.99
C ILE B 84 -14.73 -23.85 -13.31
N ASN B 85 -14.26 -22.71 -13.84
CA ASN B 85 -13.53 -22.74 -15.10
C ASN B 85 -12.07 -23.10 -14.85
N ILE B 86 -11.67 -24.24 -15.41
CA ILE B 86 -10.32 -24.77 -15.27
C ILE B 86 -9.39 -24.36 -16.41
N GLY B 87 -9.96 -23.96 -17.55
CA GLY B 87 -9.15 -23.57 -18.69
C GLY B 87 -9.02 -22.09 -19.02
N GLY B 88 -9.15 -21.77 -20.31
CA GLY B 88 -9.04 -20.39 -20.76
C GLY B 88 -10.25 -19.54 -20.43
N PRO B 89 -10.15 -18.22 -20.60
CA PRO B 89 -11.25 -17.30 -20.30
C PRO B 89 -12.49 -17.58 -21.12
N GLY B 90 -13.65 -17.47 -20.49
CA GLY B 90 -14.90 -17.72 -21.18
C GLY B 90 -16.06 -16.89 -20.67
N PHE B 91 -17.27 -17.36 -20.95
CA PHE B 91 -18.47 -16.66 -20.53
C PHE B 91 -19.52 -17.66 -20.11
N ILE B 92 -20.37 -17.23 -19.17
CA ILE B 92 -21.47 -18.04 -18.70
C ILE B 92 -22.71 -17.18 -18.85
N GLU B 93 -23.74 -17.71 -19.48
CA GLU B 93 -24.98 -16.96 -19.67
C GLU B 93 -26.11 -17.67 -18.92
N ILE B 94 -26.47 -17.13 -17.76
CA ILE B 94 -27.53 -17.72 -16.96
C ILE B 94 -28.80 -16.89 -17.17
N ASP B 95 -29.74 -17.47 -17.92
CA ASP B 95 -31.02 -16.85 -18.27
C ASP B 95 -30.90 -15.46 -18.86
N GLY B 96 -30.04 -15.32 -19.88
CA GLY B 96 -29.84 -14.03 -20.50
C GLY B 96 -28.60 -13.30 -19.99
N ALA B 97 -28.45 -13.20 -18.67
CA ALA B 97 -27.29 -12.52 -18.08
C ALA B 97 -25.98 -13.21 -18.47
N LYS B 98 -25.17 -12.53 -19.27
CA LYS B 98 -23.89 -13.06 -19.72
C LYS B 98 -22.74 -12.41 -18.95
N GLU B 99 -21.98 -13.23 -18.23
CA GLU B 99 -20.85 -12.74 -17.44
C GLU B 99 -19.55 -13.31 -17.96
N THR B 100 -18.44 -12.85 -17.38
CA THR B 100 -17.15 -13.34 -17.78
C THR B 100 -16.67 -14.37 -16.77
N MET B 101 -16.20 -15.50 -17.29
CA MET B 101 -15.69 -16.58 -16.47
C MET B 101 -14.21 -16.77 -16.78
N LYS B 102 -13.36 -16.25 -15.91
CA LYS B 102 -11.91 -16.38 -16.06
C LYS B 102 -11.50 -17.64 -15.30
N LYS B 103 -10.33 -18.19 -15.61
CA LYS B 103 -9.88 -19.38 -14.92
C LYS B 103 -10.00 -19.16 -13.43
N GLN B 104 -10.44 -20.19 -12.72
CA GLN B 104 -10.61 -20.16 -11.27
C GLN B 104 -11.89 -19.47 -10.86
N ASP B 105 -12.64 -18.94 -11.82
CA ASP B 105 -13.92 -18.29 -11.53
C ASP B 105 -14.93 -19.41 -11.38
N GLY B 106 -15.86 -19.25 -10.44
CA GLY B 106 -16.85 -20.29 -10.23
C GLY B 106 -18.25 -19.76 -10.20
N TYR B 107 -19.21 -20.62 -9.94
CA TYR B 107 -20.59 -20.17 -9.91
C TYR B 107 -21.56 -21.16 -9.28
N TYR B 108 -22.46 -20.67 -8.44
CA TYR B 108 -23.47 -21.54 -7.86
C TYR B 108 -24.78 -21.17 -8.52
N ILE B 109 -25.36 -22.09 -9.27
CA ILE B 109 -26.63 -21.82 -9.93
C ILE B 109 -27.68 -22.67 -9.25
N GLY B 110 -28.80 -22.05 -8.91
CA GLY B 110 -29.86 -22.79 -8.25
C GLY B 110 -31.01 -23.35 -9.07
N LYS B 111 -31.84 -24.10 -8.36
CA LYS B 111 -33.02 -24.76 -8.91
C LYS B 111 -33.90 -23.83 -9.75
N GLU B 112 -34.41 -24.38 -10.86
CA GLU B 112 -35.30 -23.67 -11.76
C GLU B 112 -34.73 -22.64 -12.74
N THR B 113 -33.41 -22.47 -12.82
CA THR B 113 -32.89 -21.52 -13.81
C THR B 113 -33.00 -22.24 -15.14
N LYS B 114 -33.67 -21.62 -16.10
CA LYS B 114 -33.91 -22.24 -17.40
C LYS B 114 -32.73 -22.58 -18.31
N HIS B 115 -31.89 -21.60 -18.66
CA HIS B 115 -30.76 -21.86 -19.56
C HIS B 115 -29.41 -21.38 -19.09
N VAL B 116 -28.46 -22.29 -18.98
CA VAL B 116 -27.10 -21.91 -18.57
C VAL B 116 -26.20 -22.25 -19.75
N ARG B 117 -25.76 -21.23 -20.47
CA ARG B 117 -24.92 -21.43 -21.64
C ARG B 117 -23.45 -21.06 -21.45
N PHE B 118 -22.58 -21.98 -21.87
CA PHE B 118 -21.14 -21.80 -21.72
C PHE B 118 -20.46 -21.46 -23.04
N SER B 119 -19.47 -20.59 -22.99
CA SER B 119 -18.73 -20.17 -24.18
C SER B 119 -17.30 -19.74 -23.84
N SER B 120 -16.41 -19.85 -24.83
CA SER B 120 -15.03 -19.46 -24.68
C SER B 120 -14.76 -18.22 -25.53
N GLU B 121 -13.70 -17.48 -25.22
CA GLU B 121 -13.40 -16.31 -26.02
C GLU B 121 -12.26 -16.63 -26.98
N ASN B 122 -11.80 -17.88 -26.95
CA ASN B 122 -10.72 -18.30 -27.84
C ASN B 122 -10.77 -19.80 -28.00
N PRO B 123 -11.18 -20.29 -29.18
CA PRO B 123 -11.29 -21.73 -29.48
C PRO B 123 -9.97 -22.48 -29.34
N ASP B 124 -8.86 -21.74 -29.48
CA ASP B 124 -7.51 -22.30 -29.39
C ASP B 124 -7.16 -22.65 -27.94
N ASN B 125 -7.65 -21.83 -27.02
CA ASN B 125 -7.43 -22.04 -25.59
C ASN B 125 -8.81 -21.96 -24.95
N PRO B 126 -9.65 -22.97 -25.20
CA PRO B 126 -11.02 -23.04 -24.68
C PRO B 126 -11.13 -23.01 -23.17
N ALA B 127 -12.30 -22.58 -22.71
CA ALA B 127 -12.57 -22.55 -21.29
C ALA B 127 -13.04 -23.98 -20.96
N LYS B 128 -12.50 -24.54 -19.89
CA LYS B 128 -12.88 -25.87 -19.47
C LYS B 128 -13.77 -25.73 -18.25
N PHE B 129 -15.08 -25.78 -18.47
CA PHE B 129 -16.05 -25.67 -17.39
C PHE B 129 -16.31 -27.04 -16.77
N TYR B 130 -15.95 -27.18 -15.49
CA TYR B 130 -16.18 -28.40 -14.77
C TYR B 130 -17.47 -28.19 -13.98
N ILE B 131 -18.48 -28.99 -14.27
CA ILE B 131 -19.74 -28.81 -13.58
C ILE B 131 -20.10 -30.00 -12.73
N SER B 132 -20.73 -29.72 -11.59
CA SER B 132 -21.17 -30.75 -10.65
C SER B 132 -22.63 -30.43 -10.36
N CYS B 133 -23.52 -31.22 -10.93
CA CYS B 133 -24.94 -31.00 -10.75
C CYS B 133 -25.57 -32.04 -9.82
N VAL B 134 -26.46 -31.57 -8.96
CA VAL B 134 -27.11 -32.42 -7.96
C VAL B 134 -28.57 -32.04 -7.74
N PRO B 135 -29.44 -33.02 -7.40
CA PRO B 135 -30.86 -32.73 -7.14
C PRO B 135 -31.05 -31.70 -6.04
N ALA B 136 -31.98 -30.76 -6.26
CA ALA B 136 -32.26 -29.72 -5.28
C ALA B 136 -33.77 -29.51 -5.11
N HIS B 137 -34.23 -29.45 -3.86
CA HIS B 137 -35.66 -29.26 -3.60
C HIS B 137 -36.04 -27.81 -3.32
N HIS B 138 -35.05 -27.00 -2.97
CA HIS B 138 -35.28 -25.60 -2.67
C HIS B 138 -34.46 -24.71 -3.58
N LYS B 139 -34.94 -23.51 -3.85
CA LYS B 139 -34.22 -22.59 -4.73
C LYS B 139 -33.48 -21.48 -3.99
N TYR B 140 -32.16 -21.46 -4.15
CA TYR B 140 -31.32 -20.44 -3.54
C TYR B 140 -30.82 -19.56 -4.67
N PRO B 141 -30.42 -18.34 -4.34
CA PRO B 141 -29.92 -17.40 -5.36
C PRO B 141 -28.64 -17.84 -6.05
N ASN B 142 -28.51 -17.46 -7.32
CA ASN B 142 -27.30 -17.77 -8.06
C ASN B 142 -26.24 -16.81 -7.53
N VAL B 143 -25.01 -17.29 -7.34
CA VAL B 143 -23.96 -16.41 -6.84
C VAL B 143 -22.63 -16.69 -7.51
N LYS B 144 -22.02 -15.65 -8.06
CA LYS B 144 -20.73 -15.80 -8.73
C LYS B 144 -19.63 -15.87 -7.70
N ILE B 145 -18.64 -16.72 -7.96
CA ILE B 145 -17.53 -16.91 -7.06
C ILE B 145 -16.21 -16.61 -7.77
N SER B 146 -15.39 -15.78 -7.14
CA SER B 146 -14.09 -15.42 -7.69
C SER B 146 -13.03 -15.80 -6.65
N ILE B 147 -11.98 -16.48 -7.10
CA ILE B 147 -10.87 -16.90 -6.24
C ILE B 147 -10.60 -15.87 -5.15
N ASP B 148 -10.57 -14.60 -5.54
CA ASP B 148 -10.33 -13.46 -4.64
C ASP B 148 -11.16 -13.57 -3.34
N GLU B 149 -12.47 -13.41 -3.46
CA GLU B 149 -13.38 -13.45 -2.32
C GLU B 149 -13.23 -14.70 -1.44
N ILE B 150 -12.35 -15.61 -1.83
CA ILE B 150 -12.17 -16.85 -1.04
C ILE B 150 -10.87 -16.85 -0.25
N THR B 151 -10.97 -17.18 1.04
CA THR B 151 -9.79 -17.25 1.90
C THR B 151 -9.34 -18.71 1.90
N PRO B 152 -8.30 -19.04 1.11
CA PRO B 152 -7.80 -20.42 1.04
C PRO B 152 -7.29 -20.93 2.38
N MET B 153 -8.02 -21.90 2.95
CA MET B 153 -7.65 -22.48 4.24
C MET B 153 -6.56 -23.53 4.08
N GLU B 154 -5.31 -23.07 4.06
CA GLU B 154 -4.18 -23.96 3.89
C GLU B 154 -3.82 -24.77 5.15
N THR B 155 -3.29 -25.97 4.91
CA THR B 155 -2.87 -26.89 5.96
C THR B 155 -1.82 -27.82 5.34
N GLY B 156 -1.43 -28.86 6.09
CA GLY B 156 -0.42 -29.77 5.58
C GLY B 156 0.98 -29.21 5.73
N ASP B 157 1.99 -30.03 5.52
CA ASP B 157 3.38 -29.60 5.67
C ASP B 157 4.29 -30.30 4.66
N PRO B 158 5.21 -29.56 4.02
CA PRO B 158 6.13 -30.15 3.03
C PRO B 158 6.93 -31.32 3.59
N LEU B 159 6.93 -31.47 4.90
CA LEU B 159 7.65 -32.55 5.54
C LEU B 159 6.83 -33.82 5.39
N THR B 160 5.53 -33.64 5.18
CA THR B 160 4.61 -34.76 5.00
C THR B 160 3.99 -34.70 3.61
N LEU B 161 4.71 -34.03 2.72
CA LEU B 161 4.32 -33.85 1.32
C LEU B 161 2.86 -33.57 1.10
N ASN B 162 2.27 -32.72 1.93
CA ASN B 162 0.87 -32.38 1.78
C ASN B 162 0.62 -30.88 1.96
N GLN B 163 1.63 -30.09 1.59
CA GLN B 163 1.55 -28.64 1.68
C GLN B 163 0.53 -28.23 0.61
N ARG B 164 -0.68 -27.90 1.01
CA ARG B 164 -1.70 -27.53 0.03
C ARG B 164 -2.65 -26.40 0.46
N LYS B 165 -3.27 -25.75 -0.53
CA LYS B 165 -4.22 -24.67 -0.28
C LYS B 165 -5.62 -25.12 -0.75
N ILE B 166 -6.59 -25.15 0.15
CA ILE B 166 -7.94 -25.55 -0.23
C ILE B 166 -8.83 -24.31 -0.38
N TYR B 167 -9.64 -24.29 -1.43
CA TYR B 167 -10.53 -23.17 -1.73
C TYR B 167 -12.00 -23.59 -1.73
N GLN B 168 -12.77 -23.08 -0.76
CA GLN B 168 -14.20 -23.38 -0.64
C GLN B 168 -15.00 -22.58 -1.67
N TYR B 169 -15.58 -23.24 -2.67
CA TYR B 169 -16.37 -22.51 -3.65
C TYR B 169 -17.83 -22.61 -3.28
N ILE B 170 -18.40 -23.79 -3.37
CA ILE B 170 -19.80 -23.98 -2.99
C ILE B 170 -19.73 -24.46 -1.55
N HIS B 171 -19.82 -23.52 -0.63
CA HIS B 171 -19.71 -23.80 0.80
C HIS B 171 -20.51 -22.72 1.53
N PRO B 172 -21.00 -23.03 2.75
CA PRO B 172 -21.77 -22.03 3.50
C PRO B 172 -21.11 -20.65 3.63
N ASN B 173 -19.78 -20.61 3.70
CA ASN B 173 -19.06 -19.34 3.83
C ASN B 173 -19.16 -18.44 2.61
N VAL B 174 -19.60 -18.97 1.47
CA VAL B 174 -19.72 -18.12 0.30
C VAL B 174 -21.11 -18.16 -0.32
N CYS B 175 -21.89 -19.20 -0.04
CA CYS B 175 -23.24 -19.27 -0.60
C CYS B 175 -24.07 -20.43 -0.06
N GLU B 176 -25.37 -20.34 -0.24
CA GLU B 176 -26.28 -21.39 0.20
C GLU B 176 -26.49 -22.42 -0.90
N SER B 177 -26.92 -23.62 -0.50
CA SER B 177 -27.19 -24.70 -1.45
C SER B 177 -27.91 -25.82 -0.70
N CYS B 178 -28.68 -26.62 -1.44
CA CYS B 178 -29.40 -27.72 -0.84
C CYS B 178 -28.48 -28.80 -0.29
N GLN B 179 -27.53 -29.25 -1.10
CA GLN B 179 -26.60 -30.28 -0.66
C GLN B 179 -25.25 -30.24 -1.35
N LEU B 180 -25.16 -29.60 -2.50
CA LEU B 180 -23.88 -29.56 -3.22
C LEU B 180 -22.78 -28.87 -2.41
N GLN B 181 -21.56 -29.34 -2.60
CA GLN B 181 -20.38 -28.80 -1.92
C GLN B 181 -19.21 -28.93 -2.89
N MET B 182 -18.55 -27.83 -3.21
CA MET B 182 -17.41 -27.90 -4.12
C MET B 182 -16.18 -27.21 -3.57
N GLY B 183 -15.02 -27.67 -4.03
CA GLY B 183 -13.77 -27.09 -3.59
C GLY B 183 -12.67 -27.23 -4.64
N TYR B 184 -11.70 -26.33 -4.55
CA TYR B 184 -10.55 -26.29 -5.44
C TYR B 184 -9.33 -26.43 -4.53
N THR B 185 -8.49 -27.41 -4.80
CA THR B 185 -7.31 -27.62 -3.97
C THR B 185 -6.08 -27.70 -4.84
N ILE B 186 -5.05 -26.93 -4.48
CA ILE B 186 -3.82 -26.95 -5.25
C ILE B 186 -2.66 -27.41 -4.36
N LEU B 187 -2.01 -28.50 -4.78
CA LEU B 187 -0.87 -29.06 -4.06
C LEU B 187 0.36 -28.24 -4.40
N GLU B 188 0.94 -27.64 -3.37
CA GLU B 188 2.14 -26.82 -3.54
C GLU B 188 3.31 -27.73 -3.93
N PRO B 189 4.23 -27.24 -4.80
CA PRO B 189 5.40 -28.00 -5.25
C PRO B 189 6.13 -28.73 -4.11
N GLY B 190 6.44 -30.01 -4.35
CA GLY B 190 7.12 -30.80 -3.35
C GLY B 190 6.17 -31.48 -2.40
N SER B 191 4.91 -31.56 -2.80
CA SER B 191 3.88 -32.21 -2.00
C SER B 191 3.00 -32.96 -2.98
N ALA B 192 2.28 -33.98 -2.53
CA ALA B 192 1.44 -34.73 -3.44
C ALA B 192 0.32 -35.58 -2.81
N TRP B 193 -0.08 -35.26 -1.58
CA TRP B 193 -1.11 -36.04 -0.90
C TRP B 193 -2.46 -35.36 -0.61
N ASN B 194 -3.48 -36.17 -0.28
CA ASN B 194 -4.84 -35.71 0.05
C ASN B 194 -5.28 -36.17 1.44
N THR B 195 -4.32 -36.53 2.29
CA THR B 195 -4.63 -36.99 3.63
C THR B 195 -3.40 -36.82 4.52
N MET B 205 -19.91 -39.28 -0.03
CA MET B 205 -20.14 -39.30 -1.47
C MET B 205 -19.39 -38.17 -2.21
N GLU B 206 -18.22 -38.49 -2.75
CA GLU B 206 -17.42 -37.48 -3.44
C GLU B 206 -17.00 -37.84 -4.87
N ALA B 207 -16.66 -36.81 -5.64
CA ALA B 207 -16.20 -36.99 -7.02
C ALA B 207 -15.00 -36.08 -7.21
N TYR B 208 -13.88 -36.66 -7.62
CA TYR B 208 -12.66 -35.88 -7.83
C TYR B 208 -12.28 -35.70 -9.30
N VAL B 209 -11.69 -34.56 -9.59
CA VAL B 209 -11.19 -34.27 -10.93
C VAL B 209 -9.82 -33.64 -10.72
N TYR B 210 -8.79 -34.27 -11.26
CA TYR B 210 -7.43 -33.75 -11.14
C TYR B 210 -7.07 -33.03 -12.42
N PHE B 211 -6.35 -31.92 -12.30
CA PHE B 211 -5.93 -31.14 -13.45
C PHE B 211 -4.71 -30.28 -13.10
N ASP B 212 -4.27 -29.48 -14.06
CA ASP B 212 -3.11 -28.61 -13.87
C ASP B 212 -1.89 -29.39 -13.43
N MET B 213 -1.55 -30.41 -14.20
CA MET B 213 -0.38 -31.23 -13.88
C MET B 213 0.44 -31.53 -15.15
N GLU B 214 1.76 -31.61 -15.00
CA GLU B 214 2.65 -31.90 -16.12
C GLU B 214 2.11 -33.12 -16.84
N GLU B 215 2.42 -33.22 -18.12
CA GLU B 215 1.94 -34.34 -18.94
C GLU B 215 2.33 -35.71 -18.43
N ASP B 216 3.50 -35.80 -17.78
CA ASP B 216 3.96 -37.10 -17.29
C ASP B 216 3.69 -37.42 -15.82
N THR B 217 3.23 -36.45 -15.03
CA THR B 217 2.93 -36.76 -13.65
C THR B 217 1.60 -37.50 -13.69
N ARG B 218 1.41 -38.42 -12.76
CA ARG B 218 0.18 -39.18 -12.68
C ARG B 218 -0.14 -39.35 -11.20
N ILE B 219 -1.42 -39.44 -10.87
CA ILE B 219 -1.77 -39.58 -9.47
C ILE B 219 -2.33 -40.97 -9.19
N PHE B 220 -2.01 -41.51 -8.01
CA PHE B 220 -2.48 -42.84 -7.62
C PHE B 220 -3.61 -42.62 -6.66
N HIS B 221 -4.82 -42.54 -7.20
CA HIS B 221 -6.01 -42.30 -6.39
C HIS B 221 -6.44 -43.53 -5.61
N MET B 222 -6.30 -43.46 -4.30
CA MET B 222 -6.66 -44.56 -3.40
C MET B 222 -8.17 -44.60 -3.23
N MET B 223 -8.72 -45.82 -3.12
CA MET B 223 -10.15 -45.97 -2.92
C MET B 223 -10.49 -47.31 -2.28
N GLY B 224 -11.78 -47.45 -1.96
CA GLY B 224 -12.28 -48.67 -1.34
C GLY B 224 -12.39 -48.57 0.17
N LYS B 225 -12.97 -49.58 0.79
CA LYS B 225 -13.12 -49.61 2.23
C LYS B 225 -11.69 -49.47 2.76
N PRO B 226 -11.49 -48.74 3.86
CA PRO B 226 -10.13 -48.59 4.38
C PRO B 226 -9.28 -49.85 4.57
N ASP B 227 -9.93 -51.00 4.75
CA ASP B 227 -9.21 -52.27 4.93
C ASP B 227 -8.95 -52.97 3.59
N GLU B 228 -9.65 -52.56 2.55
CA GLU B 228 -9.48 -53.16 1.23
C GLU B 228 -9.25 -52.08 0.20
N THR B 229 -8.23 -51.26 0.41
CA THR B 229 -7.95 -50.19 -0.54
C THR B 229 -7.36 -50.69 -1.83
N LYS B 230 -7.65 -49.97 -2.90
CA LYS B 230 -7.14 -50.28 -4.22
C LYS B 230 -6.90 -48.90 -4.80
N HIS B 231 -6.30 -48.82 -5.99
CA HIS B 231 -6.06 -47.50 -6.57
C HIS B 231 -6.35 -47.42 -8.04
N LEU B 232 -6.53 -46.20 -8.50
CA LEU B 232 -6.78 -45.89 -9.89
C LEU B 232 -5.61 -45.02 -10.31
N VAL B 233 -4.94 -45.36 -11.41
CA VAL B 233 -3.82 -44.57 -11.89
C VAL B 233 -4.42 -43.51 -12.82
N MET B 234 -4.29 -42.23 -12.44
CA MET B 234 -4.87 -41.15 -13.24
C MET B 234 -3.94 -40.15 -13.95
N SER B 235 -4.38 -39.69 -15.12
CA SER B 235 -3.66 -38.71 -15.93
C SER B 235 -4.27 -37.37 -15.68
N ASN B 236 -3.72 -36.34 -16.33
CA ASN B 236 -4.23 -34.99 -16.19
C ASN B 236 -5.66 -34.88 -16.73
N GLU B 237 -6.48 -34.11 -16.01
CA GLU B 237 -7.86 -33.88 -16.40
C GLU B 237 -8.76 -35.12 -16.42
N GLN B 238 -8.53 -36.04 -15.48
CA GLN B 238 -9.35 -37.24 -15.37
C GLN B 238 -10.06 -37.18 -14.01
N ALA B 239 -11.22 -37.83 -13.92
CA ALA B 239 -11.97 -37.80 -12.67
C ALA B 239 -12.24 -39.18 -12.08
N ALA B 240 -12.41 -39.20 -10.76
CA ALA B 240 -12.68 -40.44 -10.05
C ALA B 240 -13.95 -40.33 -9.21
N ILE B 241 -14.78 -41.36 -9.24
CA ILE B 241 -15.99 -41.37 -8.44
C ILE B 241 -15.67 -42.10 -7.14
N SER B 242 -16.00 -41.50 -6.01
CA SER B 242 -15.71 -42.12 -4.73
C SER B 242 -16.97 -42.31 -3.89
N PRO B 243 -17.51 -43.54 -3.86
CA PRO B 243 -18.73 -43.87 -3.11
C PRO B 243 -18.58 -43.69 -1.61
N SER B 244 -19.71 -43.51 -0.94
CA SER B 244 -19.79 -43.28 0.50
C SER B 244 -18.84 -44.14 1.31
N TRP B 245 -18.89 -45.44 1.07
CA TRP B 245 -18.05 -46.39 1.79
C TRP B 245 -16.59 -46.41 1.41
N SER B 246 -16.14 -45.46 0.60
CA SER B 246 -14.74 -45.47 0.15
C SER B 246 -13.83 -44.35 0.63
N ILE B 247 -12.53 -44.63 0.55
CA ILE B 247 -11.46 -43.70 0.90
C ILE B 247 -11.39 -42.60 -0.17
N HIS B 248 -10.88 -41.42 0.19
CA HIS B 248 -10.82 -40.29 -0.74
C HIS B 248 -9.43 -39.74 -1.09
N SER B 249 -8.38 -40.28 -0.48
CA SER B 249 -7.04 -39.75 -0.73
C SER B 249 -6.32 -40.19 -1.99
N GLY B 250 -5.26 -39.48 -2.32
CA GLY B 250 -4.45 -39.80 -3.50
C GLY B 250 -3.04 -39.24 -3.46
N VAL B 251 -2.09 -39.94 -4.09
CA VAL B 251 -0.71 -39.47 -4.12
C VAL B 251 -0.32 -39.17 -5.54
N GLY B 252 0.33 -38.03 -5.74
CA GLY B 252 0.75 -37.68 -7.06
C GLY B 252 2.23 -37.94 -7.23
N THR B 253 2.64 -38.11 -8.48
CA THR B 253 4.02 -38.32 -8.83
C THR B 253 4.71 -36.97 -8.69
N SER B 254 3.91 -35.90 -8.79
CA SER B 254 4.38 -34.52 -8.67
C SER B 254 3.25 -33.62 -8.18
N ASN B 255 3.31 -32.34 -8.52
CA ASN B 255 2.29 -31.37 -8.12
C ASN B 255 1.04 -31.53 -8.97
N TYR B 256 -0.08 -31.05 -8.43
CA TYR B 256 -1.36 -31.11 -9.13
C TYR B 256 -2.41 -30.35 -8.34
N SER B 257 -3.53 -30.07 -9.00
CA SER B 257 -4.66 -29.38 -8.36
C SER B 257 -5.83 -30.33 -8.56
N PHE B 258 -6.93 -30.06 -7.87
CA PHE B 258 -8.11 -30.90 -8.04
C PHE B 258 -9.35 -30.26 -7.45
N ILE B 259 -10.48 -30.54 -8.09
CA ILE B 259 -11.78 -30.02 -7.66
C ILE B 259 -12.55 -31.20 -7.06
N TRP B 260 -12.98 -31.06 -5.82
CA TRP B 260 -13.76 -32.12 -5.17
C TRP B 260 -15.17 -31.63 -5.01
N ALA B 261 -16.13 -32.47 -5.37
CA ALA B 261 -17.56 -32.14 -5.25
C ALA B 261 -18.22 -33.27 -4.46
N MET B 262 -19.08 -32.91 -3.52
CA MET B 262 -19.78 -33.90 -2.71
C MET B 262 -21.19 -33.48 -2.33
N CYS B 263 -21.97 -34.45 -1.86
CA CYS B 263 -23.34 -34.23 -1.41
C CYS B 263 -23.82 -35.49 -0.72
N GLY B 264 -24.92 -35.39 0.03
CA GLY B 264 -25.44 -36.55 0.73
C GLY B 264 -26.47 -36.25 1.80
N GLU B 265 -26.01 -35.89 2.99
CA GLU B 265 -26.91 -35.56 4.09
C GLU B 265 -26.39 -34.44 5.02
N GLN C 4 50.09 28.98 -40.17
CA GLN C 4 50.07 28.94 -38.67
C GLN C 4 48.85 29.58 -38.01
N ASN C 5 48.43 29.02 -36.87
CA ASN C 5 47.27 29.52 -36.13
C ASN C 5 47.19 28.91 -34.71
N MET C 6 46.95 29.76 -33.71
CA MET C 6 46.86 29.32 -32.33
C MET C 6 45.62 29.84 -31.57
N GLU C 7 44.65 28.97 -31.34
CA GLU C 7 43.45 29.36 -30.61
C GLU C 7 43.65 29.22 -29.09
N THR C 8 43.42 30.29 -28.33
CA THR C 8 43.61 30.19 -26.89
C THR C 8 42.28 29.76 -26.27
N ARG C 9 42.34 29.02 -25.15
CA ARG C 9 41.14 28.54 -24.48
C ARG C 9 41.21 28.71 -22.99
N TYR C 10 40.24 29.44 -22.45
CA TYR C 10 40.19 29.68 -21.02
C TYR C 10 39.79 28.39 -20.32
N THR C 11 40.16 28.29 -19.06
CA THR C 11 39.82 27.14 -18.25
C THR C 11 38.59 27.50 -17.44
N HIS C 12 37.93 26.49 -16.89
CA HIS C 12 36.75 26.72 -16.11
C HIS C 12 36.84 25.98 -14.80
N SER C 13 35.75 25.98 -14.05
CA SER C 13 35.70 25.27 -12.79
C SER C 13 34.65 24.17 -12.94
N PRO C 14 34.75 23.11 -12.14
CA PRO C 14 33.77 22.04 -12.24
C PRO C 14 32.33 22.57 -12.16
N ALA C 15 32.16 23.72 -11.53
CA ALA C 15 30.83 24.29 -11.41
C ALA C 15 30.44 25.02 -12.70
N ASP C 16 31.38 25.74 -13.29
CA ASP C 16 31.05 26.46 -14.52
C ASP C 16 30.48 25.49 -15.58
N ILE C 17 31.08 24.32 -15.61
CA ILE C 17 30.77 23.25 -16.57
C ILE C 17 29.59 22.35 -16.16
N ARG C 18 29.17 22.44 -14.90
CA ARG C 18 28.08 21.60 -14.41
C ARG C 18 26.87 21.41 -15.32
N HIS C 19 26.39 22.46 -15.96
CA HIS C 19 25.23 22.28 -16.85
C HIS C 19 25.56 22.53 -18.33
N TYR C 20 26.84 22.39 -18.66
CA TYR C 20 27.32 22.57 -20.02
C TYR C 20 26.61 21.60 -20.96
N SER C 21 26.34 22.06 -22.17
CA SER C 21 25.70 21.20 -23.17
C SER C 21 26.80 20.44 -23.89
N THR C 22 26.43 19.37 -24.58
CA THR C 22 27.41 18.59 -25.33
C THR C 22 28.21 19.53 -26.21
N GLU C 23 27.53 20.52 -26.78
CA GLU C 23 28.20 21.48 -27.64
C GLU C 23 29.24 22.22 -26.82
N GLN C 24 28.79 22.94 -25.79
CA GLN C 24 29.69 23.69 -24.94
C GLN C 24 30.93 22.88 -24.56
N LEU C 25 30.71 21.66 -24.06
CA LEU C 25 31.82 20.78 -23.68
C LEU C 25 32.83 20.69 -24.82
N ARG C 26 32.35 20.36 -26.01
CA ARG C 26 33.21 20.24 -27.16
C ARG C 26 33.93 21.54 -27.43
N ASP C 27 33.18 22.64 -27.37
CA ASP C 27 33.75 23.96 -27.63
C ASP C 27 34.92 24.32 -26.70
N GLU C 28 34.83 23.91 -25.44
CA GLU C 28 35.87 24.24 -24.49
C GLU C 28 36.98 23.22 -24.35
N PHE C 29 36.66 21.93 -24.36
CA PHE C 29 37.68 20.94 -24.15
C PHE C 29 38.12 20.06 -25.33
N LEU C 30 37.48 20.20 -26.48
CA LEU C 30 37.84 19.38 -27.63
C LEU C 30 38.51 20.18 -28.73
N VAL C 31 39.62 19.66 -29.25
CA VAL C 31 40.31 20.29 -30.36
C VAL C 31 40.04 19.36 -31.53
N GLU C 32 39.16 19.78 -32.45
CA GLU C 32 38.78 18.94 -33.59
C GLU C 32 39.83 18.74 -34.67
N LYS C 33 40.63 19.77 -34.94
CA LYS C 33 41.67 19.64 -35.95
C LYS C 33 43.03 19.89 -35.31
N VAL C 34 43.87 18.86 -35.32
CA VAL C 34 45.20 18.97 -34.74
C VAL C 34 46.27 19.00 -35.82
N PHE C 35 46.10 18.15 -36.83
CA PHE C 35 47.06 18.08 -37.93
C PHE C 35 46.46 18.49 -39.25
N ILE C 36 46.48 19.78 -39.54
CA ILE C 36 45.96 20.27 -40.81
C ILE C 36 47.19 20.53 -41.67
N PRO C 37 47.44 19.64 -42.66
CA PRO C 37 48.55 19.66 -43.61
C PRO C 37 48.90 20.99 -44.24
N GLY C 38 50.19 21.32 -44.17
CA GLY C 38 50.69 22.56 -44.75
C GLY C 38 50.72 23.72 -43.79
N ALA C 39 50.17 23.51 -42.59
CA ALA C 39 50.12 24.56 -41.59
C ALA C 39 50.34 24.03 -40.18
N ILE C 40 50.56 24.94 -39.25
CA ILE C 40 50.72 24.54 -37.88
C ILE C 40 49.41 24.93 -37.18
N SER C 41 48.79 23.96 -36.52
CA SER C 41 47.55 24.18 -35.81
C SER C 41 47.82 24.07 -34.31
N LEU C 42 47.76 25.19 -33.61
CA LEU C 42 48.04 25.20 -32.18
C LEU C 42 46.92 25.76 -31.33
N THR C 43 46.88 25.31 -30.08
CA THR C 43 45.88 25.77 -29.14
C THR C 43 46.59 26.11 -27.81
N TYR C 44 46.35 27.31 -27.31
CA TYR C 44 46.95 27.78 -26.07
C TYR C 44 45.94 27.61 -24.93
N THR C 45 46.24 26.74 -23.98
CA THR C 45 45.31 26.53 -22.88
C THR C 45 45.77 27.29 -21.65
N HIS C 46 44.86 28.03 -21.01
CA HIS C 46 45.23 28.76 -19.79
C HIS C 46 45.54 27.82 -18.63
N ASN C 47 45.28 26.54 -18.85
CA ASN C 47 45.61 25.55 -17.85
C ASN C 47 47.12 25.45 -17.92
N ASP C 48 47.80 26.15 -17.03
CA ASP C 48 49.25 26.13 -16.98
C ASP C 48 49.94 26.69 -18.21
N ARG C 49 49.19 27.36 -19.08
CA ARG C 49 49.78 27.97 -20.27
C ARG C 49 50.46 27.03 -21.28
N MET C 50 49.98 25.79 -21.37
CA MET C 50 50.54 24.87 -22.33
C MET C 50 50.02 25.21 -23.73
N ILE C 51 50.90 25.19 -24.73
CA ILE C 51 50.48 25.43 -26.09
C ILE C 51 50.79 24.12 -26.81
N PHE C 52 49.76 23.46 -27.33
CA PHE C 52 49.94 22.19 -28.02
C PHE C 52 49.23 22.21 -29.35
N GLY C 53 49.49 21.18 -30.14
CA GLY C 53 48.86 21.12 -31.45
C GLY C 53 49.75 20.40 -32.43
N GLY C 54 49.41 20.52 -33.70
CA GLY C 54 50.20 19.82 -34.70
C GLY C 54 50.76 20.66 -35.83
N VAL C 55 52.06 20.51 -36.06
CA VAL C 55 52.72 21.18 -37.16
C VAL C 55 53.03 20.04 -38.14
N THR C 56 52.25 20.00 -39.22
CA THR C 56 52.38 18.98 -40.24
C THR C 56 52.81 19.62 -41.57
N PRO C 57 54.13 19.71 -41.80
CA PRO C 57 54.70 20.31 -43.00
C PRO C 57 54.53 19.43 -44.25
N THR C 58 54.34 20.06 -45.39
CA THR C 58 54.16 19.31 -46.62
C THR C 58 55.15 19.76 -47.69
N THR C 59 54.83 20.88 -48.32
CA THR C 59 55.63 21.45 -49.41
C THR C 59 56.50 22.63 -48.99
N GLU C 60 56.63 22.87 -47.69
CA GLU C 60 57.42 23.99 -47.20
C GLU C 60 57.70 23.78 -45.71
N GLU C 61 58.96 23.83 -45.32
CA GLU C 61 59.29 23.64 -43.92
C GLU C 61 58.53 24.67 -43.08
N LEU C 62 58.15 24.26 -41.87
CA LEU C 62 57.39 25.11 -40.97
C LEU C 62 58.13 25.41 -39.68
N GLU C 63 57.85 26.57 -39.12
CA GLU C 63 58.44 27.00 -37.86
C GLU C 63 57.42 27.81 -37.09
N ILE C 64 57.24 27.47 -35.81
CA ILE C 64 56.28 28.18 -34.98
C ILE C 64 56.89 29.54 -34.65
N ILE C 65 56.34 30.61 -35.23
CA ILE C 65 56.87 31.94 -34.96
C ILE C 65 55.91 32.68 -34.03
N LEU C 66 56.35 32.84 -32.79
CA LEU C 66 55.59 33.51 -31.75
C LEU C 66 56.54 34.36 -30.91
N ASP C 67 56.15 35.60 -30.64
CA ASP C 67 56.97 36.49 -29.84
C ASP C 67 56.12 37.54 -29.11
N LYS C 68 55.56 38.49 -29.86
CA LYS C 68 54.70 39.51 -29.27
C LYS C 68 53.52 38.85 -28.55
N GLU C 69 52.97 37.80 -29.17
CA GLU C 69 51.84 37.06 -28.60
C GLU C 69 52.17 36.52 -27.21
N LEU C 70 53.44 36.23 -26.97
CA LEU C 70 53.86 35.69 -25.68
C LEU C 70 54.81 36.61 -24.93
N GLY C 71 54.81 37.89 -25.29
CA GLY C 71 55.68 38.83 -24.62
C GLY C 71 57.14 38.43 -24.59
N VAL C 72 57.64 37.92 -25.71
CA VAL C 72 59.02 37.50 -25.82
C VAL C 72 59.51 37.77 -27.24
N ASP C 73 60.81 37.55 -27.47
CA ASP C 73 61.41 37.78 -28.79
C ASP C 73 61.27 36.59 -29.71
N TYR C 74 61.27 35.39 -29.14
CA TYR C 74 61.13 34.18 -29.96
C TYR C 74 60.46 33.04 -29.18
N PHE C 75 59.68 32.25 -29.90
CA PHE C 75 58.93 31.13 -29.36
C PHE C 75 59.43 30.44 -28.10
N LEU C 76 60.67 29.96 -28.12
CA LEU C 76 61.17 29.24 -26.96
C LEU C 76 62.07 30.02 -25.99
N GLU C 77 62.05 31.35 -26.08
CA GLU C 77 62.88 32.15 -25.19
C GLU C 77 62.70 31.72 -23.72
N ARG C 78 61.46 31.42 -23.34
CA ARG C 78 61.20 31.02 -21.96
C ARG C 78 60.32 29.79 -21.88
N ARG C 79 60.47 28.88 -22.84
CA ARG C 79 59.69 27.66 -22.89
C ARG C 79 60.50 26.43 -23.33
N GLU C 80 60.03 25.25 -22.92
CA GLU C 80 60.65 24.02 -23.35
C GLU C 80 59.57 23.38 -24.23
N LEU C 81 59.97 22.46 -25.09
CA LEU C 81 59.03 21.84 -25.99
C LEU C 81 59.31 20.38 -26.30
N GLY C 82 58.27 19.56 -26.32
CA GLY C 82 58.42 18.16 -26.62
C GLY C 82 57.80 17.89 -27.98
N VAL C 83 58.37 16.95 -28.75
CA VAL C 83 57.84 16.64 -30.07
C VAL C 83 57.87 15.16 -30.37
N ILE C 84 56.85 14.68 -31.07
CA ILE C 84 56.78 13.29 -31.47
C ILE C 84 56.13 13.22 -32.84
N ASN C 85 56.82 12.61 -33.82
CA ASN C 85 56.30 12.50 -35.16
C ASN C 85 55.32 11.33 -35.25
N ILE C 86 54.06 11.66 -35.54
CA ILE C 86 52.99 10.69 -35.65
C ILE C 86 52.75 10.22 -37.09
N GLY C 87 53.23 11.00 -38.06
CA GLY C 87 53.03 10.64 -39.46
C GLY C 87 54.20 10.05 -40.23
N GLY C 88 54.40 10.54 -41.46
CA GLY C 88 55.47 10.06 -42.31
C GLY C 88 56.83 10.61 -41.90
N PRO C 89 57.93 10.06 -42.46
CA PRO C 89 59.29 10.50 -42.14
C PRO C 89 59.51 11.99 -42.46
N GLY C 90 60.22 12.66 -41.56
CA GLY C 90 60.50 14.07 -41.73
C GLY C 90 61.84 14.50 -41.18
N PHE C 91 61.99 15.80 -40.94
CA PHE C 91 63.24 16.33 -40.42
C PHE C 91 62.94 17.44 -39.43
N ILE C 92 63.83 17.59 -38.47
CA ILE C 92 63.70 18.64 -37.48
C ILE C 92 65.04 19.40 -37.53
N GLU C 93 64.98 20.71 -37.59
CA GLU C 93 66.19 21.51 -37.64
C GLU C 93 66.23 22.43 -36.43
N ILE C 94 67.02 22.05 -35.43
CA ILE C 94 67.12 22.85 -34.22
C ILE C 94 68.42 23.67 -34.28
N ASP C 95 68.25 24.97 -34.51
CA ASP C 95 69.35 25.92 -34.63
C ASP C 95 70.42 25.49 -35.61
N GLY C 96 70.01 25.14 -36.84
CA GLY C 96 70.96 24.71 -37.85
C GLY C 96 71.05 23.20 -37.97
N ALA C 97 71.25 22.51 -36.84
CA ALA C 97 71.36 21.05 -36.85
C ALA C 97 70.09 20.39 -37.38
N LYS C 98 70.19 19.76 -38.55
CA LYS C 98 69.05 19.09 -39.17
C LYS C 98 69.18 17.57 -39.00
N GLU C 99 68.19 16.97 -38.34
CA GLU C 99 68.21 15.53 -38.10
C GLU C 99 67.02 14.88 -38.79
N THR C 100 66.97 13.56 -38.72
CA THR C 100 65.86 12.84 -39.32
C THR C 100 64.89 12.44 -38.24
N MET C 101 63.60 12.71 -38.49
CA MET C 101 62.52 12.38 -37.57
C MET C 101 61.61 11.35 -38.23
N LYS C 102 61.79 10.09 -37.85
CA LYS C 102 60.97 9.01 -38.38
C LYS C 102 59.75 8.87 -37.45
N LYS C 103 58.68 8.23 -37.91
CA LYS C 103 57.52 8.06 -37.06
C LYS C 103 57.97 7.50 -35.72
N GLN C 104 57.35 7.98 -34.64
CA GLN C 104 57.65 7.56 -33.29
C GLN C 104 58.93 8.17 -32.77
N ASP C 105 59.60 8.98 -33.59
CA ASP C 105 60.81 9.64 -33.12
C ASP C 105 60.35 10.85 -32.34
N GLY C 106 61.04 11.18 -31.27
CA GLY C 106 60.64 12.33 -30.47
C GLY C 106 61.80 13.27 -30.21
N TYR C 107 61.56 14.30 -29.41
CA TYR C 107 62.62 15.26 -29.12
C TYR C 107 62.29 16.21 -27.98
N TYR C 108 63.24 16.43 -27.09
CA TYR C 108 63.05 17.37 -26.00
C TYR C 108 63.90 18.58 -26.32
N ILE C 109 63.27 19.72 -26.58
CA ILE C 109 64.02 20.91 -26.88
C ILE C 109 63.88 21.89 -25.71
N GLY C 110 64.99 22.43 -25.26
CA GLY C 110 64.96 23.32 -24.12
C GLY C 110 64.90 24.80 -24.36
N LYS C 111 64.74 25.51 -23.25
CA LYS C 111 64.66 26.97 -23.20
C LYS C 111 65.77 27.67 -23.99
N GLU C 112 65.39 28.74 -24.67
CA GLU C 112 66.31 29.56 -25.44
C GLU C 112 66.80 29.07 -26.79
N THR C 113 66.31 27.94 -27.29
CA THR C 113 66.76 27.52 -28.63
C THR C 113 66.00 28.46 -29.59
N LYS C 114 66.73 29.15 -30.45
CA LYS C 114 66.14 30.11 -31.39
C LYS C 114 65.18 29.62 -32.47
N HIS C 115 65.60 28.67 -33.31
CA HIS C 115 64.72 28.19 -34.37
C HIS C 115 64.55 26.68 -34.49
N VAL C 116 63.30 26.22 -34.42
CA VAL C 116 63.03 24.79 -34.56
C VAL C 116 62.16 24.66 -35.78
N ARG C 117 62.75 24.16 -36.88
CA ARG C 117 62.02 24.02 -38.12
C ARG C 117 61.67 22.58 -38.47
N PHE C 118 60.42 22.37 -38.85
CA PHE C 118 59.91 21.04 -39.20
C PHE C 118 59.71 20.88 -40.69
N SER C 119 59.98 19.69 -41.20
CA SER C 119 59.84 19.39 -42.63
C SER C 119 59.58 17.90 -42.88
N SER C 120 58.93 17.62 -44.00
CA SER C 120 58.63 16.24 -44.37
C SER C 120 59.47 15.88 -45.59
N GLU C 121 59.65 14.59 -45.84
CA GLU C 121 60.41 14.18 -47.02
C GLU C 121 59.47 13.74 -48.14
N ASN C 122 58.17 13.85 -47.87
CA ASN C 122 57.16 13.48 -48.84
C ASN C 122 55.84 14.18 -48.55
N PRO C 123 55.48 15.18 -49.36
CA PRO C 123 54.23 15.95 -49.18
C PRO C 123 52.97 15.10 -49.20
N ASP C 124 53.05 13.95 -49.87
CA ASP C 124 51.96 13.02 -50.03
C ASP C 124 51.67 12.29 -48.72
N ASN C 125 52.72 12.01 -47.97
CA ASN C 125 52.63 11.34 -46.68
C ASN C 125 53.44 12.19 -45.70
N PRO C 126 52.93 13.39 -45.39
CA PRO C 126 53.58 14.35 -44.50
C PRO C 126 53.85 13.83 -43.10
N ALA C 127 54.84 14.45 -42.46
CA ALA C 127 55.20 14.09 -41.10
C ALA C 127 54.25 14.90 -40.24
N LYS C 128 53.64 14.23 -39.26
CA LYS C 128 52.71 14.93 -38.37
C LYS C 128 53.41 15.12 -37.04
N PHE C 129 53.96 16.31 -36.85
CA PHE C 129 54.66 16.65 -35.62
C PHE C 129 53.71 17.17 -34.55
N TYR C 130 53.55 16.40 -33.48
CA TYR C 130 52.69 16.79 -32.38
C TYR C 130 53.59 17.45 -31.35
N ILE C 131 53.35 18.72 -31.08
CA ILE C 131 54.18 19.42 -30.12
C ILE C 131 53.42 19.85 -28.87
N SER C 132 54.11 19.80 -27.74
CA SER C 132 53.56 20.20 -26.45
C SER C 132 54.57 21.17 -25.87
N CYS C 133 54.25 22.45 -25.89
CA CYS C 133 55.15 23.46 -25.38
C CYS C 133 54.67 24.02 -24.04
N VAL C 134 55.61 24.23 -23.13
CA VAL C 134 55.30 24.71 -21.80
C VAL C 134 56.37 25.68 -21.25
N PRO C 135 55.97 26.63 -20.37
CA PRO C 135 56.92 27.59 -19.83
C PRO C 135 58.05 26.92 -19.07
N ALA C 136 59.28 27.39 -19.28
CA ALA C 136 60.46 26.84 -18.62
C ALA C 136 61.39 27.93 -18.10
N HIS C 137 61.82 27.82 -16.85
CA HIS C 137 62.71 28.81 -16.26
C HIS C 137 64.17 28.43 -16.32
N HIS C 138 64.45 27.15 -16.53
CA HIS C 138 65.82 26.68 -16.60
C HIS C 138 66.08 26.01 -17.93
N LYS C 139 67.32 26.04 -18.39
CA LYS C 139 67.65 25.43 -19.67
C LYS C 139 68.34 24.08 -19.55
N TYR C 140 67.70 23.04 -20.09
CA TYR C 140 68.30 21.72 -20.10
C TYR C 140 68.68 21.41 -21.54
N PRO C 141 69.59 20.45 -21.74
CA PRO C 141 70.04 20.09 -23.08
C PRO C 141 68.96 19.46 -23.96
N ASN C 142 69.06 19.72 -25.26
CA ASN C 142 68.10 19.15 -26.20
C ASN C 142 68.51 17.68 -26.30
N VAL C 143 67.54 16.78 -26.36
CA VAL C 143 67.87 15.36 -26.47
C VAL C 143 66.90 14.64 -27.40
N LYS C 144 67.44 13.95 -28.40
CA LYS C 144 66.61 13.20 -29.33
C LYS C 144 66.16 11.89 -28.70
N ILE C 145 64.93 11.51 -28.97
CA ILE C 145 64.36 10.30 -28.41
C ILE C 145 63.90 9.37 -29.54
N SER C 146 64.33 8.12 -29.47
CA SER C 146 63.94 7.11 -30.46
C SER C 146 63.24 5.97 -29.73
N ILE C 147 62.09 5.55 -30.25
CA ILE C 147 61.30 4.45 -29.65
C ILE C 147 62.22 3.39 -29.03
N ASP C 148 63.26 3.02 -29.79
CA ASP C 148 64.25 2.02 -29.37
C ASP C 148 64.70 2.21 -27.93
N GLU C 149 65.47 3.28 -27.71
CA GLU C 149 66.00 3.60 -26.38
C GLU C 149 64.95 3.59 -25.26
N ILE C 150 63.67 3.43 -25.62
CA ILE C 150 62.62 3.42 -24.60
C ILE C 150 62.12 2.01 -24.25
N THR C 151 62.03 1.74 -22.95
CA THR C 151 61.53 0.45 -22.49
C THR C 151 60.04 0.65 -22.17
N PRO C 152 59.15 0.25 -23.11
CA PRO C 152 57.71 0.40 -22.89
C PRO C 152 57.20 -0.37 -21.67
N MET C 153 56.81 0.39 -20.64
CA MET C 153 56.28 -0.21 -19.41
C MET C 153 54.82 -0.62 -19.58
N GLU C 154 54.62 -1.84 -20.10
CA GLU C 154 53.27 -2.34 -20.33
C GLU C 154 52.57 -2.82 -19.06
N THR C 155 51.24 -2.70 -19.07
CA THR C 155 50.39 -3.11 -17.96
C THR C 155 49.00 -3.38 -18.54
N GLY C 156 48.01 -3.58 -17.67
CA GLY C 156 46.67 -3.86 -18.14
C GLY C 156 46.52 -5.30 -18.58
N ASP C 157 45.28 -5.72 -18.80
CA ASP C 157 45.01 -7.10 -19.23
C ASP C 157 43.82 -7.18 -20.19
N PRO C 158 43.96 -7.96 -21.28
CA PRO C 158 42.88 -8.10 -22.26
C PRO C 158 41.55 -8.53 -21.65
N LEU C 159 41.60 -8.99 -20.40
CA LEU C 159 40.39 -9.43 -19.71
C LEU C 159 39.67 -8.18 -19.22
N THR C 160 40.43 -7.09 -19.09
CA THR C 160 39.86 -5.81 -18.67
C THR C 160 40.03 -4.78 -19.77
N LEU C 161 40.16 -5.29 -20.99
CA LEU C 161 40.30 -4.47 -22.19
C LEU C 161 41.21 -3.27 -22.05
N ASN C 162 42.34 -3.44 -21.35
CA ASN C 162 43.30 -2.36 -21.17
C ASN C 162 44.74 -2.81 -21.40
N GLN C 163 44.89 -3.84 -22.23
CA GLN C 163 46.20 -4.38 -22.59
C GLN C 163 46.90 -3.28 -23.39
N ARG C 164 47.83 -2.55 -22.75
CA ARG C 164 48.52 -1.47 -23.46
C ARG C 164 50.00 -1.29 -23.14
N LYS C 165 50.72 -0.64 -24.05
CA LYS C 165 52.15 -0.37 -23.88
C LYS C 165 52.38 1.14 -23.77
N ILE C 166 52.93 1.60 -22.64
CA ILE C 166 53.18 3.03 -22.46
C ILE C 166 54.65 3.34 -22.73
N TYR C 167 54.91 4.44 -23.44
CA TYR C 167 56.27 4.85 -23.77
C TYR C 167 56.61 6.23 -23.21
N GLN C 168 57.55 6.27 -22.28
CA GLN C 168 57.99 7.52 -21.66
C GLN C 168 58.93 8.28 -22.59
N TYR C 169 58.49 9.41 -23.14
CA TYR C 169 59.37 10.19 -24.02
C TYR C 169 60.05 11.29 -23.21
N ILE C 170 59.27 12.29 -22.77
CA ILE C 170 59.84 13.35 -21.95
C ILE C 170 59.54 12.90 -20.52
N HIS C 171 60.52 12.21 -19.93
CA HIS C 171 60.41 11.66 -18.59
C HIS C 171 61.84 11.61 -18.00
N PRO C 172 61.96 11.66 -16.67
CA PRO C 172 63.29 11.61 -16.05
C PRO C 172 64.18 10.48 -16.53
N ASN C 173 63.59 9.34 -16.89
CA ASN C 173 64.37 8.19 -17.35
C ASN C 173 65.05 8.40 -18.70
N VAL C 174 64.65 9.42 -19.45
CA VAL C 174 65.27 9.65 -20.74
C VAL C 174 65.82 11.07 -20.88
N CYS C 175 65.32 12.00 -20.08
CA CYS C 175 65.83 13.39 -20.15
C CYS C 175 65.28 14.31 -19.09
N GLU C 176 65.96 15.44 -18.90
CA GLU C 176 65.56 16.42 -17.91
C GLU C 176 64.62 17.45 -18.54
N SER C 177 63.84 18.11 -17.70
CA SER C 177 62.90 19.13 -18.14
C SER C 177 62.36 19.87 -16.94
N CYS C 178 61.93 21.11 -17.14
CA CYS C 178 61.40 21.91 -16.05
C CYS C 178 60.11 21.36 -15.50
N GLN C 179 59.16 21.07 -16.39
CA GLN C 179 57.87 20.55 -15.96
C GLN C 179 57.15 19.67 -16.99
N LEU C 180 57.51 19.82 -18.26
CA LEU C 180 56.87 19.02 -19.30
C LEU C 180 57.04 17.52 -19.10
N GLN C 181 56.03 16.76 -19.50
CA GLN C 181 56.03 15.31 -19.39
C GLN C 181 55.22 14.76 -20.55
N MET C 182 55.83 13.91 -21.37
CA MET C 182 55.09 13.36 -22.51
C MET C 182 55.20 11.85 -22.57
N GLY C 183 54.20 11.25 -23.19
CA GLY C 183 54.16 9.81 -23.34
C GLY C 183 53.36 9.40 -24.56
N TYR C 184 53.67 8.19 -25.03
CA TYR C 184 53.04 7.58 -26.21
C TYR C 184 52.48 6.25 -25.69
N THR C 185 51.18 6.05 -25.87
CA THR C 185 50.56 4.81 -25.41
C THR C 185 49.79 4.17 -26.55
N ILE C 186 50.03 2.88 -26.77
CA ILE C 186 49.31 2.18 -27.83
C ILE C 186 48.48 1.05 -27.24
N LEU C 187 47.17 1.12 -27.47
CA LEU C 187 46.24 0.11 -26.99
C LEU C 187 46.32 -1.12 -27.91
N GLU C 188 46.70 -2.25 -27.32
CA GLU C 188 46.82 -3.49 -28.06
C GLU C 188 45.42 -3.98 -28.48
N PRO C 189 45.30 -4.55 -29.69
CA PRO C 189 44.01 -5.04 -30.21
C PRO C 189 43.18 -5.79 -29.19
N GLY C 190 41.91 -5.45 -29.10
CA GLY C 190 41.04 -6.14 -28.17
C GLY C 190 41.02 -5.46 -26.82
N SER C 191 41.51 -4.22 -26.78
CA SER C 191 41.53 -3.41 -25.56
C SER C 191 41.16 -1.99 -25.98
N ALA C 192 40.66 -1.19 -25.03
CA ALA C 192 40.27 0.17 -25.39
C ALA C 192 40.14 1.18 -24.23
N TRP C 193 40.78 0.91 -23.09
CA TRP C 193 40.69 1.80 -21.94
C TRP C 193 41.96 2.54 -21.51
N ASN C 194 41.79 3.55 -20.65
CA ASN C 194 42.88 4.36 -20.09
C ASN C 194 42.89 4.35 -18.55
N THR C 195 42.25 3.33 -17.95
CA THR C 195 42.20 3.20 -16.51
C THR C 195 42.65 1.81 -16.10
N ARG C 204 47.89 19.13 -11.59
CA ARG C 204 48.67 18.88 -12.80
C ARG C 204 47.76 18.53 -13.98
N MET C 205 47.59 19.47 -14.91
CA MET C 205 46.71 19.26 -16.05
C MET C 205 47.32 18.46 -17.21
N GLU C 206 46.46 17.73 -17.92
CA GLU C 206 46.90 16.93 -19.06
C GLU C 206 46.19 17.28 -20.37
N ALA C 207 46.81 16.90 -21.48
CA ALA C 207 46.26 17.13 -22.80
C ALA C 207 46.44 15.84 -23.57
N TYR C 208 45.35 15.32 -24.13
CA TYR C 208 45.41 14.08 -24.88
C TYR C 208 45.19 14.27 -26.38
N VAL C 209 45.86 13.43 -27.17
CA VAL C 209 45.70 13.44 -28.62
C VAL C 209 45.62 11.97 -29.03
N TYR C 210 44.50 11.58 -29.64
CA TYR C 210 44.31 10.20 -30.07
C TYR C 210 44.59 10.11 -31.56
N PHE C 211 45.23 9.02 -31.97
CA PHE C 211 45.56 8.83 -33.39
C PHE C 211 45.78 7.36 -33.67
N ASP C 212 46.14 7.05 -34.91
CA ASP C 212 46.37 5.67 -35.35
C ASP C 212 45.19 4.78 -35.06
N MET C 213 44.02 5.19 -35.54
CA MET C 213 42.80 4.42 -35.34
C MET C 213 42.00 4.36 -36.62
N GLU C 214 41.30 3.23 -36.84
CA GLU C 214 40.47 3.06 -38.02
C GLU C 214 39.56 4.27 -38.18
N GLU C 215 39.18 4.59 -39.41
CA GLU C 215 38.32 5.72 -39.68
C GLU C 215 37.00 5.72 -38.91
N ASP C 216 36.45 4.53 -38.65
CA ASP C 216 35.18 4.47 -37.94
C ASP C 216 35.23 4.26 -36.44
N THR C 217 36.40 3.95 -35.90
CA THR C 217 36.46 3.77 -34.45
C THR C 217 36.44 5.18 -33.88
N ARG C 218 35.88 5.32 -32.69
CA ARG C 218 35.81 6.62 -32.03
C ARG C 218 36.02 6.35 -30.55
N ILE C 219 36.59 7.32 -29.84
CA ILE C 219 36.81 7.12 -28.42
C ILE C 219 35.89 8.02 -27.60
N PHE C 220 35.44 7.51 -26.45
CA PHE C 220 34.57 8.27 -25.56
C PHE C 220 35.42 8.75 -24.41
N HIS C 221 36.01 9.94 -24.59
CA HIS C 221 36.89 10.49 -23.59
C HIS C 221 36.13 11.03 -22.39
N MET C 222 36.30 10.36 -21.26
CA MET C 222 35.63 10.75 -20.02
C MET C 222 36.32 11.96 -19.43
N MET C 223 35.55 12.85 -18.80
CA MET C 223 36.12 14.02 -18.16
C MET C 223 35.20 14.60 -17.08
N GLY C 224 35.73 15.57 -16.34
CA GLY C 224 34.97 16.21 -15.27
C GLY C 224 35.32 15.67 -13.91
N LYS C 225 34.83 16.32 -12.86
CA LYS C 225 35.08 15.87 -11.50
C LYS C 225 34.59 14.42 -11.48
N PRO C 226 35.28 13.52 -10.76
CA PRO C 226 34.84 12.12 -10.72
C PRO C 226 33.36 11.85 -10.40
N ASP C 227 32.70 12.78 -9.71
CA ASP C 227 31.27 12.61 -9.38
C ASP C 227 30.36 13.18 -10.45
N GLU C 228 30.91 14.02 -11.32
CA GLU C 228 30.13 14.63 -12.38
C GLU C 228 30.82 14.43 -13.73
N THR C 229 31.08 13.18 -14.08
CA THR C 229 31.74 12.90 -15.34
C THR C 229 30.84 13.10 -16.54
N LYS C 230 31.47 13.50 -17.64
CA LYS C 230 30.78 13.71 -18.90
C LYS C 230 31.79 13.19 -19.91
N HIS C 231 31.42 13.15 -21.19
CA HIS C 231 32.38 12.65 -22.16
C HIS C 231 32.39 13.46 -23.43
N LEU C 232 33.47 13.30 -24.19
CA LEU C 232 33.65 13.95 -25.47
C LEU C 232 33.80 12.79 -26.46
N VAL C 233 33.03 12.80 -27.55
CA VAL C 233 33.13 11.74 -28.55
C VAL C 233 34.19 12.18 -29.55
N MET C 234 35.29 11.42 -29.62
CA MET C 234 36.40 11.80 -30.49
C MET C 234 36.73 10.91 -31.69
N SER C 235 37.18 11.57 -32.77
CA SER C 235 37.58 10.91 -34.02
C SER C 235 39.09 10.78 -34.01
N ASN C 236 39.63 10.18 -35.08
CA ASN C 236 41.06 10.00 -35.20
C ASN C 236 41.75 11.36 -35.31
N GLU C 237 42.91 11.46 -34.67
CA GLU C 237 43.72 12.67 -34.68
C GLU C 237 43.06 13.94 -34.08
N GLN C 238 42.29 13.74 -33.01
CA GLN C 238 41.65 14.85 -32.31
C GLN C 238 42.22 14.89 -30.90
N ALA C 239 42.23 16.06 -30.29
CA ALA C 239 42.76 16.19 -28.94
C ALA C 239 41.76 16.70 -27.89
N ALA C 240 42.02 16.35 -26.63
CA ALA C 240 41.16 16.76 -25.54
C ALA C 240 41.97 17.42 -24.44
N ILE C 241 41.48 18.54 -23.92
CA ILE C 241 42.16 19.25 -22.83
C ILE C 241 41.56 18.74 -21.51
N SER C 242 42.41 18.34 -20.58
CA SER C 242 41.89 17.85 -19.31
C SER C 242 42.43 18.64 -18.14
N PRO C 243 41.63 19.56 -17.61
CA PRO C 243 42.03 20.39 -16.48
C PRO C 243 42.31 19.60 -15.21
N SER C 244 43.10 20.22 -14.32
CA SER C 244 43.51 19.61 -13.04
C SER C 244 42.40 18.85 -12.33
N TRP C 245 41.26 19.51 -12.15
CA TRP C 245 40.13 18.90 -11.45
C TRP C 245 39.38 17.83 -12.21
N SER C 246 39.88 17.43 -13.38
CA SER C 246 39.18 16.43 -14.19
C SER C 246 39.80 15.05 -14.38
N ILE C 247 38.92 14.10 -14.72
CA ILE C 247 39.24 12.70 -14.98
C ILE C 247 40.03 12.64 -16.31
N HIS C 248 40.85 11.61 -16.48
CA HIS C 248 41.68 11.49 -17.68
C HIS C 248 41.46 10.26 -18.55
N SER C 249 40.58 9.35 -18.14
CA SER C 249 40.36 8.12 -18.91
C SER C 249 39.45 8.20 -20.14
N GLY C 250 39.51 7.17 -20.97
CA GLY C 250 38.69 7.10 -22.17
C GLY C 250 38.52 5.69 -22.71
N VAL C 251 37.39 5.42 -23.34
CA VAL C 251 37.14 4.09 -23.91
C VAL C 251 37.03 4.21 -25.40
N GLY C 252 37.67 3.29 -26.11
CA GLY C 252 37.62 3.30 -27.55
C GLY C 252 36.68 2.26 -28.06
N THR C 253 36.16 2.49 -29.25
CA THR C 253 35.26 1.56 -29.91
C THR C 253 36.13 0.39 -30.40
N SER C 254 37.41 0.68 -30.56
CA SER C 254 38.39 -0.29 -31.01
C SER C 254 39.78 0.11 -30.51
N ASN C 255 40.82 -0.31 -31.23
CA ASN C 255 42.21 -0.01 -30.86
C ASN C 255 42.56 1.42 -31.22
N TYR C 256 43.57 1.96 -30.55
CA TYR C 256 44.02 3.32 -30.80
C TYR C 256 45.29 3.57 -30.01
N SER C 257 45.96 4.67 -30.35
CA SER C 257 47.18 5.09 -29.67
C SER C 257 46.90 6.51 -29.22
N PHE C 258 47.74 7.05 -28.35
CA PHE C 258 47.56 8.42 -27.90
C PHE C 258 48.80 8.95 -27.21
N ILE C 259 49.01 10.26 -27.36
CA ILE C 259 50.14 10.94 -26.74
C ILE C 259 49.54 11.81 -25.64
N TRP C 260 50.04 11.64 -24.42
CA TRP C 260 49.56 12.46 -23.30
C TRP C 260 50.69 13.39 -22.88
N ALA C 261 50.37 14.67 -22.68
CA ALA C 261 51.35 15.65 -22.26
C ALA C 261 50.82 16.35 -21.02
N MET C 262 51.67 16.53 -20.02
CA MET C 262 51.23 17.19 -18.79
C MET C 262 52.30 18.05 -18.16
N CYS C 263 51.89 18.88 -17.21
CA CYS C 263 52.79 19.77 -16.49
C CYS C 263 52.02 20.39 -15.32
N GLY C 264 52.76 20.99 -14.39
CA GLY C 264 52.14 21.65 -13.26
C GLY C 264 52.49 21.09 -11.90
N GLN D 4 -21.91 25.81 15.10
CA GLN D 4 -20.54 25.18 15.22
C GLN D 4 -19.72 25.82 16.32
N ASN D 5 -19.04 24.99 17.11
CA ASN D 5 -18.21 25.47 18.22
C ASN D 5 -17.13 24.45 18.64
N MET D 6 -15.90 24.92 18.83
CA MET D 6 -14.79 24.04 19.21
C MET D 6 -13.97 24.57 20.37
N GLU D 7 -14.11 23.97 21.55
CA GLU D 7 -13.36 24.40 22.74
C GLU D 7 -12.01 23.68 22.82
N THR D 8 -10.91 24.44 22.88
CA THR D 8 -9.61 23.78 22.95
C THR D 8 -9.26 23.54 24.40
N ARG D 9 -8.51 22.48 24.68
CA ARG D 9 -8.12 22.16 26.05
C ARG D 9 -6.66 21.77 26.14
N TYR D 10 -5.92 22.49 26.97
CA TYR D 10 -4.52 22.20 27.17
C TYR D 10 -4.38 20.93 27.97
N THR D 11 -3.23 20.30 27.83
CA THR D 11 -2.96 19.06 28.55
C THR D 11 -2.14 19.44 29.77
N HIS D 12 -2.05 18.51 30.71
CA HIS D 12 -1.30 18.78 31.92
C HIS D 12 -0.38 17.61 32.21
N SER D 13 0.25 17.65 33.38
CA SER D 13 1.14 16.58 33.78
C SER D 13 0.54 15.97 35.02
N PRO D 14 0.86 14.70 35.31
CA PRO D 14 0.31 14.06 36.51
C PRO D 14 0.54 14.90 37.78
N ALA D 15 1.56 15.75 37.75
CA ALA D 15 1.83 16.59 38.90
C ALA D 15 0.91 17.81 38.91
N ASP D 16 0.67 18.42 37.74
CA ASP D 16 -0.20 19.58 37.69
C ASP D 16 -1.56 19.25 38.30
N ILE D 17 -2.04 18.04 38.00
CA ILE D 17 -3.33 17.51 38.43
C ILE D 17 -3.35 16.91 39.85
N ARG D 18 -2.18 16.64 40.41
CA ARG D 18 -2.10 16.04 41.73
C ARG D 18 -3.06 16.53 42.82
N HIS D 19 -3.29 17.84 42.93
CA HIS D 19 -4.22 18.32 43.96
C HIS D 19 -5.46 18.98 43.38
N TYR D 20 -5.75 18.65 42.12
CA TYR D 20 -6.92 19.15 41.41
C TYR D 20 -8.19 18.84 42.21
N SER D 21 -9.17 19.73 42.15
CA SER D 21 -10.42 19.49 42.85
C SER D 21 -11.33 18.75 41.86
N THR D 22 -12.42 18.18 42.37
CA THR D 22 -13.36 17.46 41.52
C THR D 22 -13.78 18.40 40.38
N GLU D 23 -13.94 19.67 40.71
CA GLU D 23 -14.33 20.65 39.72
C GLU D 23 -13.25 20.72 38.66
N GLN D 24 -12.04 21.09 39.07
CA GLN D 24 -10.92 21.21 38.14
C GLN D 24 -10.82 20.01 37.19
N LEU D 25 -10.82 18.81 37.76
CA LEU D 25 -10.77 17.59 36.96
C LEU D 25 -11.82 17.63 35.87
N ARG D 26 -13.05 17.89 36.27
CA ARG D 26 -14.13 17.95 35.28
C ARG D 26 -13.85 19.02 34.23
N ASP D 27 -13.39 20.18 34.68
CA ASP D 27 -13.11 21.28 33.77
C ASP D 27 -12.06 20.94 32.71
N GLU D 28 -11.07 20.17 33.09
CA GLU D 28 -10.02 19.81 32.15
C GLU D 28 -10.22 18.53 31.35
N PHE D 29 -10.76 17.49 31.97
CA PHE D 29 -10.91 16.23 31.26
C PHE D 29 -12.30 15.75 30.88
N LEU D 30 -13.33 16.47 31.29
CA LEU D 30 -14.70 16.06 30.98
C LEU D 30 -15.40 16.98 29.97
N VAL D 31 -16.01 16.39 28.96
CA VAL D 31 -16.76 17.17 27.98
C VAL D 31 -18.21 16.82 28.31
N GLU D 32 -18.94 17.76 28.91
CA GLU D 32 -20.33 17.52 29.30
C GLU D 32 -21.36 17.45 28.18
N LYS D 33 -21.16 18.22 27.12
CA LYS D 33 -22.10 18.18 26.00
C LYS D 33 -21.36 17.78 24.73
N VAL D 34 -21.74 16.63 24.18
CA VAL D 34 -21.10 16.17 22.97
C VAL D 34 -22.05 16.27 21.78
N PHE D 35 -23.31 15.92 22.00
CA PHE D 35 -24.28 15.98 20.93
C PHE D 35 -25.37 16.99 21.22
N ILE D 36 -25.13 18.23 20.83
CA ILE D 36 -26.14 19.26 21.02
C ILE D 36 -26.77 19.46 19.65
N PRO D 37 -28.03 18.97 19.48
CA PRO D 37 -28.85 19.02 18.27
C PRO D 37 -28.92 20.33 17.51
N GLY D 38 -28.68 20.23 16.20
CA GLY D 38 -28.71 21.40 15.33
C GLY D 38 -27.36 22.07 15.17
N ALA D 39 -26.37 21.62 15.93
CA ALA D 39 -25.03 22.20 15.88
C ALA D 39 -23.92 21.18 16.02
N ILE D 40 -22.72 21.60 15.71
CA ILE D 40 -21.58 20.71 15.85
C ILE D 40 -20.85 21.18 17.11
N SER D 41 -20.61 20.25 18.02
CA SER D 41 -19.95 20.53 19.28
C SER D 41 -18.62 19.82 19.26
N LEU D 42 -17.54 20.58 19.15
CA LEU D 42 -16.22 19.98 19.11
C LEU D 42 -15.27 20.48 20.18
N THR D 43 -14.28 19.65 20.50
CA THR D 43 -13.28 19.99 21.49
C THR D 43 -11.91 19.60 20.93
N TYR D 44 -10.98 20.56 20.93
CA TYR D 44 -9.62 20.40 20.44
C TYR D 44 -8.69 20.13 21.62
N THR D 45 -8.13 18.92 21.68
CA THR D 45 -7.23 18.61 22.78
C THR D 45 -5.77 18.69 22.33
N HIS D 46 -4.95 19.40 23.10
CA HIS D 46 -3.54 19.53 22.76
C HIS D 46 -2.82 18.20 22.86
N ASN D 47 -3.52 17.20 23.38
CA ASN D 47 -2.96 15.86 23.48
C ASN D 47 -3.00 15.38 22.03
N ASP D 48 -1.88 15.48 21.34
CA ASP D 48 -1.78 15.05 19.95
C ASP D 48 -2.69 15.79 18.97
N ARG D 49 -3.24 16.91 19.40
CA ARG D 49 -4.08 17.71 18.52
C ARG D 49 -5.33 17.05 17.95
N MET D 50 -5.92 16.13 18.71
CA MET D 50 -7.13 15.48 18.25
C MET D 50 -8.31 16.42 18.47
N ILE D 51 -9.21 16.49 17.49
CA ILE D 51 -10.39 17.33 17.63
C ILE D 51 -11.53 16.32 17.52
N PHE D 52 -12.31 16.23 18.59
CA PHE D 52 -13.43 15.29 18.62
C PHE D 52 -14.69 15.99 19.10
N GLY D 53 -15.81 15.30 18.96
CA GLY D 53 -17.07 15.88 19.39
C GLY D 53 -18.21 15.33 18.56
N GLY D 54 -19.36 15.96 18.69
CA GLY D 54 -20.50 15.47 17.95
C GLY D 54 -21.20 16.47 17.06
N VAL D 55 -21.42 16.07 15.81
CA VAL D 55 -22.14 16.90 14.85
C VAL D 55 -23.44 16.15 14.68
N THR D 56 -24.49 16.71 15.29
CA THR D 56 -25.82 16.13 15.26
C THR D 56 -26.78 17.05 14.51
N PRO D 57 -26.90 16.84 13.18
CA PRO D 57 -27.76 17.65 12.30
C PRO D 57 -29.24 17.35 12.49
N THR D 58 -30.06 18.39 12.36
CA THR D 58 -31.49 18.22 12.52
C THR D 58 -32.27 18.71 11.32
N THR D 59 -32.41 20.02 11.26
CA THR D 59 -33.17 20.67 10.20
C THR D 59 -32.30 21.31 9.13
N GLU D 60 -31.00 21.07 9.18
CA GLU D 60 -30.09 21.65 8.20
C GLU D 60 -28.80 20.86 8.18
N GLU D 61 -28.37 20.42 7.01
CA GLU D 61 -27.13 19.64 6.95
C GLU D 61 -25.99 20.46 7.56
N LEU D 62 -25.07 19.77 8.22
CA LEU D 62 -23.94 20.42 8.87
C LEU D 62 -22.59 20.01 8.27
N GLU D 63 -21.64 20.93 8.35
CA GLU D 63 -20.29 20.71 7.86
C GLU D 63 -19.31 21.46 8.77
N ILE D 64 -18.28 20.75 9.21
CA ILE D 64 -17.26 21.34 10.08
C ILE D 64 -16.40 22.26 9.21
N ILE D 65 -16.57 23.57 9.37
CA ILE D 65 -15.77 24.51 8.59
C ILE D 65 -14.68 25.11 9.46
N LEU D 66 -13.45 24.68 9.18
CA LEU D 66 -12.28 25.12 9.91
C LEU D 66 -11.15 25.31 8.92
N ASP D 67 -10.43 26.43 9.04
CA ASP D 67 -9.31 26.71 8.16
C ASP D 67 -8.28 27.62 8.83
N LYS D 68 -8.64 28.88 9.02
CA LYS D 68 -7.73 29.82 9.67
C LYS D 68 -7.38 29.31 11.07
N GLU D 69 -8.36 28.76 11.76
CA GLU D 69 -8.17 28.23 13.10
C GLU D 69 -7.09 27.15 13.12
N LEU D 70 -6.92 26.44 12.01
CA LEU D 70 -5.92 25.37 11.93
C LEU D 70 -4.83 25.67 10.91
N GLY D 71 -4.67 26.94 10.54
CA GLY D 71 -3.66 27.30 9.58
C GLY D 71 -3.71 26.50 8.28
N VAL D 72 -4.92 26.31 7.76
CA VAL D 72 -5.13 25.57 6.52
C VAL D 72 -6.30 26.18 5.78
N ASP D 73 -6.54 25.72 4.56
CA ASP D 73 -7.63 26.23 3.73
C ASP D 73 -8.96 25.54 4.03
N TYR D 74 -8.90 24.25 4.38
CA TYR D 74 -10.12 23.50 4.68
C TYR D 74 -9.86 22.41 5.72
N PHE D 75 -10.88 22.18 6.56
CA PHE D 75 -10.83 21.21 7.64
C PHE D 75 -9.91 20.00 7.52
N LEU D 76 -10.05 19.24 6.44
CA LEU D 76 -9.23 18.04 6.31
C LEU D 76 -8.03 18.13 5.40
N GLU D 77 -7.57 19.35 5.11
CA GLU D 77 -6.41 19.51 4.23
C GLU D 77 -5.24 18.66 4.70
N ARG D 78 -5.05 18.60 6.02
CA ARG D 78 -3.95 17.82 6.58
C ARG D 78 -4.39 16.92 7.73
N ARG D 79 -5.62 16.44 7.66
CA ARG D 79 -6.16 15.58 8.71
C ARG D 79 -7.02 14.44 8.17
N GLU D 80 -7.12 13.38 8.96
CA GLU D 80 -7.96 12.24 8.61
C GLU D 80 -9.07 12.30 9.64
N LEU D 81 -10.20 11.68 9.35
CA LEU D 81 -11.32 11.71 10.29
C LEU D 81 -12.15 10.44 10.33
N GLY D 82 -12.52 10.01 11.53
CA GLY D 82 -13.32 8.82 11.69
C GLY D 82 -14.70 9.23 12.15
N VAL D 83 -15.74 8.51 11.71
CA VAL D 83 -17.11 8.85 12.09
C VAL D 83 -17.95 7.64 12.38
N ILE D 84 -18.82 7.75 13.39
CA ILE D 84 -19.73 6.66 13.73
C ILE D 84 -21.06 7.27 14.16
N ASN D 85 -22.15 6.89 13.50
CA ASN D 85 -23.45 7.44 13.84
C ASN D 85 -24.04 6.71 15.05
N ILE D 86 -24.25 7.46 16.11
CA ILE D 86 -24.76 6.92 17.36
C ILE D 86 -26.27 7.07 17.48
N GLY D 87 -26.85 7.97 16.70
CA GLY D 87 -28.28 8.21 16.77
C GLY D 87 -29.16 7.63 15.67
N GLY D 88 -30.10 8.46 15.20
CA GLY D 88 -31.01 8.04 14.15
C GLY D 88 -30.38 8.01 12.77
N PRO D 89 -31.06 7.43 11.78
CA PRO D 89 -30.53 7.35 10.41
C PRO D 89 -30.23 8.71 9.79
N GLY D 90 -29.13 8.78 9.07
CA GLY D 90 -28.76 10.03 8.44
C GLY D 90 -28.02 9.82 7.13
N PHE D 91 -27.30 10.85 6.71
CA PHE D 91 -26.54 10.80 5.47
C PHE D 91 -25.21 11.51 5.64
N ILE D 92 -24.22 11.06 4.88
CA ILE D 92 -22.90 11.67 4.89
C ILE D 92 -22.59 11.95 3.44
N GLU D 93 -22.16 13.17 3.15
CA GLU D 93 -21.85 13.56 1.79
C GLU D 93 -20.37 13.93 1.72
N ILE D 94 -19.57 13.01 1.21
CA ILE D 94 -18.14 13.27 1.09
C ILE D 94 -17.82 13.64 -0.36
N ASP D 95 -17.54 14.93 -0.56
CA ASP D 95 -17.23 15.52 -1.86
C ASP D 95 -18.26 15.20 -2.94
N GLY D 96 -19.53 15.43 -2.63
CA GLY D 96 -20.58 15.14 -3.59
C GLY D 96 -21.28 13.81 -3.35
N ALA D 97 -20.50 12.74 -3.19
CA ALA D 97 -21.06 11.41 -2.94
C ALA D 97 -21.86 11.37 -1.64
N LYS D 98 -23.17 11.18 -1.76
CA LYS D 98 -24.06 11.13 -0.59
C LYS D 98 -24.47 9.69 -0.31
N GLU D 99 -24.13 9.20 0.89
CA GLU D 99 -24.48 7.84 1.27
C GLU D 99 -25.42 7.85 2.45
N THR D 100 -25.86 6.66 2.84
CA THR D 100 -26.74 6.54 3.98
C THR D 100 -25.94 6.08 5.18
N MET D 101 -26.13 6.76 6.31
CA MET D 101 -25.45 6.44 7.55
C MET D 101 -26.48 6.03 8.60
N LYS D 102 -26.63 4.73 8.78
CA LYS D 102 -27.57 4.18 9.75
C LYS D 102 -26.82 4.06 11.06
N LYS D 103 -27.53 3.97 12.18
CA LYS D 103 -26.87 3.82 13.46
C LYS D 103 -25.84 2.70 13.37
N GLN D 104 -24.68 2.92 13.99
CA GLN D 104 -23.59 1.96 14.00
C GLN D 104 -22.80 1.97 12.71
N ASP D 105 -23.21 2.77 11.74
CA ASP D 105 -22.48 2.87 10.48
C ASP D 105 -21.32 3.81 10.74
N GLY D 106 -20.18 3.51 10.15
CA GLY D 106 -19.01 4.35 10.38
C GLY D 106 -18.34 4.77 9.09
N TYR D 107 -17.24 5.50 9.20
CA TYR D 107 -16.55 5.96 8.00
C TYR D 107 -15.15 6.50 8.26
N TYR D 108 -14.20 6.10 7.42
CA TYR D 108 -12.84 6.60 7.53
C TYR D 108 -12.64 7.56 6.37
N ILE D 109 -12.47 8.84 6.66
CA ILE D 109 -12.24 9.81 5.61
C ILE D 109 -10.80 10.29 5.69
N GLY D 110 -10.12 10.28 4.55
CA GLY D 110 -8.72 10.67 4.53
C GLY D 110 -8.37 12.10 4.18
N LYS D 111 -7.08 12.37 4.33
CA LYS D 111 -6.49 13.67 4.06
C LYS D 111 -6.90 14.27 2.72
N GLU D 112 -7.14 15.58 2.72
CA GLU D 112 -7.50 16.33 1.52
C GLU D 112 -8.91 16.24 0.96
N THR D 113 -9.83 15.55 1.63
CA THR D 113 -11.20 15.53 1.12
C THR D 113 -11.78 16.91 1.48
N LYS D 114 -12.28 17.62 0.47
CA LYS D 114 -12.80 18.98 0.66
C LYS D 114 -14.01 19.21 1.54
N HIS D 115 -15.13 18.54 1.26
CA HIS D 115 -16.34 18.75 2.06
C HIS D 115 -17.02 17.50 2.56
N VAL D 116 -17.18 17.40 3.88
CA VAL D 116 -17.87 16.25 4.47
C VAL D 116 -19.11 16.82 5.16
N ARG D 117 -20.27 16.59 4.55
CA ARG D 117 -21.51 17.13 5.10
C ARG D 117 -22.42 16.09 5.74
N PHE D 118 -22.89 16.41 6.95
CA PHE D 118 -23.74 15.50 7.71
C PHE D 118 -25.19 15.94 7.73
N SER D 119 -26.10 14.97 7.65
CA SER D 119 -27.53 15.24 7.66
C SER D 119 -28.35 14.08 8.21
N SER D 120 -29.52 14.41 8.76
CA SER D 120 -30.40 13.40 9.32
C SER D 120 -31.63 13.26 8.40
N GLU D 121 -32.37 12.17 8.53
CA GLU D 121 -33.56 12.02 7.70
C GLU D 121 -34.80 12.31 8.55
N ASN D 122 -34.58 12.68 9.81
CA ASN D 122 -35.68 12.98 10.72
C ASN D 122 -35.18 13.85 11.87
N PRO D 123 -35.55 15.14 11.86
CA PRO D 123 -35.14 16.11 12.89
C PRO D 123 -35.58 15.71 14.31
N ASP D 124 -36.63 14.91 14.39
CA ASP D 124 -37.17 14.46 15.66
C ASP D 124 -36.25 13.42 16.31
N ASN D 125 -35.63 12.58 15.47
CA ASN D 125 -34.70 11.55 15.92
C ASN D 125 -33.44 11.73 15.07
N PRO D 126 -32.71 12.83 15.33
CA PRO D 126 -31.49 13.17 14.60
C PRO D 126 -30.38 12.13 14.67
N ALA D 127 -29.52 12.17 13.67
CA ALA D 127 -28.38 11.28 13.61
C ALA D 127 -27.33 11.95 14.47
N LYS D 128 -26.70 11.19 15.36
CA LYS D 128 -25.66 11.75 16.21
C LYS D 128 -24.33 11.25 15.68
N PHE D 129 -23.67 12.09 14.89
CA PHE D 129 -22.37 11.74 14.32
C PHE D 129 -21.23 12.08 15.28
N TYR D 130 -20.55 11.05 15.76
CA TYR D 130 -19.41 11.26 16.65
C TYR D 130 -18.17 11.23 15.78
N ILE D 131 -17.43 12.34 15.75
CA ILE D 131 -16.24 12.40 14.93
C ILE D 131 -14.97 12.55 15.72
N SER D 132 -13.90 11.91 15.25
CA SER D 132 -12.60 11.96 15.88
C SER D 132 -11.65 12.32 14.77
N CYS D 133 -11.18 13.56 14.77
CA CYS D 133 -10.27 14.04 13.73
C CYS D 133 -8.85 14.19 14.25
N VAL D 134 -7.90 13.78 13.43
CA VAL D 134 -6.49 13.82 13.80
C VAL D 134 -5.58 14.22 12.62
N PRO D 135 -4.43 14.83 12.91
CA PRO D 135 -3.51 15.23 11.82
C PRO D 135 -3.02 14.05 11.02
N ALA D 136 -2.99 14.20 9.70
CA ALA D 136 -2.53 13.14 8.80
C ALA D 136 -1.58 13.67 7.71
N HIS D 137 -0.46 13.00 7.52
CA HIS D 137 0.53 13.41 6.52
C HIS D 137 0.37 12.69 5.19
N HIS D 138 -0.31 11.54 5.21
CA HIS D 138 -0.49 10.76 4.01
C HIS D 138 -1.97 10.56 3.72
N LYS D 139 -2.32 10.40 2.46
CA LYS D 139 -3.72 10.23 2.10
C LYS D 139 -4.09 8.79 1.77
N TYR D 140 -5.01 8.24 2.56
CA TYR D 140 -5.49 6.89 2.31
C TYR D 140 -6.91 7.02 1.80
N PRO D 141 -7.42 5.97 1.14
CA PRO D 141 -8.78 5.99 0.60
C PRO D 141 -9.88 6.05 1.65
N ASN D 142 -10.98 6.72 1.31
CA ASN D 142 -12.12 6.80 2.22
C ASN D 142 -12.77 5.43 2.17
N VAL D 143 -13.20 4.91 3.31
CA VAL D 143 -13.84 3.61 3.31
C VAL D 143 -15.01 3.58 4.30
N LYS D 144 -16.17 3.16 3.80
CA LYS D 144 -17.36 3.07 4.65
C LYS D 144 -17.28 1.80 5.49
N ILE D 145 -17.74 1.91 6.73
CA ILE D 145 -17.71 0.79 7.65
C ILE D 145 -19.12 0.50 8.15
N SER D 146 -19.52 -0.76 8.07
CA SER D 146 -20.83 -1.19 8.54
C SER D 146 -20.63 -2.27 9.59
N ILE D 147 -21.32 -2.14 10.73
CA ILE D 147 -21.23 -3.11 11.82
C ILE D 147 -21.05 -4.54 11.30
N ASP D 148 -21.83 -4.89 10.28
CA ASP D 148 -21.80 -6.21 9.65
C ASP D 148 -20.38 -6.69 9.35
N GLU D 149 -19.71 -6.01 8.41
CA GLU D 149 -18.35 -6.35 8.01
C GLU D 149 -17.36 -6.47 9.19
N ILE D 150 -17.79 -6.13 10.40
CA ILE D 150 -16.89 -6.21 11.55
C ILE D 150 -17.14 -7.42 12.44
N THR D 151 -16.06 -8.12 12.77
CA THR D 151 -16.15 -9.30 13.64
C THR D 151 -15.85 -8.81 15.05
N PRO D 152 -16.91 -8.61 15.86
CA PRO D 152 -16.72 -8.13 17.23
C PRO D 152 -15.91 -9.12 18.08
N MET D 153 -14.69 -8.70 18.45
CA MET D 153 -13.81 -9.53 19.27
C MET D 153 -14.19 -9.43 20.74
N GLU D 154 -15.14 -10.26 21.17
CA GLU D 154 -15.61 -10.25 22.54
C GLU D 154 -14.66 -10.93 23.53
N THR D 155 -14.68 -10.44 24.76
CA THR D 155 -13.86 -10.95 25.85
C THR D 155 -14.57 -10.60 27.16
N GLY D 156 -13.88 -10.82 28.27
CA GLY D 156 -14.49 -10.52 29.56
C GLY D 156 -15.47 -11.59 29.99
N ASP D 157 -15.89 -11.54 31.25
CA ASP D 157 -16.82 -12.54 31.78
C ASP D 157 -17.78 -11.93 32.79
N PRO D 158 -19.08 -12.28 32.71
CA PRO D 158 -20.09 -11.75 33.63
C PRO D 158 -19.75 -11.96 35.10
N LEU D 159 -18.77 -12.82 35.35
CA LEU D 159 -18.36 -13.12 36.71
C LEU D 159 -17.48 -11.99 37.17
N THR D 160 -16.90 -11.27 36.21
CA THR D 160 -16.03 -10.13 36.51
C THR D 160 -16.64 -8.87 35.93
N LEU D 161 -17.95 -8.92 35.75
CA LEU D 161 -18.73 -7.81 35.23
C LEU D 161 -18.10 -7.06 34.08
N ASN D 162 -17.48 -7.78 33.14
CA ASN D 162 -16.86 -7.15 31.99
C ASN D 162 -17.19 -7.88 30.68
N GLN D 163 -18.33 -8.53 30.65
CA GLN D 163 -18.80 -9.26 29.49
C GLN D 163 -19.08 -8.19 28.42
N ARG D 164 -18.17 -8.03 27.46
CA ARG D 164 -18.37 -7.01 26.43
C ARG D 164 -17.94 -7.38 25.00
N LYS D 165 -18.50 -6.68 24.02
CA LYS D 165 -18.18 -6.91 22.61
C LYS D 165 -17.48 -5.66 22.06
N ILE D 166 -16.25 -5.80 21.57
CA ILE D 166 -15.53 -4.66 21.02
C ILE D 166 -15.58 -4.71 19.50
N TYR D 167 -15.80 -3.54 18.88
CA TYR D 167 -15.89 -3.45 17.42
C TYR D 167 -14.83 -2.53 16.83
N GLN D 168 -13.92 -3.09 16.05
CA GLN D 168 -12.84 -2.31 15.44
C GLN D 168 -13.35 -1.57 14.21
N TYR D 169 -13.45 -0.25 14.27
CA TYR D 169 -13.92 0.52 13.10
C TYR D 169 -12.72 1.02 12.31
N ILE D 170 -11.98 1.97 12.88
CA ILE D 170 -10.79 2.46 12.19
C ILE D 170 -9.66 1.65 12.79
N HIS D 171 -9.35 0.54 12.13
CA HIS D 171 -8.32 -0.40 12.55
C HIS D 171 -7.74 -1.06 11.29
N PRO D 172 -6.48 -1.51 11.33
CA PRO D 172 -5.87 -2.16 10.16
C PRO D 172 -6.70 -3.25 9.51
N ASN D 173 -7.48 -3.98 10.30
CA ASN D 173 -8.33 -5.05 9.77
C ASN D 173 -9.46 -4.58 8.87
N VAL D 174 -9.79 -3.28 8.89
CA VAL D 174 -10.87 -2.78 8.04
C VAL D 174 -10.42 -1.62 7.16
N CYS D 175 -9.35 -0.93 7.52
CA CYS D 175 -8.87 0.17 6.68
C CYS D 175 -7.54 0.75 7.14
N GLU D 176 -6.90 1.50 6.24
CA GLU D 176 -5.63 2.14 6.55
C GLU D 176 -5.86 3.56 7.11
N SER D 177 -4.87 4.06 7.83
CA SER D 177 -4.93 5.39 8.41
C SER D 177 -3.55 5.77 8.92
N CYS D 178 -3.27 7.07 9.01
CA CYS D 178 -1.97 7.53 9.47
C CYS D 178 -1.74 7.21 10.94
N GLN D 179 -2.72 7.55 11.78
CA GLN D 179 -2.58 7.27 13.20
C GLN D 179 -3.90 7.08 13.93
N LEU D 180 -5.01 7.56 13.36
CA LEU D 180 -6.30 7.41 14.02
C LEU D 180 -6.69 5.95 14.26
N GLN D 181 -7.37 5.71 15.37
CA GLN D 181 -7.84 4.37 15.75
C GLN D 181 -9.16 4.54 16.47
N MET D 182 -10.21 3.90 15.98
CA MET D 182 -11.51 4.01 16.62
C MET D 182 -12.16 2.67 16.88
N GLY D 183 -13.00 2.63 17.92
CA GLY D 183 -13.69 1.41 18.28
C GLY D 183 -15.01 1.70 18.96
N TYR D 184 -15.90 0.71 18.87
CA TYR D 184 -17.24 0.76 19.46
C TYR D 184 -17.31 -0.44 20.40
N THR D 185 -17.60 -0.19 21.67
CA THR D 185 -17.68 -1.27 22.66
C THR D 185 -19.02 -1.23 23.36
N ILE D 186 -19.68 -2.38 23.44
CA ILE D 186 -20.95 -2.44 24.13
C ILE D 186 -20.90 -3.42 25.30
N LEU D 187 -21.15 -2.91 26.49
CA LEU D 187 -21.15 -3.71 27.70
C LEU D 187 -22.45 -4.49 27.78
N GLU D 188 -22.33 -5.80 27.78
CA GLU D 188 -23.49 -6.67 27.86
C GLU D 188 -24.12 -6.55 29.25
N PRO D 189 -25.46 -6.60 29.34
CA PRO D 189 -26.19 -6.50 30.61
C PRO D 189 -25.57 -7.31 31.75
N GLY D 190 -25.43 -6.68 32.92
CA GLY D 190 -24.85 -7.36 34.05
C GLY D 190 -23.35 -7.22 34.12
N SER D 191 -22.81 -6.28 33.36
CA SER D 191 -21.37 -6.02 33.33
C SER D 191 -21.24 -4.51 33.27
N ALA D 192 -20.08 -3.98 33.67
CA ALA D 192 -19.91 -2.53 33.63
C ALA D 192 -18.46 -2.00 33.68
N TRP D 193 -17.49 -2.84 33.32
CA TRP D 193 -16.08 -2.43 33.36
C TRP D 193 -15.34 -2.29 32.03
N ASN D 194 -14.16 -1.65 32.07
CA ASN D 194 -13.28 -1.42 30.92
C ASN D 194 -11.86 -2.00 31.14
N THR D 195 -11.73 -2.93 32.08
CA THR D 195 -10.44 -3.54 32.37
C THR D 195 -10.39 -4.96 31.83
N ARG D 204 -0.23 6.25 24.61
CA ARG D 204 -1.00 7.00 23.63
C ARG D 204 -2.17 7.76 24.24
N MET D 205 -2.70 8.71 23.50
CA MET D 205 -3.82 9.51 23.98
C MET D 205 -5.14 8.90 23.54
N GLU D 206 -6.04 8.69 24.51
CA GLU D 206 -7.35 8.19 24.16
C GLU D 206 -8.44 9.17 24.57
N ALA D 207 -9.59 9.08 23.91
CA ALA D 207 -10.74 9.94 24.20
C ALA D 207 -11.95 9.03 24.22
N TYR D 208 -12.71 9.08 25.30
CA TYR D 208 -13.89 8.23 25.42
C TYR D 208 -15.19 9.03 25.38
N VAL D 209 -16.21 8.39 24.81
CA VAL D 209 -17.55 8.98 24.76
C VAL D 209 -18.51 7.85 25.14
N TYR D 210 -19.25 8.03 26.22
CA TYR D 210 -20.20 7.02 26.67
C TYR D 210 -21.59 7.41 26.21
N PHE D 211 -22.38 6.43 25.80
CA PHE D 211 -23.74 6.68 25.33
C PHE D 211 -24.58 5.42 25.44
N ASP D 212 -25.82 5.50 24.97
CA ASP D 212 -26.75 4.36 25.04
C ASP D 212 -26.88 3.81 26.46
N MET D 213 -27.21 4.69 27.40
CA MET D 213 -27.38 4.28 28.78
C MET D 213 -28.62 4.93 29.39
N GLU D 214 -29.29 4.20 30.29
CA GLU D 214 -30.48 4.72 30.96
C GLU D 214 -30.18 6.11 31.50
N GLU D 215 -31.22 6.93 31.61
CA GLU D 215 -31.04 8.29 32.12
C GLU D 215 -30.39 8.38 33.50
N ASP D 216 -30.62 7.38 34.35
CA ASP D 216 -30.05 7.42 35.69
C ASP D 216 -28.76 6.66 35.92
N THR D 217 -28.33 5.86 34.96
CA THR D 217 -27.08 5.15 35.15
C THR D 217 -25.99 6.20 34.91
N ARG D 218 -24.87 6.05 35.61
CA ARG D 218 -23.77 6.98 35.44
C ARG D 218 -22.50 6.16 35.52
N ILE D 219 -21.44 6.59 34.86
CA ILE D 219 -20.20 5.82 34.89
C ILE D 219 -19.13 6.56 35.67
N PHE D 220 -18.32 5.82 36.40
CA PHE D 220 -17.22 6.40 37.17
C PHE D 220 -15.96 6.16 36.39
N HIS D 221 -15.61 7.12 35.53
CA HIS D 221 -14.42 6.99 34.69
C HIS D 221 -13.14 7.24 35.46
N MET D 222 -12.35 6.19 35.63
CA MET D 222 -11.09 6.26 36.35
C MET D 222 -10.03 6.91 35.47
N MET D 223 -9.14 7.68 36.09
CA MET D 223 -8.07 8.32 35.35
C MET D 223 -6.89 8.67 36.24
N GLY D 224 -5.82 9.14 35.60
CA GLY D 224 -4.64 9.52 36.33
C GLY D 224 -3.58 8.44 36.33
N LYS D 225 -2.39 8.78 36.80
CA LYS D 225 -1.29 7.82 36.87
C LYS D 225 -1.86 6.67 37.71
N PRO D 226 -1.54 5.41 37.35
CA PRO D 226 -2.07 4.29 38.14
C PRO D 226 -1.92 4.36 39.67
N ASP D 227 -0.96 5.11 40.17
CA ASP D 227 -0.77 5.23 41.62
C ASP D 227 -1.57 6.39 42.21
N GLU D 228 -2.02 7.30 41.36
CA GLU D 228 -2.78 8.45 41.80
C GLU D 228 -4.07 8.56 41.00
N THR D 229 -4.88 7.51 41.01
CA THR D 229 -6.11 7.55 40.26
C THR D 229 -7.17 8.42 40.90
N LYS D 230 -8.01 9.00 40.04
CA LYS D 230 -9.11 9.85 40.44
C LYS D 230 -10.21 9.48 39.46
N HIS D 231 -11.42 9.97 39.65
CA HIS D 231 -12.46 9.64 38.71
C HIS D 231 -13.31 10.82 38.32
N LEU D 232 -14.02 10.64 37.21
CA LEU D 232 -14.93 11.64 36.68
C LEU D 232 -16.28 10.95 36.69
N VAL D 233 -17.30 11.61 37.24
CA VAL D 233 -18.64 11.00 37.27
C VAL D 233 -19.34 11.45 35.99
N MET D 234 -19.66 10.50 35.11
CA MET D 234 -20.27 10.86 33.83
C MET D 234 -21.72 10.42 33.56
N SER D 235 -22.44 11.25 32.80
CA SER D 235 -23.84 11.01 32.40
C SER D 235 -23.82 10.46 30.98
N ASN D 236 -25.01 10.16 30.46
CA ASN D 236 -25.13 9.66 29.11
C ASN D 236 -24.67 10.70 28.08
N GLU D 237 -23.97 10.22 27.06
CA GLU D 237 -23.48 11.07 25.99
C GLU D 237 -22.47 12.14 26.39
N GLN D 238 -21.60 11.79 27.34
CA GLN D 238 -20.53 12.69 27.79
C GLN D 238 -19.20 12.04 27.44
N ALA D 239 -18.17 12.86 27.24
CA ALA D 239 -16.86 12.34 26.88
C ALA D 239 -15.75 12.70 27.86
N ALA D 240 -14.72 11.87 27.90
CA ALA D 240 -13.58 12.08 28.78
C ALA D 240 -12.28 12.03 28.00
N ILE D 241 -11.38 12.95 28.29
CA ILE D 241 -10.08 12.98 27.62
C ILE D 241 -9.10 12.22 28.50
N SER D 242 -8.38 11.28 27.92
CA SER D 242 -7.42 10.51 28.72
C SER D 242 -6.00 10.64 28.18
N PRO D 243 -5.18 11.49 28.81
CA PRO D 243 -3.79 11.70 28.40
C PRO D 243 -2.93 10.45 28.48
N SER D 244 -1.83 10.45 27.73
CA SER D 244 -0.89 9.34 27.66
C SER D 244 -0.58 8.69 29.00
N TRP D 245 -0.18 9.52 29.97
CA TRP D 245 0.16 9.04 31.29
C TRP D 245 -1.00 8.60 32.18
N SER D 246 -2.21 8.51 31.62
CA SER D 246 -3.37 8.15 32.44
C SER D 246 -4.05 6.81 32.16
N ILE D 247 -4.77 6.35 33.17
CA ILE D 247 -5.55 5.10 33.15
C ILE D 247 -6.76 5.31 32.21
N HIS D 248 -7.30 4.23 31.65
CA HIS D 248 -8.41 4.33 30.71
C HIS D 248 -9.72 3.63 31.11
N SER D 249 -9.74 2.93 32.24
CA SER D 249 -10.94 2.19 32.63
C SER D 249 -12.07 2.96 33.29
N GLY D 250 -13.24 2.34 33.36
CA GLY D 250 -14.39 2.96 33.99
C GLY D 250 -15.44 1.94 34.43
N VAL D 251 -16.19 2.26 35.49
CA VAL D 251 -17.24 1.37 35.97
C VAL D 251 -18.57 2.05 35.83
N GLY D 252 -19.54 1.33 35.32
CA GLY D 252 -20.86 1.91 35.19
C GLY D 252 -21.78 1.41 36.30
N THR D 253 -22.82 2.20 36.55
CA THR D 253 -23.83 1.87 37.54
C THR D 253 -24.69 0.78 36.90
N SER D 254 -24.67 0.74 35.57
CA SER D 254 -25.44 -0.24 34.81
C SER D 254 -24.76 -0.46 33.45
N ASN D 255 -25.54 -0.88 32.44
CA ASN D 255 -25.04 -1.13 31.09
C ASN D 255 -24.78 0.18 30.36
N TYR D 256 -23.91 0.12 29.36
CA TYR D 256 -23.59 1.28 28.55
C TYR D 256 -22.71 0.86 27.40
N SER D 257 -22.56 1.74 26.42
CA SER D 257 -21.72 1.51 25.26
C SER D 257 -20.77 2.69 25.24
N PHE D 258 -19.72 2.61 24.44
CA PHE D 258 -18.78 3.72 24.35
C PHE D 258 -17.89 3.60 23.12
N ILE D 259 -17.51 4.75 22.58
CA ILE D 259 -16.63 4.82 21.42
C ILE D 259 -15.30 5.35 21.92
N TRP D 260 -14.23 4.60 21.69
CA TRP D 260 -12.90 5.05 22.10
C TRP D 260 -12.10 5.40 20.84
N ALA D 261 -11.41 6.55 20.89
CA ALA D 261 -10.60 7.00 19.76
C ALA D 261 -9.22 7.30 20.30
N MET D 262 -8.19 6.86 19.58
CA MET D 262 -6.81 7.11 20.02
C MET D 262 -5.86 7.34 18.86
N CYS D 263 -4.67 7.84 19.20
CA CYS D 263 -3.61 8.11 18.23
C CYS D 263 -2.37 8.50 19.00
N GLY D 264 -1.24 8.62 18.31
CA GLY D 264 -0.02 8.98 18.98
C GLY D 264 1.20 8.43 18.28
N GLU D 265 1.95 7.58 18.97
CA GLU D 265 3.16 6.99 18.40
C GLU D 265 2.86 5.90 17.35
N LEU E 3 -33.54 -21.79 12.18
CA LEU E 3 -34.66 -22.47 12.88
C LEU E 3 -35.89 -21.56 13.05
N GLN E 4 -36.29 -20.91 11.96
CA GLN E 4 -37.45 -20.03 11.99
C GLN E 4 -38.37 -20.53 10.90
N ASN E 5 -39.62 -20.08 10.93
CA ASN E 5 -40.59 -20.51 9.94
C ASN E 5 -41.78 -19.54 9.84
N MET E 6 -42.14 -19.18 8.60
CA MET E 6 -43.25 -18.25 8.37
C MET E 6 -44.25 -18.75 7.34
N GLU E 7 -45.43 -19.16 7.79
CA GLU E 7 -46.49 -19.64 6.89
C GLU E 7 -47.35 -18.48 6.40
N THR E 8 -47.45 -18.32 5.08
CA THR E 8 -48.28 -17.21 4.58
C THR E 8 -49.72 -17.69 4.44
N ARG E 9 -50.68 -16.78 4.60
CA ARG E 9 -52.09 -17.15 4.46
C ARG E 9 -52.88 -16.14 3.67
N TYR E 10 -53.50 -16.61 2.59
CA TYR E 10 -54.29 -15.74 1.76
C TYR E 10 -55.57 -15.37 2.49
N THR E 11 -56.16 -14.25 2.09
CA THR E 11 -57.39 -13.80 2.70
C THR E 11 -58.51 -14.24 1.77
N HIS E 12 -59.73 -14.17 2.25
CA HIS E 12 -60.86 -14.58 1.46
C HIS E 12 -61.95 -13.53 1.57
N SER E 13 -63.12 -13.83 1.03
CA SER E 13 -64.24 -12.92 1.10
C SER E 13 -65.34 -13.63 1.90
N PRO E 14 -66.25 -12.87 2.52
CA PRO E 14 -67.32 -13.49 3.31
C PRO E 14 -68.06 -14.57 2.51
N ALA E 15 -68.01 -14.46 1.18
CA ALA E 15 -68.66 -15.43 0.32
C ALA E 15 -67.82 -16.68 0.15
N ASP E 16 -66.51 -16.52 -0.01
CA ASP E 16 -65.64 -17.69 -0.16
C ASP E 16 -65.81 -18.64 1.05
N ILE E 17 -65.91 -18.03 2.23
CA ILE E 17 -66.03 -18.73 3.49
C ILE E 17 -67.46 -19.19 3.84
N ARG E 18 -68.45 -18.69 3.12
CA ARG E 18 -69.85 -19.03 3.42
C ARG E 18 -70.17 -20.47 3.75
N HIS E 19 -69.61 -21.44 3.03
CA HIS E 19 -69.89 -22.83 3.32
C HIS E 19 -68.67 -23.62 3.82
N TYR E 20 -67.69 -22.88 4.33
CA TYR E 20 -66.47 -23.46 4.87
C TYR E 20 -66.81 -24.46 5.98
N SER E 21 -66.01 -25.51 6.08
CA SER E 21 -66.23 -26.49 7.13
C SER E 21 -65.43 -26.04 8.36
N THR E 22 -65.73 -26.61 9.51
CA THR E 22 -65.01 -26.27 10.72
C THR E 22 -63.51 -26.40 10.44
N GLU E 23 -63.15 -27.44 9.70
CA GLU E 23 -61.75 -27.67 9.38
C GLU E 23 -61.24 -26.48 8.58
N GLN E 24 -61.83 -26.25 7.41
CA GLN E 24 -61.44 -25.13 6.54
C GLN E 24 -61.25 -23.84 7.33
N LEU E 25 -62.25 -23.47 8.14
CA LEU E 25 -62.15 -22.27 8.97
C LEU E 25 -60.84 -22.26 9.76
N ARG E 26 -60.59 -23.36 10.47
CA ARG E 26 -59.38 -23.47 11.26
C ARG E 26 -58.16 -23.32 10.36
N ASP E 27 -58.18 -24.00 9.23
CA ASP E 27 -57.06 -23.95 8.30
C ASP E 27 -56.72 -22.55 7.82
N GLU E 28 -57.72 -21.71 7.63
CA GLU E 28 -57.47 -20.37 7.15
C GLU E 28 -57.31 -19.29 8.21
N PHE E 29 -58.10 -19.36 9.28
CA PHE E 29 -58.01 -18.30 10.28
C PHE E 29 -57.40 -18.60 11.65
N LEU E 30 -57.05 -19.87 11.89
CA LEU E 30 -56.49 -20.23 13.19
C LEU E 30 -55.02 -20.61 13.11
N VAL E 31 -54.23 -20.06 14.02
CA VAL E 31 -52.81 -20.39 14.10
C VAL E 31 -52.70 -21.20 15.37
N GLU E 32 -52.53 -22.51 15.23
CA GLU E 32 -52.45 -23.42 16.37
C GLU E 32 -51.19 -23.33 17.23
N LYS E 33 -50.05 -23.09 16.61
CA LYS E 33 -48.82 -22.96 17.37
C LYS E 33 -48.20 -21.59 17.17
N VAL E 34 -48.14 -20.82 18.25
CA VAL E 34 -47.58 -19.47 18.18
C VAL E 34 -46.22 -19.40 18.84
N PHE E 35 -46.08 -20.05 19.99
CA PHE E 35 -44.82 -20.05 20.72
C PHE E 35 -44.22 -21.43 20.81
N ILE E 36 -43.45 -21.82 19.80
CA ILE E 36 -42.79 -23.12 19.82
C ILE E 36 -41.33 -22.82 20.23
N PRO E 37 -40.97 -23.17 21.49
CA PRO E 37 -39.65 -22.99 22.12
C PRO E 37 -38.42 -23.36 21.32
N GLY E 38 -37.49 -22.41 21.26
CA GLY E 38 -36.26 -22.63 20.53
C GLY E 38 -36.31 -22.15 19.09
N ALA E 39 -37.49 -21.71 18.65
CA ALA E 39 -37.66 -21.25 17.28
C ALA E 39 -38.61 -20.08 17.17
N ILE E 40 -38.61 -19.44 16.01
CA ILE E 40 -39.53 -18.33 15.79
C ILE E 40 -40.63 -18.90 14.88
N SER E 41 -41.88 -18.74 15.31
CA SER E 41 -43.02 -19.24 14.56
C SER E 41 -43.80 -18.04 14.08
N LEU E 42 -43.77 -17.81 12.77
CA LEU E 42 -44.45 -16.66 12.20
C LEU E 42 -45.45 -17.01 11.10
N THR E 43 -46.43 -16.14 10.92
CA THR E 43 -47.44 -16.33 9.90
C THR E 43 -47.64 -14.99 9.20
N TYR E 44 -47.57 -15.02 7.87
CA TYR E 44 -47.72 -13.83 7.02
C TYR E 44 -49.14 -13.78 6.47
N THR E 45 -49.94 -12.80 6.88
CA THR E 45 -51.31 -12.72 6.39
C THR E 45 -51.42 -11.68 5.29
N HIS E 46 -52.06 -12.04 4.18
CA HIS E 46 -52.22 -11.10 3.09
C HIS E 46 -53.16 -9.96 3.46
N ASN E 47 -53.77 -10.09 4.63
CA ASN E 47 -54.64 -9.04 5.13
C ASN E 47 -53.65 -7.96 5.55
N ASP E 48 -53.45 -6.96 4.69
CA ASP E 48 -52.54 -5.86 4.98
C ASP E 48 -51.08 -6.25 5.18
N ARG E 49 -50.73 -7.48 4.81
CA ARG E 49 -49.35 -7.94 4.91
C ARG E 49 -48.73 -7.96 6.31
N MET E 50 -49.55 -8.17 7.34
CA MET E 50 -49.02 -8.25 8.69
C MET E 50 -48.34 -9.61 8.89
N ILE E 51 -47.18 -9.63 9.54
CA ILE E 51 -46.50 -10.88 9.82
C ILE E 51 -46.45 -10.91 11.34
N PHE E 52 -47.09 -11.91 11.93
CA PHE E 52 -47.14 -12.04 13.39
C PHE E 52 -46.76 -13.45 13.80
N GLY E 53 -46.57 -13.63 15.10
CA GLY E 53 -46.21 -14.93 15.60
C GLY E 53 -45.38 -14.82 16.85
N GLY E 54 -44.78 -15.92 17.26
CA GLY E 54 -43.97 -15.89 18.46
C GLY E 54 -42.53 -16.36 18.32
N VAL E 55 -41.63 -15.54 18.84
CA VAL E 55 -40.22 -15.88 18.85
C VAL E 55 -39.92 -16.12 20.33
N THR E 56 -39.79 -17.39 20.67
CA THR E 56 -39.55 -17.82 22.03
C THR E 56 -38.18 -18.48 22.14
N PRO E 57 -37.14 -17.67 22.42
CA PRO E 57 -35.76 -18.14 22.56
C PRO E 57 -35.52 -18.94 23.83
N THR E 58 -34.65 -19.93 23.73
CA THR E 58 -34.34 -20.75 24.89
C THR E 58 -32.84 -20.82 25.17
N THR E 59 -32.16 -21.64 24.40
CA THR E 59 -30.74 -21.86 24.56
C THR E 59 -29.88 -21.14 23.53
N GLU E 60 -30.49 -20.24 22.76
CA GLU E 60 -29.77 -19.49 21.72
C GLU E 60 -30.59 -18.28 21.32
N GLU E 61 -29.99 -17.09 21.36
CA GLU E 61 -30.73 -15.89 21.00
C GLU E 61 -31.25 -16.05 19.59
N LEU E 62 -32.44 -15.49 19.34
CA LEU E 62 -33.07 -15.58 18.03
C LEU E 62 -33.24 -14.23 17.38
N GLU E 63 -33.23 -14.24 16.05
CA GLU E 63 -33.43 -13.05 15.24
C GLU E 63 -34.21 -13.43 13.96
N ILE E 64 -35.27 -12.67 13.68
CA ILE E 64 -36.07 -12.92 12.50
C ILE E 64 -35.25 -12.47 11.29
N ILE E 65 -34.77 -13.42 10.49
CA ILE E 65 -33.97 -13.06 9.31
C ILE E 65 -34.83 -13.26 8.08
N LEU E 66 -35.21 -12.13 7.47
CA LEU E 66 -36.03 -12.12 6.27
C LEU E 66 -35.54 -11.00 5.36
N ASP E 67 -35.39 -11.31 4.07
CA ASP E 67 -34.96 -10.31 3.10
C ASP E 67 -35.48 -10.63 1.71
N LYS E 68 -34.95 -11.67 1.09
CA LYS E 68 -35.40 -12.07 -0.25
C LYS E 68 -36.90 -12.36 -0.21
N GLU E 69 -37.35 -13.00 0.86
CA GLU E 69 -38.76 -13.34 1.01
C GLU E 69 -39.63 -12.10 0.95
N LEU E 70 -39.11 -10.95 1.38
CA LEU E 70 -39.88 -9.72 1.37
C LEU E 70 -39.32 -8.65 0.43
N GLY E 71 -38.52 -9.09 -0.55
CA GLY E 71 -37.93 -8.16 -1.49
C GLY E 71 -37.18 -7.00 -0.83
N VAL E 72 -36.41 -7.29 0.20
CA VAL E 72 -35.63 -6.28 0.91
C VAL E 72 -34.33 -6.90 1.39
N ASP E 73 -33.44 -6.08 1.93
CA ASP E 73 -32.14 -6.56 2.42
C ASP E 73 -32.22 -7.08 3.86
N TYR E 74 -33.09 -6.50 4.67
CA TYR E 74 -33.24 -6.95 6.05
C TYR E 74 -34.68 -6.76 6.55
N PHE E 75 -35.10 -7.68 7.40
CA PHE E 75 -36.45 -7.71 7.98
C PHE E 75 -37.22 -6.40 8.14
N LEU E 76 -36.64 -5.44 8.84
CA LEU E 76 -37.33 -4.19 9.07
C LEU E 76 -36.96 -3.02 8.16
N GLU E 77 -36.33 -3.29 7.03
CA GLU E 77 -35.95 -2.21 6.12
C GLU E 77 -37.16 -1.31 5.81
N ARG E 78 -38.34 -1.90 5.65
CA ARG E 78 -39.53 -1.14 5.34
C ARG E 78 -40.71 -1.53 6.21
N ARG E 79 -40.43 -1.92 7.45
CA ARG E 79 -41.49 -2.35 8.38
C ARG E 79 -41.25 -1.87 9.80
N GLU E 80 -42.34 -1.74 10.56
CA GLU E 80 -42.26 -1.37 11.96
C GLU E 80 -42.72 -2.63 12.68
N LEU E 81 -42.33 -2.78 13.94
CA LEU E 81 -42.68 -3.98 14.70
C LEU E 81 -42.97 -3.74 16.16
N GLY E 82 -44.01 -4.39 16.68
CA GLY E 82 -44.37 -4.25 18.08
C GLY E 82 -44.06 -5.57 18.77
N VAL E 83 -43.65 -5.51 20.04
CA VAL E 83 -43.32 -6.73 20.77
C VAL E 83 -43.81 -6.67 22.20
N ILE E 84 -44.26 -7.81 22.71
CA ILE E 84 -44.70 -7.91 24.10
C ILE E 84 -44.31 -9.28 24.63
N ASN E 85 -43.52 -9.31 25.71
CA ASN E 85 -43.09 -10.58 26.28
C ASN E 85 -44.20 -11.18 27.15
N ILE E 86 -44.67 -12.35 26.74
CA ILE E 86 -45.76 -13.05 27.42
C ILE E 86 -45.24 -14.09 28.42
N GLY E 87 -43.99 -14.50 28.27
CA GLY E 87 -43.43 -15.51 29.15
C GLY E 87 -42.46 -15.06 30.23
N GLY E 88 -41.38 -15.82 30.38
CA GLY E 88 -40.37 -15.51 31.38
C GLY E 88 -39.49 -14.34 31.01
N PRO E 89 -38.68 -13.83 31.95
CA PRO E 89 -37.79 -12.69 31.69
C PRO E 89 -36.76 -12.97 30.59
N GLY E 90 -36.54 -11.95 29.77
CA GLY E 90 -35.59 -12.10 28.68
C GLY E 90 -34.88 -10.80 28.35
N PHE E 91 -34.35 -10.73 27.14
CA PHE E 91 -33.63 -9.56 26.67
C PHE E 91 -33.94 -9.30 25.21
N ILE E 92 -33.89 -8.02 24.85
CA ILE E 92 -34.10 -7.61 23.47
C ILE E 92 -32.87 -6.77 23.09
N GLU E 93 -32.25 -7.10 21.97
CA GLU E 93 -31.07 -6.37 21.52
C GLU E 93 -31.39 -5.67 20.20
N ILE E 94 -31.66 -4.37 20.27
CA ILE E 94 -31.96 -3.61 19.07
C ILE E 94 -30.72 -2.82 18.65
N ASP E 95 -30.08 -3.28 17.58
CA ASP E 95 -28.87 -2.68 17.04
C ASP E 95 -27.77 -2.48 18.08
N GLY E 96 -27.43 -3.55 18.81
CA GLY E 96 -26.40 -3.46 19.81
C GLY E 96 -26.94 -3.24 21.22
N ALA E 97 -27.82 -2.25 21.37
CA ALA E 97 -28.43 -1.94 22.67
C ALA E 97 -29.24 -3.13 23.22
N LYS E 98 -28.74 -3.73 24.30
CA LYS E 98 -29.40 -4.88 24.92
C LYS E 98 -30.13 -4.45 26.19
N GLU E 99 -31.44 -4.63 26.21
CA GLU E 99 -32.22 -4.25 27.39
C GLU E 99 -32.86 -5.47 28.02
N THR E 100 -33.55 -5.25 29.12
CA THR E 100 -34.22 -6.35 29.79
C THR E 100 -35.72 -6.31 29.46
N MET E 101 -36.25 -7.46 29.08
CA MET E 101 -37.65 -7.59 28.75
C MET E 101 -38.31 -8.54 29.75
N LYS E 102 -39.02 -7.97 30.71
CA LYS E 102 -39.71 -8.74 31.73
C LYS E 102 -41.11 -8.98 31.20
N LYS E 103 -41.83 -9.96 31.74
CA LYS E 103 -43.17 -10.23 31.27
C LYS E 103 -43.97 -8.94 31.28
N GLN E 104 -44.77 -8.75 30.24
CA GLN E 104 -45.63 -7.58 30.09
C GLN E 104 -44.86 -6.38 29.58
N ASP E 105 -43.55 -6.55 29.38
CA ASP E 105 -42.73 -5.46 28.85
C ASP E 105 -42.96 -5.48 27.35
N GLY E 106 -42.99 -4.31 26.75
CA GLY E 106 -43.22 -4.25 25.32
C GLY E 106 -42.21 -3.38 24.61
N TYR E 107 -42.39 -3.20 23.31
CA TYR E 107 -41.46 -2.39 22.55
C TYR E 107 -41.94 -2.02 21.16
N TYR E 108 -41.76 -0.77 20.78
CA TYR E 108 -42.12 -0.34 19.43
C TYR E 108 -40.82 -0.12 18.67
N ILE E 109 -40.56 -0.93 17.66
CA ILE E 109 -39.33 -0.75 16.90
C ILE E 109 -39.68 -0.23 15.52
N GLY E 110 -39.01 0.82 15.09
CA GLY E 110 -39.32 1.41 13.80
C GLY E 110 -38.53 0.97 12.59
N LYS E 111 -38.99 1.47 11.45
CA LYS E 111 -38.41 1.21 10.14
C LYS E 111 -36.89 1.39 10.11
N GLU E 112 -36.23 0.49 9.39
CA GLU E 112 -34.79 0.53 9.19
C GLU E 112 -33.86 0.07 10.30
N THR E 113 -34.39 -0.45 11.41
CA THR E 113 -33.48 -0.93 12.45
C THR E 113 -32.92 -2.26 11.91
N LYS E 114 -31.60 -2.39 11.84
CA LYS E 114 -30.98 -3.58 11.29
C LYS E 114 -31.19 -4.93 11.98
N HIS E 115 -30.82 -5.04 13.25
CA HIS E 115 -30.97 -6.32 13.96
C HIS E 115 -31.70 -6.28 15.28
N VAL E 116 -32.78 -7.06 15.41
CA VAL E 116 -33.51 -7.13 16.67
C VAL E 116 -33.37 -8.57 17.13
N ARG E 117 -32.58 -8.78 18.16
CA ARG E 117 -32.34 -10.13 18.68
C ARG E 117 -33.01 -10.38 20.03
N PHE E 118 -33.67 -11.53 20.12
CA PHE E 118 -34.38 -11.92 21.33
C PHE E 118 -33.68 -13.05 22.08
N SER E 119 -33.72 -12.98 23.40
CA SER E 119 -33.09 -13.98 24.25
C SER E 119 -33.78 -14.10 25.62
N SER E 120 -33.65 -15.27 26.23
CA SER E 120 -34.24 -15.54 27.53
C SER E 120 -33.12 -15.67 28.55
N GLU E 121 -33.44 -15.50 29.84
CA GLU E 121 -32.41 -15.64 30.85
C GLU E 121 -32.54 -17.00 31.52
N ASN E 122 -33.48 -17.81 31.06
CA ASN E 122 -33.70 -19.15 31.60
C ASN E 122 -34.44 -20.01 30.58
N PRO E 123 -33.73 -20.96 29.96
CA PRO E 123 -34.28 -21.87 28.96
C PRO E 123 -35.47 -22.70 29.46
N ASP E 124 -35.52 -22.90 30.78
CA ASP E 124 -36.55 -23.68 31.42
C ASP E 124 -37.88 -22.90 31.42
N ASN E 125 -37.78 -21.58 31.59
CA ASN E 125 -38.93 -20.68 31.59
C ASN E 125 -38.61 -19.58 30.60
N PRO E 126 -38.59 -19.94 29.29
CA PRO E 126 -38.29 -19.01 28.20
C PRO E 126 -39.20 -17.82 28.10
N ALA E 127 -38.67 -16.75 27.51
CA ALA E 127 -39.44 -15.55 27.28
C ALA E 127 -40.21 -15.81 26.00
N LYS E 128 -41.51 -15.50 26.02
CA LYS E 128 -42.35 -15.70 24.85
C LYS E 128 -42.61 -14.33 24.24
N PHE E 129 -41.85 -14.01 23.21
CA PHE E 129 -41.99 -12.72 22.55
C PHE E 129 -43.03 -12.81 21.44
N TYR E 130 -44.13 -12.10 21.63
CA TYR E 130 -45.18 -12.06 20.62
C TYR E 130 -44.93 -10.82 19.74
N ILE E 131 -44.67 -11.02 18.46
CA ILE E 131 -44.38 -9.88 17.60
C ILE E 131 -45.43 -9.69 16.55
N SER E 132 -45.69 -8.42 16.23
CA SER E 132 -46.66 -8.05 15.21
C SER E 132 -45.95 -7.07 14.30
N CYS E 133 -45.54 -7.53 13.13
CA CYS E 133 -44.82 -6.69 12.19
C CYS E 133 -45.68 -6.23 11.02
N VAL E 134 -45.53 -4.97 10.64
CA VAL E 134 -46.33 -4.39 9.57
C VAL E 134 -45.53 -3.41 8.69
N PRO E 135 -45.90 -3.27 7.42
CA PRO E 135 -45.18 -2.36 6.52
C PRO E 135 -45.22 -0.92 7.01
N ALA E 136 -44.07 -0.25 6.95
CA ALA E 136 -43.96 1.15 7.39
C ALA E 136 -43.18 2.01 6.38
N HIS E 137 -43.72 3.16 6.03
CA HIS E 137 -43.06 4.06 5.09
C HIS E 137 -42.23 5.15 5.75
N HIS E 138 -42.52 5.44 7.02
CA HIS E 138 -41.82 6.47 7.74
C HIS E 138 -41.14 5.86 8.97
N LYS E 139 -40.04 6.47 9.41
CA LYS E 139 -39.32 5.97 10.56
C LYS E 139 -39.55 6.76 11.83
N TYR E 140 -40.12 6.10 12.84
CA TYR E 140 -40.35 6.74 14.13
C TYR E 140 -39.34 6.13 15.10
N PRO E 141 -39.09 6.82 16.24
CA PRO E 141 -38.13 6.33 17.23
C PRO E 141 -38.59 5.05 17.94
N ASN E 142 -37.62 4.21 18.31
CA ASN E 142 -37.93 2.98 19.01
C ASN E 142 -38.27 3.45 20.43
N VAL E 143 -39.27 2.84 21.05
CA VAL E 143 -39.63 3.24 22.41
C VAL E 143 -40.03 2.03 23.23
N LYS E 144 -39.39 1.86 24.39
CA LYS E 144 -39.70 0.73 25.26
C LYS E 144 -40.99 1.03 26.03
N ILE E 145 -41.78 -0.01 26.24
CA ILE E 145 -43.03 0.12 26.94
C ILE E 145 -43.06 -0.80 28.14
N SER E 146 -43.40 -0.25 29.30
CA SER E 146 -43.50 -1.03 30.54
C SER E 146 -44.93 -0.88 31.09
N ILE E 147 -45.54 -2.00 31.44
CA ILE E 147 -46.91 -2.01 31.99
C ILE E 147 -47.18 -0.77 32.84
N ASP E 148 -46.22 -0.44 33.71
CA ASP E 148 -46.29 0.71 34.60
C ASP E 148 -46.80 1.98 33.90
N GLU E 149 -45.95 2.52 33.02
CA GLU E 149 -46.27 3.73 32.27
C GLU E 149 -47.63 3.70 31.56
N ILE E 150 -48.32 2.56 31.61
CA ILE E 150 -49.63 2.47 30.95
C ILE E 150 -50.80 2.52 31.93
N THR E 151 -51.78 3.38 31.61
CA THR E 151 -52.97 3.52 32.42
C THR E 151 -54.02 2.60 31.80
N PRO E 152 -54.22 1.40 32.39
CA PRO E 152 -55.21 0.45 31.86
C PRO E 152 -56.67 0.99 31.88
N MET E 153 -57.20 1.27 30.69
CA MET E 153 -58.55 1.80 30.56
C MET E 153 -59.58 0.68 30.70
N GLU E 154 -59.93 0.37 31.94
CA GLU E 154 -60.90 -0.69 32.21
C GLU E 154 -62.36 -0.30 31.93
N THR E 155 -63.15 -1.30 31.57
CA THR E 155 -64.56 -1.12 31.25
C THR E 155 -65.24 -2.48 31.47
N GLY E 156 -66.51 -2.60 31.05
CA GLY E 156 -67.20 -3.86 31.22
C GLY E 156 -67.67 -4.05 32.65
N ASP E 157 -68.54 -5.04 32.86
CA ASP E 157 -69.08 -5.30 34.19
C ASP E 157 -69.30 -6.80 34.43
N PRO E 158 -68.91 -7.31 35.62
CA PRO E 158 -69.07 -8.73 35.94
C PRO E 158 -70.50 -9.24 35.77
N LEU E 159 -71.44 -8.30 35.65
CA LEU E 159 -72.84 -8.65 35.46
C LEU E 159 -73.04 -9.05 34.01
N THR E 160 -72.12 -8.59 33.17
CA THR E 160 -72.14 -8.91 31.74
C THR E 160 -70.89 -9.67 31.35
N LEU E 161 -70.31 -10.32 32.35
CA LEU E 161 -69.12 -11.14 32.19
C LEU E 161 -68.06 -10.54 31.28
N ASN E 162 -67.84 -9.24 31.37
CA ASN E 162 -66.83 -8.57 30.55
C ASN E 162 -65.98 -7.59 31.34
N GLN E 163 -65.81 -7.89 32.61
CA GLN E 163 -65.00 -7.09 33.52
C GLN E 163 -63.55 -7.25 33.05
N ARG E 164 -63.02 -6.28 32.33
CA ARG E 164 -61.65 -6.41 31.83
C ARG E 164 -60.81 -5.13 31.85
N LYS E 165 -59.49 -5.30 31.82
CA LYS E 165 -58.55 -4.18 31.80
C LYS E 165 -57.78 -4.17 30.48
N ILE E 166 -57.92 -3.10 29.70
CA ILE E 166 -57.20 -3.02 28.42
C ILE E 166 -55.94 -2.15 28.56
N TYR E 167 -54.84 -2.61 27.96
CA TYR E 167 -53.57 -1.91 28.03
C TYR E 167 -53.07 -1.48 26.65
N GLN E 168 -53.01 -0.18 26.41
CA GLN E 168 -52.55 0.35 25.13
C GLN E 168 -51.02 0.30 25.06
N TYR E 169 -50.46 -0.56 24.22
CA TYR E 169 -49.01 -0.62 24.09
C TYR E 169 -48.55 0.22 22.91
N ILE E 170 -48.88 -0.20 21.70
CA ILE E 170 -48.52 0.59 20.54
C ILE E 170 -49.77 1.41 20.25
N HIS E 171 -49.81 2.62 20.78
CA HIS E 171 -50.95 3.51 20.65
C HIS E 171 -50.42 4.95 20.74
N PRO E 172 -51.12 5.92 20.13
CA PRO E 172 -50.68 7.31 20.19
C PRO E 172 -50.33 7.84 21.58
N ASN E 173 -51.01 7.34 22.61
CA ASN E 173 -50.74 7.79 23.98
C ASN E 173 -49.39 7.37 24.52
N VAL E 174 -48.72 6.40 23.87
CA VAL E 174 -47.42 5.98 24.35
C VAL E 174 -46.33 6.06 23.31
N CYS E 175 -46.71 6.08 22.02
CA CYS E 175 -45.71 6.19 20.95
C CYS E 175 -46.30 6.35 19.56
N GLU E 176 -45.47 6.81 18.63
CA GLU E 176 -45.87 7.01 17.24
C GLU E 176 -45.62 5.74 16.43
N SER E 177 -46.33 5.62 15.31
CA SER E 177 -46.19 4.47 14.43
C SER E 177 -46.95 4.76 13.13
N CYS E 178 -46.54 4.13 12.05
CA CYS E 178 -47.19 4.34 10.77
C CYS E 178 -48.62 3.83 10.75
N GLN E 179 -48.83 2.59 11.20
CA GLN E 179 -50.17 2.02 11.22
C GLN E 179 -50.39 0.93 12.28
N LEU E 180 -49.31 0.33 12.77
CA LEU E 180 -49.46 -0.71 13.78
C LEU E 180 -50.16 -0.21 15.04
N GLN E 181 -50.93 -1.10 15.66
CA GLN E 181 -51.64 -0.80 16.89
C GLN E 181 -51.69 -2.07 17.72
N MET E 182 -51.19 -2.04 18.95
CA MET E 182 -51.22 -3.24 19.77
C MET E 182 -51.79 -2.97 21.15
N GLY E 183 -52.36 -4.03 21.73
CA GLY E 183 -52.94 -3.93 23.05
C GLY E 183 -52.90 -5.25 23.80
N TYR E 184 -52.95 -5.14 25.13
CA TYR E 184 -52.92 -6.28 26.03
C TYR E 184 -54.18 -6.15 26.88
N THR E 185 -55.01 -7.18 26.86
CA THR E 185 -56.27 -7.16 27.62
C THR E 185 -56.35 -8.39 28.50
N ILE E 186 -56.67 -8.17 29.78
CA ILE E 186 -56.81 -9.27 30.71
C ILE E 186 -58.22 -9.32 31.27
N LEU E 187 -58.89 -10.45 31.04
CA LEU E 187 -60.25 -10.67 31.52
C LEU E 187 -60.19 -11.02 32.99
N GLU E 188 -60.83 -10.18 33.80
CA GLU E 188 -60.87 -10.38 35.25
C GLU E 188 -61.73 -11.61 35.56
N PRO E 189 -61.33 -12.41 36.57
CA PRO E 189 -62.07 -13.61 36.96
C PRO E 189 -63.58 -13.43 37.01
N GLY E 190 -64.31 -14.37 36.42
CA GLY E 190 -65.76 -14.26 36.42
C GLY E 190 -66.29 -13.50 35.22
N SER E 191 -65.42 -13.31 34.23
CA SER E 191 -65.78 -12.61 32.99
C SER E 191 -65.13 -13.38 31.86
N ALA E 192 -65.65 -13.25 30.63
CA ALA E 192 -65.05 -13.97 29.53
C ALA E 192 -65.37 -13.45 28.12
N TRP E 193 -65.79 -12.20 28.01
CA TRP E 193 -66.16 -11.64 26.70
C TRP E 193 -65.26 -10.53 26.12
N ASN E 194 -65.42 -10.26 24.82
CA ASN E 194 -64.69 -9.22 24.07
C ASN E 194 -65.62 -8.19 23.43
N THR E 195 -66.85 -8.08 23.93
CA THR E 195 -67.82 -7.13 23.39
C THR E 195 -69.02 -6.99 24.32
N MET E 205 -58.55 -4.52 10.06
CA MET E 205 -57.84 -5.80 10.04
C MET E 205 -57.15 -6.11 11.38
N GLU E 206 -57.52 -7.19 12.05
CA GLU E 206 -56.91 -7.52 13.34
C GLU E 206 -56.41 -8.96 13.46
N ALA E 207 -55.52 -9.19 14.42
CA ALA E 207 -54.98 -10.52 14.69
C ALA E 207 -54.97 -10.70 16.20
N TYR E 208 -55.60 -11.77 16.67
CA TYR E 208 -55.65 -12.03 18.10
C TYR E 208 -54.80 -13.21 18.55
N VAL E 209 -54.28 -13.12 19.76
CA VAL E 209 -53.50 -14.20 20.33
C VAL E 209 -53.98 -14.29 21.78
N TYR E 210 -54.50 -15.46 22.16
CA TYR E 210 -55.00 -15.66 23.51
C TYR E 210 -53.95 -16.43 24.29
N PHE E 211 -53.77 -16.08 25.56
CA PHE E 211 -52.80 -16.74 26.41
C PHE E 211 -53.16 -16.55 27.88
N ASP E 212 -52.30 -17.05 28.78
CA ASP E 212 -52.53 -16.94 30.22
C ASP E 212 -53.90 -17.48 30.61
N MET E 213 -54.17 -18.73 30.23
CA MET E 213 -55.43 -19.35 30.56
C MET E 213 -55.21 -20.79 31.02
N GLU E 214 -56.04 -21.26 31.93
CA GLU E 214 -55.93 -22.62 32.44
C GLU E 214 -55.88 -23.59 31.26
N GLU E 215 -55.24 -24.73 31.46
CA GLU E 215 -55.11 -25.72 30.40
C GLU E 215 -56.43 -26.17 29.78
N ASP E 216 -57.50 -26.20 30.58
CA ASP E 216 -58.78 -26.67 30.07
C ASP E 216 -59.76 -25.60 29.60
N THR E 217 -59.48 -24.34 29.88
CA THR E 217 -60.39 -23.29 29.42
C THR E 217 -60.11 -23.16 27.93
N ARG E 218 -61.13 -22.80 27.18
CA ARG E 218 -60.98 -22.62 25.74
C ARG E 218 -61.86 -21.45 25.36
N ILE E 219 -61.47 -20.71 24.33
CA ILE E 219 -62.28 -19.57 23.93
C ILE E 219 -62.96 -19.83 22.59
N PHE E 220 -64.18 -19.31 22.45
CA PHE E 220 -64.96 -19.48 21.21
C PHE E 220 -64.86 -18.17 20.47
N HIS E 221 -63.84 -18.04 19.64
CA HIS E 221 -63.62 -16.81 18.89
C HIS E 221 -64.60 -16.66 17.75
N MET E 222 -65.47 -15.66 17.86
CA MET E 222 -66.47 -15.40 16.85
C MET E 222 -65.85 -14.69 15.67
N MET E 223 -66.33 -15.00 14.46
CA MET E 223 -65.81 -14.35 13.27
C MET E 223 -66.79 -14.38 12.10
N GLY E 224 -66.44 -13.65 11.04
CA GLY E 224 -67.27 -13.59 9.85
C GLY E 224 -68.11 -12.33 9.79
N LYS E 225 -68.78 -12.11 8.66
CA LYS E 225 -69.65 -10.96 8.50
C LYS E 225 -70.66 -11.08 9.65
N PRO E 226 -71.03 -9.95 10.29
CA PRO E 226 -71.98 -10.04 11.40
C PRO E 226 -73.25 -10.87 11.18
N ASP E 227 -73.68 -11.04 9.92
CA ASP E 227 -74.89 -11.83 9.62
C ASP E 227 -74.60 -13.29 9.40
N GLU E 228 -73.33 -13.61 9.17
CA GLU E 228 -72.90 -14.99 8.93
C GLU E 228 -71.74 -15.33 9.85
N THR E 229 -71.94 -15.19 11.16
CA THR E 229 -70.86 -15.49 12.09
C THR E 229 -70.63 -16.99 12.25
N LYS E 230 -69.37 -17.33 12.51
CA LYS E 230 -68.96 -18.70 12.74
C LYS E 230 -67.94 -18.56 13.84
N HIS E 231 -67.42 -19.66 14.37
CA HIS E 231 -66.44 -19.53 15.42
C HIS E 231 -65.28 -20.49 15.29
N LEU E 232 -64.19 -20.16 15.97
CA LEU E 232 -62.99 -20.98 16.02
C LEU E 232 -62.84 -21.36 17.49
N VAL E 233 -62.66 -22.65 17.79
CA VAL E 233 -62.49 -23.05 19.17
C VAL E 233 -61.02 -23.00 19.44
N MET E 234 -60.59 -22.13 20.35
CA MET E 234 -59.15 -21.98 20.65
C MET E 234 -58.61 -22.41 22.03
N SER E 235 -57.36 -22.89 22.01
CA SER E 235 -56.65 -23.33 23.23
C SER E 235 -55.72 -22.20 23.65
N ASN E 236 -55.02 -22.42 24.76
CA ASN E 236 -54.09 -21.42 25.25
C ASN E 236 -52.96 -21.19 24.25
N GLU E 237 -52.56 -19.92 24.13
CA GLU E 237 -51.47 -19.53 23.24
C GLU E 237 -51.68 -19.81 21.75
N GLN E 238 -52.92 -19.63 21.30
CA GLN E 238 -53.26 -19.81 19.89
C GLN E 238 -53.75 -18.48 19.37
N ALA E 239 -53.57 -18.24 18.07
CA ALA E 239 -53.97 -16.97 17.47
C ALA E 239 -55.00 -17.10 16.35
N ALA E 240 -55.77 -16.04 16.17
CA ALA E 240 -56.81 -16.00 15.13
C ALA E 240 -56.64 -14.77 14.26
N ILE E 241 -56.75 -14.96 12.94
CA ILE E 241 -56.64 -13.84 11.99
C ILE E 241 -58.05 -13.34 11.73
N SER E 242 -58.26 -12.04 11.87
CA SER E 242 -59.59 -11.51 11.61
C SER E 242 -59.59 -10.45 10.52
N PRO E 243 -60.03 -10.83 9.30
CA PRO E 243 -60.07 -9.91 8.16
C PRO E 243 -61.01 -8.74 8.37
N SER E 244 -60.77 -7.67 7.62
CA SER E 244 -61.55 -6.43 7.65
C SER E 244 -63.05 -6.62 7.77
N TRP E 245 -63.60 -7.44 6.89
CA TRP E 245 -65.02 -7.71 6.88
C TRP E 245 -65.54 -8.62 8.00
N SER E 246 -64.71 -8.95 8.98
CA SER E 246 -65.11 -9.85 10.06
C SER E 246 -65.24 -9.31 11.46
N ILE E 247 -66.04 -10.02 12.26
CA ILE E 247 -66.30 -9.72 13.68
C ILE E 247 -65.01 -10.01 14.46
N HIS E 248 -64.84 -9.38 15.61
CA HIS E 248 -63.63 -9.55 16.42
C HIS E 248 -63.81 -10.12 17.84
N SER E 249 -65.05 -10.33 18.27
CA SER E 249 -65.28 -10.81 19.64
C SER E 249 -65.08 -12.31 19.92
N GLY E 250 -65.02 -12.64 21.21
CA GLY E 250 -64.84 -14.03 21.62
C GLY E 250 -65.28 -14.29 23.05
N VAL E 251 -65.75 -15.50 23.34
CA VAL E 251 -66.18 -15.84 24.68
C VAL E 251 -65.28 -16.94 25.19
N GLY E 252 -64.86 -16.80 26.44
CA GLY E 252 -64.02 -17.82 27.03
C GLY E 252 -64.82 -18.65 27.97
N THR E 253 -64.33 -19.87 28.19
CA THR E 253 -64.93 -20.82 29.11
C THR E 253 -64.60 -20.32 30.52
N SER E 254 -63.53 -19.54 30.62
CA SER E 254 -63.06 -18.97 31.87
C SER E 254 -62.27 -17.69 31.59
N ASN E 255 -61.37 -17.33 32.49
CA ASN E 255 -60.55 -16.13 32.36
C ASN E 255 -59.45 -16.34 31.33
N TYR E 256 -58.95 -15.23 30.79
CA TYR E 256 -57.89 -15.27 29.79
C TYR E 256 -57.43 -13.86 29.49
N SER E 257 -56.29 -13.77 28.82
CA SER E 257 -55.73 -12.49 28.41
C SER E 257 -55.52 -12.63 26.91
N PHE E 258 -55.26 -11.51 26.23
CA PHE E 258 -55.01 -11.58 24.80
C PHE E 258 -54.38 -10.30 24.29
N ILE E 259 -53.55 -10.45 23.26
CA ILE E 259 -52.88 -9.32 22.62
C ILE E 259 -53.55 -9.15 21.25
N TRP E 260 -54.06 -7.96 20.97
CA TRP E 260 -54.67 -7.69 19.68
C TRP E 260 -53.77 -6.74 18.92
N ALA E 261 -53.54 -7.04 17.65
CA ALA E 261 -52.69 -6.19 16.80
C ALA E 261 -53.49 -5.86 15.55
N MET E 262 -53.43 -4.62 15.10
CA MET E 262 -54.17 -4.22 13.91
C MET E 262 -53.47 -3.14 13.11
N CYS E 263 -53.92 -2.95 11.88
CA CYS E 263 -53.36 -1.95 10.97
C CYS E 263 -54.26 -1.82 9.77
N GLY E 264 -54.04 -0.76 9.00
CA GLY E 264 -54.83 -0.47 7.81
C GLY E 264 -54.67 0.97 7.35
N GLU E 265 -55.64 1.81 7.67
CA GLU E 265 -55.59 3.22 7.29
C GLU E 265 -55.80 4.15 8.50
N GLN F 4 23.87 7.70 24.92
CA GLN F 4 22.48 7.69 24.37
C GLN F 4 21.46 7.81 25.49
N ASN F 5 20.89 9.00 25.64
CA ASN F 5 19.92 9.28 26.70
C ASN F 5 18.81 10.24 26.25
N MET F 6 17.56 9.91 26.55
CA MET F 6 16.43 10.74 26.17
C MET F 6 15.43 11.05 27.32
N GLU F 7 15.44 12.27 27.81
CA GLU F 7 14.54 12.68 28.90
C GLU F 7 13.22 13.18 28.31
N THR F 8 12.11 12.61 28.76
CA THR F 8 10.83 13.06 28.24
C THR F 8 10.29 14.17 29.13
N ARG F 9 9.53 15.10 28.56
CA ARG F 9 8.99 16.21 29.34
C ARG F 9 7.54 16.48 29.02
N TYR F 10 6.69 16.41 30.05
CA TYR F 10 5.28 16.68 29.85
C TYR F 10 5.07 18.16 29.60
N THR F 11 3.96 18.47 28.95
CA THR F 11 3.62 19.84 28.66
C THR F 11 2.64 20.30 29.73
N HIS F 12 2.46 21.60 29.82
CA HIS F 12 1.56 22.15 30.81
C HIS F 12 0.65 23.15 30.16
N SER F 13 -0.13 23.82 30.99
CA SER F 13 -1.04 24.85 30.50
C SER F 13 -0.60 26.17 31.09
N PRO F 14 -0.92 27.28 30.42
CA PRO F 14 -0.52 28.58 30.96
C PRO F 14 -0.93 28.75 32.43
N ALA F 15 -1.95 28.02 32.87
CA ALA F 15 -2.39 28.11 34.26
C ALA F 15 -1.51 27.26 35.17
N ASP F 16 -1.10 26.08 34.71
CA ASP F 16 -0.27 25.22 35.53
C ASP F 16 1.00 25.97 35.92
N ILE F 17 1.53 26.70 34.95
CA ILE F 17 2.79 27.46 35.06
C ILE F 17 2.65 28.84 35.72
N ARG F 18 1.41 29.33 35.85
CA ARG F 18 1.17 30.65 36.44
C ARG F 18 1.97 31.03 37.67
N HIS F 19 2.16 30.14 38.64
CA HIS F 19 2.95 30.52 39.80
C HIS F 19 4.25 29.73 39.94
N TYR F 20 4.72 29.20 38.80
CA TYR F 20 5.95 28.42 38.72
C TYR F 20 7.12 29.26 39.24
N SER F 21 8.07 28.60 39.90
CA SER F 21 9.24 29.31 40.40
C SER F 21 10.28 29.29 39.27
N THR F 22 11.29 30.15 39.39
CA THR F 22 12.35 30.19 38.39
C THR F 22 12.91 28.79 38.19
N GLU F 23 12.98 28.04 39.28
CA GLU F 23 13.48 26.67 39.22
C GLU F 23 12.54 25.84 38.37
N GLN F 24 11.28 25.75 38.81
CA GLN F 24 10.28 24.99 38.07
C GLN F 24 10.33 25.30 36.57
N LEU F 25 10.29 26.58 36.20
CA LEU F 25 10.35 26.98 34.79
C LEU F 25 11.52 26.30 34.09
N ARG F 26 12.69 26.42 34.69
CA ARG F 26 13.89 25.80 34.12
C ARG F 26 13.72 24.29 34.01
N ASP F 27 13.19 23.68 35.06
CA ASP F 27 13.00 22.23 35.08
C ASP F 27 12.09 21.73 33.97
N GLU F 28 11.08 22.52 33.61
CA GLU F 28 10.16 22.09 32.57
C GLU F 28 10.47 22.55 31.16
N PHE F 29 10.96 23.78 31.01
CA PHE F 29 11.22 24.26 29.66
C PHE F 29 12.67 24.47 29.23
N LEU F 30 13.62 24.25 30.11
CA LEU F 30 15.01 24.46 29.73
C LEU F 30 15.81 23.17 29.66
N VAL F 31 16.56 23.00 28.58
CA VAL F 31 17.42 21.83 28.42
C VAL F 31 18.83 22.40 28.59
N GLU F 32 19.45 22.12 29.72
CA GLU F 32 20.79 22.66 30.03
C GLU F 32 21.94 22.06 29.26
N LYS F 33 21.87 20.77 28.96
CA LYS F 33 22.93 20.13 28.20
C LYS F 33 22.36 19.54 26.90
N VAL F 34 22.82 20.08 25.78
CA VAL F 34 22.34 19.61 24.49
C VAL F 34 23.41 18.83 23.76
N PHE F 35 24.65 19.30 23.83
CA PHE F 35 25.77 18.63 23.17
C PHE F 35 26.77 18.12 24.16
N ILE F 36 26.57 16.91 24.66
CA ILE F 36 27.52 16.34 25.58
C ILE F 36 28.34 15.34 24.75
N PRO F 37 29.62 15.69 24.46
CA PRO F 37 30.60 14.92 23.67
C PRO F 37 30.73 13.44 23.96
N GLY F 38 30.65 12.64 22.90
CA GLY F 38 30.76 11.20 23.04
C GLY F 38 29.44 10.51 23.22
N ALA F 39 28.37 11.28 23.37
CA ALA F 39 27.05 10.70 23.56
C ALA F 39 25.96 11.49 22.87
N ILE F 40 24.77 10.90 22.79
CA ILE F 40 23.65 11.60 22.19
C ILE F 40 22.77 12.01 23.36
N SER F 41 22.44 13.29 23.41
CA SER F 41 21.60 13.83 24.47
C SER F 41 20.30 14.27 23.85
N LEU F 42 19.23 13.54 24.16
CA LEU F 42 17.93 13.86 23.58
C LEU F 42 16.85 14.12 24.62
N THR F 43 15.85 14.89 24.22
CA THR F 43 14.71 15.21 25.07
C THR F 43 13.41 15.06 24.26
N TYR F 44 12.49 14.26 24.79
CA TYR F 44 11.20 13.97 24.15
C TYR F 44 10.14 14.89 24.75
N THR F 45 9.61 15.81 23.96
CA THR F 45 8.58 16.71 24.48
C THR F 45 7.20 16.23 24.05
N HIS F 46 6.26 16.17 25.00
CA HIS F 46 4.91 15.75 24.68
C HIS F 46 4.19 16.76 23.81
N ASN F 47 4.84 17.91 23.61
CA ASN F 47 4.30 18.94 22.74
C ASN F 47 4.53 18.36 21.35
N ASP F 48 3.50 17.76 20.78
CA ASP F 48 3.60 17.18 19.45
C ASP F 48 4.59 16.04 19.28
N ARG F 49 5.07 15.51 20.41
CA ARG F 49 6.00 14.39 20.37
C ARG F 49 7.33 14.60 19.65
N MET F 50 7.83 15.83 19.67
CA MET F 50 9.10 16.10 19.03
C MET F 50 10.23 15.60 19.93
N ILE F 51 11.23 14.95 19.34
CA ILE F 51 12.38 14.51 20.12
C ILE F 51 13.55 15.27 19.50
N PHE F 52 14.19 16.10 20.31
CA PHE F 52 15.31 16.91 19.86
C PHE F 52 16.49 16.78 20.80
N GLY F 53 17.62 17.29 20.36
CA GLY F 53 18.79 17.20 21.20
C GLY F 53 20.04 17.18 20.34
N GLY F 54 21.15 16.84 20.97
CA GLY F 54 22.39 16.79 20.23
C GLY F 54 23.17 15.50 20.29
N VAL F 55 23.55 15.02 19.10
CA VAL F 55 24.38 13.83 18.99
C VAL F 55 25.74 14.40 18.52
N THR F 56 26.68 14.41 19.45
CA THR F 56 28.02 14.93 19.20
C THR F 56 29.04 13.80 19.35
N PRO F 57 29.32 13.10 18.24
CA PRO F 57 30.27 11.99 18.20
C PRO F 57 31.73 12.45 18.32
N THR F 58 32.54 11.63 18.97
CA THR F 58 33.94 11.98 19.13
C THR F 58 34.87 10.85 18.63
N THR F 59 35.00 9.83 19.46
CA THR F 59 35.86 8.70 19.18
C THR F 59 35.12 7.45 18.72
N GLU F 60 33.83 7.60 18.43
CA GLU F 60 33.02 6.46 17.99
C GLU F 60 31.75 6.97 17.31
N GLU F 61 31.47 6.50 16.11
CA GLU F 61 30.27 6.97 15.42
C GLU F 61 29.06 6.67 16.29
N LEU F 62 28.07 7.54 16.22
CA LEU F 62 26.86 7.39 17.03
C LEU F 62 25.61 7.22 16.17
N GLU F 63 24.63 6.52 16.74
CA GLU F 63 23.35 6.29 16.07
C GLU F 63 22.26 6.25 17.13
N ILE F 64 21.19 7.00 16.89
CA ILE F 64 20.07 7.03 17.81
C ILE F 64 19.32 5.71 17.68
N ILE F 65 19.44 4.85 18.69
CA ILE F 65 18.73 3.57 18.64
C ILE F 65 17.52 3.62 19.55
N LEU F 66 16.34 3.66 18.94
CA LEU F 66 15.08 3.72 19.65
C LEU F 66 14.06 2.86 18.92
N ASP F 67 13.32 2.05 19.66
CA ASP F 67 12.30 1.18 19.06
C ASP F 67 11.19 0.88 20.04
N LYS F 68 11.48 0.07 21.07
CA LYS F 68 10.49 -0.28 22.09
C LYS F 68 9.99 0.99 22.76
N GLU F 69 10.90 1.94 22.99
CA GLU F 69 10.55 3.21 23.62
C GLU F 69 9.50 3.97 22.82
N LEU F 70 9.47 3.76 21.51
CA LEU F 70 8.50 4.44 20.66
C LEU F 70 7.55 3.48 19.97
N GLY F 71 7.41 2.27 20.52
CA GLY F 71 6.51 1.30 19.93
C GLY F 71 6.74 1.05 18.45
N VAL F 72 8.01 0.94 18.06
CA VAL F 72 8.37 0.68 16.66
C VAL F 72 9.63 -0.20 16.64
N ASP F 73 10.04 -0.61 15.44
CA ASP F 73 11.22 -1.45 15.29
C ASP F 73 12.50 -0.64 15.18
N TYR F 74 12.42 0.55 14.58
CA TYR F 74 13.60 1.41 14.46
C TYR F 74 13.23 2.89 14.49
N PHE F 75 14.13 3.67 15.07
CA PHE F 75 13.98 5.12 15.25
C PHE F 75 13.12 5.90 14.27
N LEU F 76 13.39 5.79 12.98
CA LEU F 76 12.63 6.54 12.00
C LEU F 76 11.56 5.77 11.24
N GLU F 77 11.12 4.64 11.78
CA GLU F 77 10.08 3.87 11.10
C GLU F 77 8.87 4.74 10.77
N ARG F 78 8.51 5.63 11.70
CA ARG F 78 7.36 6.51 11.49
C ARG F 78 7.67 7.95 11.83
N ARG F 79 8.90 8.37 11.57
CA ARG F 79 9.32 9.74 11.86
C ARG F 79 10.25 10.31 10.80
N GLU F 80 10.27 11.64 10.71
CA GLU F 80 11.17 12.32 9.80
C GLU F 80 12.14 13.04 10.72
N LEU F 81 13.31 13.40 10.22
CA LEU F 81 14.30 14.05 11.06
C LEU F 81 15.14 15.09 10.35
N GLY F 82 15.38 16.22 11.02
CA GLY F 82 16.19 17.27 10.44
C GLY F 82 17.51 17.37 11.19
N VAL F 83 18.59 17.68 10.49
CA VAL F 83 19.89 17.77 11.14
C VAL F 83 20.71 18.95 10.65
N ILE F 84 21.47 19.56 11.57
CA ILE F 84 22.34 20.67 11.21
C ILE F 84 23.59 20.59 12.08
N ASN F 85 24.76 20.52 11.44
CA ASN F 85 26.01 20.42 12.18
C ASN F 85 26.44 21.79 12.68
N ILE F 86 26.49 21.93 13.99
CA ILE F 86 26.86 23.18 14.64
C ILE F 86 28.35 23.27 14.99
N GLY F 87 29.00 22.10 15.05
CA GLY F 87 30.41 22.07 15.41
C GLY F 87 31.43 21.83 14.30
N GLY F 88 32.41 20.98 14.60
CA GLY F 88 33.45 20.67 13.63
C GLY F 88 32.99 19.76 12.51
N PRO F 89 33.80 19.61 11.45
CA PRO F 89 33.44 18.74 10.31
C PRO F 89 33.20 17.29 10.71
N GLY F 90 32.19 16.70 10.09
CA GLY F 90 31.86 15.32 10.40
C GLY F 90 31.31 14.57 9.21
N PHE F 91 30.61 13.47 9.49
CA PHE F 91 30.04 12.65 8.45
C PHE F 91 28.70 12.13 8.89
N ILE F 92 27.82 11.93 7.92
CA ILE F 92 26.51 11.37 8.19
C ILE F 92 26.37 10.16 7.27
N GLU F 93 25.95 9.03 7.82
CA GLU F 93 25.79 7.82 7.03
C GLU F 93 24.32 7.39 7.06
N ILE F 94 23.60 7.70 5.99
CA ILE F 94 22.20 7.33 5.91
C ILE F 94 22.06 6.08 5.03
N ASP F 95 21.78 4.95 5.70
CA ASP F 95 21.63 3.65 5.07
C ASP F 95 22.79 3.27 4.16
N GLY F 96 24.00 3.39 4.68
CA GLY F 96 25.18 3.05 3.90
C GLY F 96 25.87 4.25 3.30
N ALA F 97 25.10 5.10 2.63
CA ALA F 97 25.65 6.32 2.00
C ALA F 97 26.28 7.25 3.03
N LYS F 98 27.59 7.40 2.97
CA LYS F 98 28.33 8.25 3.90
C LYS F 98 28.73 9.55 3.22
N GLU F 99 28.25 10.68 3.74
CA GLU F 99 28.58 11.97 3.16
C GLU F 99 29.36 12.81 4.14
N THR F 100 29.76 13.99 3.70
CA THR F 100 30.50 14.89 4.57
C THR F 100 29.56 15.98 5.07
N MET F 101 29.60 16.20 6.38
CA MET F 101 28.78 17.21 7.03
C MET F 101 29.69 18.27 7.65
N LYS F 102 29.81 19.38 6.95
CA LYS F 102 30.65 20.48 7.43
C LYS F 102 29.74 21.37 8.25
N LYS F 103 30.32 22.24 9.10
CA LYS F 103 29.50 23.13 9.91
C LYS F 103 28.51 23.86 9.02
N GLN F 104 27.28 24.00 9.49
CA GLN F 104 26.19 24.66 8.78
C GLN F 104 25.56 23.75 7.72
N ASP F 105 26.10 22.55 7.56
CA ASP F 105 25.53 21.61 6.61
C ASP F 105 24.33 21.01 7.30
N GLY F 106 23.27 20.74 6.55
CA GLY F 106 22.08 20.17 7.16
C GLY F 106 21.59 18.97 6.39
N TYR F 107 20.45 18.43 6.80
CA TYR F 107 19.91 17.26 6.13
C TYR F 107 18.47 16.94 6.53
N TYR F 108 17.64 16.61 5.54
CA TYR F 108 16.27 16.21 5.82
C TYR F 108 16.19 14.73 5.56
N ILE F 109 15.96 13.93 6.59
CA ILE F 109 15.86 12.51 6.40
C ILE F 109 14.41 12.08 6.62
N GLY F 110 13.87 11.31 5.69
CA GLY F 110 12.49 10.90 5.79
C GLY F 110 12.16 9.58 6.44
N LYS F 111 10.86 9.37 6.58
CA LYS F 111 10.27 8.18 7.17
C LYS F 111 10.84 6.88 6.60
N GLU F 112 11.06 5.91 7.48
CA GLU F 112 11.54 4.58 7.12
C GLU F 112 13.02 4.36 6.81
N THR F 113 13.87 5.38 6.94
CA THR F 113 15.29 5.15 6.68
C THR F 113 15.78 4.39 7.91
N LYS F 114 16.39 3.23 7.68
CA LYS F 114 16.84 2.37 8.77
C LYS F 114 17.94 2.87 9.72
N HIS F 115 19.10 3.25 9.18
CA HIS F 115 20.20 3.70 10.05
C HIS F 115 20.84 5.03 9.68
N VAL F 116 20.84 5.97 10.61
CA VAL F 116 21.47 7.27 10.38
C VAL F 116 22.59 7.37 11.40
N ARG F 117 23.83 7.23 10.93
CA ARG F 117 24.98 7.26 11.82
C ARG F 117 25.82 8.54 11.68
N PHE F 118 26.15 9.13 12.83
CA PHE F 118 26.90 10.37 12.89
C PHE F 118 28.33 10.14 13.36
N SER F 119 29.25 10.90 12.79
CA SER F 119 30.67 10.78 13.14
C SER F 119 31.44 12.09 12.91
N SER F 120 32.53 12.26 13.63
CA SER F 120 33.36 13.45 13.48
C SER F 120 34.69 13.03 12.86
N GLU F 121 35.40 14.00 12.28
CA GLU F 121 36.70 13.67 11.70
C GLU F 121 37.82 14.09 12.63
N ASN F 122 37.44 14.62 13.79
CA ASN F 122 38.40 15.06 14.80
C ASN F 122 37.75 15.10 16.17
N PRO F 123 38.10 14.16 17.07
CA PRO F 123 37.55 14.06 18.42
C PRO F 123 37.80 15.31 19.25
N ASP F 124 38.85 16.04 18.90
CA ASP F 124 39.24 17.24 19.61
C ASP F 124 38.26 18.40 19.33
N ASN F 125 37.76 18.44 18.10
CA ASN F 125 36.81 19.45 17.65
C ASN F 125 35.67 18.67 17.00
N PRO F 126 34.88 17.95 17.82
CA PRO F 126 33.76 17.14 17.38
C PRO F 126 32.68 17.88 16.63
N ALA F 127 31.94 17.15 15.81
CA ALA F 127 30.83 17.70 15.06
C ALA F 127 29.67 17.67 16.04
N LYS F 128 28.95 18.78 16.13
CA LYS F 128 27.80 18.84 17.02
C LYS F 128 26.56 18.80 16.15
N PHE F 129 25.99 17.60 16.04
CA PHE F 129 24.77 17.40 15.26
C PHE F 129 23.53 17.69 16.09
N TYR F 130 22.80 18.73 15.70
CA TYR F 130 21.57 19.08 16.38
C TYR F 130 20.46 18.45 15.58
N ILE F 131 19.72 17.53 16.20
CA ILE F 131 18.63 16.88 15.49
C ILE F 131 17.26 17.21 16.05
N SER F 132 16.29 17.31 15.16
CA SER F 132 14.90 17.59 15.52
C SER F 132 14.07 16.52 14.82
N CYS F 133 13.60 15.55 15.59
CA CYS F 133 12.82 14.47 15.04
C CYS F 133 11.33 14.59 15.37
N VAL F 134 10.49 14.29 14.38
CA VAL F 134 9.05 14.41 14.55
C VAL F 134 8.29 13.30 13.80
N PRO F 135 7.10 12.91 14.31
CA PRO F 135 6.30 11.85 13.67
C PRO F 135 5.93 12.20 12.24
N ALA F 136 6.06 11.23 11.34
CA ALA F 136 5.75 11.41 9.92
C ALA F 136 4.95 10.24 9.36
N HIS F 137 3.86 10.54 8.65
CA HIS F 137 3.01 9.50 8.08
C HIS F 137 3.32 9.19 6.62
N HIS F 138 4.02 10.11 5.96
CA HIS F 138 4.36 9.93 4.56
C HIS F 138 5.87 9.99 4.39
N LYS F 139 6.38 9.32 3.37
CA LYS F 139 7.82 9.31 3.13
C LYS F 139 8.26 10.20 1.98
N TYR F 140 9.08 11.20 2.30
CA TYR F 140 9.63 12.09 1.30
C TYR F 140 11.11 11.77 1.15
N PRO F 141 11.71 12.14 0.03
CA PRO F 141 13.13 11.87 -0.21
C PRO F 141 14.09 12.58 0.74
N ASN F 142 15.21 11.94 1.04
CA ASN F 142 16.21 12.54 1.90
C ASN F 142 16.89 13.59 1.02
N VAL F 143 17.19 14.75 1.58
CA VAL F 143 17.84 15.80 0.81
C VAL F 143 18.89 16.55 1.62
N LYS F 144 20.10 16.61 1.11
CA LYS F 144 21.17 17.31 1.81
C LYS F 144 21.02 18.81 1.61
N ILE F 145 21.33 19.57 2.65
CA ILE F 145 21.21 21.00 2.61
C ILE F 145 22.55 21.64 2.94
N SER F 146 22.98 22.57 2.09
CA SER F 146 24.24 23.28 2.29
C SER F 146 23.93 24.77 2.34
N ILE F 147 24.48 25.46 3.34
CA ILE F 147 24.27 26.91 3.53
C ILE F 147 24.16 27.62 2.17
N ASP F 148 25.07 27.27 1.27
CA ASP F 148 25.12 27.85 -0.08
C ASP F 148 23.75 27.93 -0.73
N GLU F 149 23.22 26.77 -1.11
CA GLU F 149 21.91 26.68 -1.76
C GLU F 149 20.79 27.45 -1.05
N ILE F 150 21.08 28.03 0.11
CA ILE F 150 20.05 28.78 0.84
C ILE F 150 20.23 30.30 0.73
N THR F 151 19.13 30.97 0.40
CA THR F 151 19.12 32.42 0.29
C THR F 151 18.63 32.96 1.64
N PRO F 152 19.57 33.40 2.51
CA PRO F 152 19.20 33.93 3.82
C PRO F 152 18.30 35.17 3.75
N MET F 153 17.03 35.01 4.14
CA MET F 153 16.07 36.10 4.11
C MET F 153 16.26 37.02 5.32
N GLU F 154 17.19 37.96 5.20
CA GLU F 154 17.47 38.89 6.29
C GLU F 154 16.43 39.99 6.47
N THR F 155 16.28 40.43 7.73
CA THR F 155 15.33 41.48 8.10
C THR F 155 15.86 42.10 9.39
N GLY F 156 15.05 42.96 10.00
CA GLY F 156 15.47 43.61 11.23
C GLY F 156 16.42 44.78 10.96
N ASP F 157 16.68 45.58 11.98
CA ASP F 157 17.54 46.74 11.83
C ASP F 157 18.37 47.01 13.08
N PRO F 158 19.68 47.29 12.92
CA PRO F 158 20.55 47.55 14.07
C PRO F 158 20.02 48.66 14.99
N LEU F 159 19.04 49.41 14.49
CA LEU F 159 18.46 50.50 15.27
C LEU F 159 17.50 49.88 16.27
N THR F 160 17.05 48.68 15.95
CA THR F 160 16.14 47.94 16.81
C THR F 160 16.78 46.64 17.28
N LEU F 161 18.12 46.66 17.25
CA LEU F 161 18.95 45.54 17.68
C LEU F 161 18.44 44.16 17.25
N ASN F 162 17.96 44.07 16.02
CA ASN F 162 17.46 42.81 15.50
C ASN F 162 17.97 42.53 14.09
N GLN F 163 19.13 43.08 13.76
CA GLN F 163 19.76 42.89 12.46
C GLN F 163 20.15 41.41 12.40
N ARG F 164 19.36 40.60 11.68
CA ARG F 164 19.66 39.18 11.60
C ARG F 164 19.43 38.51 10.25
N LYS F 165 20.10 37.37 10.03
CA LYS F 165 19.96 36.60 8.80
C LYS F 165 19.32 35.23 9.12
N ILE F 166 18.16 34.95 8.52
CA ILE F 166 17.48 33.69 8.77
C ILE F 166 17.73 32.72 7.62
N TYR F 167 18.00 31.46 7.94
CA TYR F 167 18.27 30.45 6.93
C TYR F 167 17.27 29.29 6.99
N GLN F 168 16.47 29.15 5.92
CA GLN F 168 15.47 28.09 5.86
C GLN F 168 16.12 26.76 5.49
N TYR F 169 16.17 25.81 6.41
CA TYR F 169 16.75 24.50 6.11
C TYR F 169 15.67 23.52 5.70
N ILE F 170 14.83 23.12 6.66
CA ILE F 170 13.73 22.23 6.36
C ILE F 170 12.54 23.15 6.14
N HIS F 171 12.34 23.52 4.88
CA HIS F 171 11.29 24.43 4.48
C HIS F 171 10.88 24.09 3.05
N PRO F 172 9.63 24.39 2.66
CA PRO F 172 9.19 24.08 1.30
C PRO F 172 10.14 24.53 0.18
N ASN F 173 10.82 25.65 0.39
CA ASN F 173 11.74 26.16 -0.63
C ASN F 173 12.96 25.29 -0.87
N VAL F 174 13.24 24.36 0.02
CA VAL F 174 14.40 23.51 -0.18
C VAL F 174 14.07 22.02 -0.12
N CYS F 175 12.95 21.65 0.48
CA CYS F 175 12.55 20.25 0.55
C CYS F 175 11.18 20.01 1.14
N GLU F 176 10.65 18.81 0.89
CA GLU F 176 9.33 18.43 1.40
C GLU F 176 9.45 17.74 2.74
N SER F 177 8.36 17.75 3.50
CA SER F 177 8.32 17.13 4.81
C SER F 177 6.88 17.10 5.30
N CYS F 178 6.58 16.16 6.19
CA CYS F 178 5.23 16.03 6.72
C CYS F 178 4.83 17.21 7.58
N GLN F 179 5.68 17.59 8.53
CA GLN F 179 5.38 18.71 9.40
C GLN F 179 6.60 19.43 9.97
N LEU F 180 7.75 18.77 9.98
CA LEU F 180 8.96 19.40 10.51
C LEU F 180 9.34 20.68 9.76
N GLN F 181 9.90 21.63 10.49
CA GLN F 181 10.33 22.92 9.94
C GLN F 181 11.55 23.35 10.73
N MET F 182 12.67 23.57 10.06
CA MET F 182 13.87 24.01 10.76
C MET F 182 14.50 25.24 10.15
N GLY F 183 15.20 25.99 10.98
CA GLY F 183 15.86 27.20 10.52
C GLY F 183 17.08 27.52 11.37
N TYR F 184 17.99 28.27 10.76
CA TYR F 184 19.25 28.69 11.38
C TYR F 184 19.22 30.21 11.29
N THR F 185 19.36 30.89 12.43
CA THR F 185 19.34 32.34 12.46
C THR F 185 20.57 32.86 13.16
N ILE F 186 21.26 33.81 12.54
CA ILE F 186 22.45 34.38 13.16
C ILE F 186 22.26 35.88 13.38
N LEU F 187 22.33 36.30 14.64
CA LEU F 187 22.18 37.70 15.01
C LEU F 187 23.47 38.43 14.70
N GLU F 188 23.37 39.42 13.82
CA GLU F 188 24.53 40.22 13.43
C GLU F 188 24.99 41.07 14.62
N PRO F 189 26.32 41.25 14.79
CA PRO F 189 26.88 42.04 15.89
C PRO F 189 26.14 43.35 16.15
N GLY F 190 25.84 43.64 17.40
CA GLY F 190 25.14 44.86 17.72
C GLY F 190 23.64 44.69 17.70
N SER F 191 23.18 43.43 17.71
CA SER F 191 21.76 43.11 17.71
C SER F 191 21.60 41.93 18.63
N ALA F 192 20.40 41.73 19.18
CA ALA F 192 20.19 40.61 20.08
C ALA F 192 18.75 40.16 20.31
N TRP F 193 17.84 40.49 19.39
CA TRP F 193 16.44 40.11 19.54
C TRP F 193 15.88 39.06 18.56
N ASN F 194 14.69 38.52 18.89
CA ASN F 194 13.95 37.53 18.07
C ASN F 194 12.55 38.05 17.75
N THR F 195 12.36 39.34 17.99
CA THR F 195 11.08 40.04 17.79
C THR F 195 11.00 40.64 16.39
N MET F 205 4.02 25.27 18.11
CA MET F 205 4.95 24.45 18.88
C MET F 205 6.41 24.54 18.39
N GLU F 206 7.27 25.24 19.14
CA GLU F 206 8.67 25.40 18.74
C GLU F 206 9.71 24.99 19.80
N ALA F 207 10.93 24.73 19.33
CA ALA F 207 12.03 24.36 20.22
C ALA F 207 13.25 25.15 19.74
N TYR F 208 13.88 25.87 20.66
CA TYR F 208 15.05 26.67 20.33
C TYR F 208 16.33 26.14 20.92
N VAL F 209 17.42 26.34 20.19
CA VAL F 209 18.74 25.95 20.65
C VAL F 209 19.66 27.11 20.28
N TYR F 210 20.27 27.71 21.29
CA TYR F 210 21.17 28.82 21.05
C TYR F 210 22.60 28.33 21.09
N PHE F 211 23.44 28.87 20.21
CA PHE F 211 24.84 28.47 20.16
C PHE F 211 25.69 29.56 19.52
N ASP F 212 26.98 29.28 19.34
CA ASP F 212 27.91 30.22 18.73
C ASP F 212 27.87 31.57 19.44
N MET F 213 28.09 31.55 20.74
CA MET F 213 28.10 32.77 21.53
C MET F 213 29.26 32.76 22.52
N GLU F 214 29.81 33.94 22.79
CA GLU F 214 30.91 34.07 23.73
C GLU F 214 30.55 33.37 25.03
N GLU F 215 31.54 32.88 25.76
CA GLU F 215 31.30 32.18 27.01
C GLU F 215 30.48 32.96 28.05
N ASP F 216 30.63 34.28 28.05
CA ASP F 216 29.90 35.08 29.03
C ASP F 216 28.59 35.71 28.57
N THR F 217 28.28 35.65 27.29
CA THR F 217 27.04 36.24 26.85
C THR F 217 25.98 35.22 27.25
N ARG F 218 24.78 35.70 27.55
CA ARG F 218 23.68 34.83 27.94
C ARG F 218 22.42 35.41 27.32
N ILE F 219 21.45 34.56 27.02
CA ILE F 219 20.24 35.08 26.42
C ILE F 219 19.07 34.96 27.39
N PHE F 220 18.17 35.94 27.36
CA PHE F 220 16.99 35.94 28.23
C PHE F 220 15.83 35.51 27.37
N HIS F 221 15.60 34.21 27.30
CA HIS F 221 14.52 33.67 26.48
C HIS F 221 13.14 33.91 27.11
N MET F 222 12.36 34.76 26.46
CA MET F 222 11.02 35.09 26.92
C MET F 222 10.07 33.95 26.60
N MET F 223 9.09 33.72 27.48
CA MET F 223 8.10 32.67 27.24
C MET F 223 6.83 32.90 28.05
N GLY F 224 5.83 32.08 27.75
CA GLY F 224 4.56 32.18 28.45
C GLY F 224 3.52 32.92 27.63
N LYS F 225 2.28 32.88 28.09
CA LYS F 225 1.19 33.57 27.41
C LYS F 225 1.67 35.03 27.33
N PRO F 226 1.40 35.74 26.22
CA PRO F 226 1.86 37.12 26.12
C PRO F 226 1.55 38.07 27.29
N ASP F 227 0.52 37.76 28.08
CA ASP F 227 0.16 38.59 29.22
C ASP F 227 0.88 38.17 30.50
N GLU F 228 1.42 36.95 30.50
CA GLU F 228 2.11 36.42 31.67
C GLU F 228 3.47 35.89 31.26
N THR F 229 4.29 36.75 30.66
CA THR F 229 5.59 36.31 30.22
C THR F 229 6.55 36.13 31.37
N LYS F 230 7.47 35.20 31.19
CA LYS F 230 8.52 34.91 32.16
C LYS F 230 9.72 34.60 31.29
N HIS F 231 10.90 34.44 31.87
CA HIS F 231 12.06 34.16 31.05
C HIS F 231 12.94 33.06 31.61
N LEU F 232 13.77 32.52 30.73
CA LEU F 232 14.73 31.48 31.07
C LEU F 232 16.08 32.10 30.77
N VAL F 233 17.01 32.04 31.71
CA VAL F 233 18.34 32.60 31.44
C VAL F 233 19.19 31.49 30.84
N MET F 234 19.61 31.65 29.60
CA MET F 234 20.36 30.60 28.93
C MET F 234 21.83 30.88 28.57
N SER F 235 22.64 29.80 28.64
CA SER F 235 24.06 29.80 28.31
C SER F 235 24.24 29.29 26.89
N ASN F 236 25.48 29.25 26.43
CA ASN F 236 25.77 28.76 25.09
C ASN F 236 25.40 27.27 24.97
N GLU F 237 24.86 26.92 23.81
CA GLU F 237 24.48 25.55 23.52
C GLU F 237 23.42 24.94 24.44
N GLN F 238 22.45 25.77 24.83
CA GLN F 238 21.33 25.31 25.65
C GLN F 238 20.05 25.46 24.84
N ALA F 239 19.04 24.64 25.12
CA ALA F 239 17.79 24.73 24.37
C ALA F 239 16.56 25.00 25.23
N ALA F 240 15.55 25.59 24.60
CA ALA F 240 14.31 25.93 25.29
C ALA F 240 13.11 25.36 24.55
N ILE F 241 12.17 24.78 25.29
CA ILE F 241 10.96 24.24 24.70
C ILE F 241 9.90 25.33 24.76
N SER F 242 9.25 25.63 23.64
CA SER F 242 8.23 26.63 23.66
C SER F 242 6.88 26.08 23.19
N PRO F 243 5.97 25.82 24.14
CA PRO F 243 4.63 25.28 23.84
C PRO F 243 3.78 26.24 23.02
N SER F 244 2.79 25.66 22.35
CA SER F 244 1.86 26.38 21.48
C SER F 244 1.41 27.73 22.04
N TRP F 245 0.90 27.71 23.25
CA TRP F 245 0.39 28.91 23.89
C TRP F 245 1.45 29.91 24.37
N SER F 246 2.72 29.68 24.01
CA SER F 246 3.79 30.57 24.48
C SER F 246 4.51 31.45 23.47
N ILE F 247 5.14 32.49 24.01
CA ILE F 247 5.92 33.48 23.26
C ILE F 247 7.21 32.80 22.82
N HIS F 248 7.82 33.28 21.74
CA HIS F 248 9.04 32.67 21.20
C HIS F 248 10.29 33.55 21.16
N SER F 249 10.19 34.82 21.54
CA SER F 249 11.35 35.71 21.47
C SER F 249 12.37 35.64 22.59
N GLY F 250 13.53 36.26 22.36
CA GLY F 250 14.60 36.28 23.34
C GLY F 250 15.62 37.39 23.08
N VAL F 251 16.23 37.89 24.14
CA VAL F 251 17.22 38.96 24.00
C VAL F 251 18.56 38.43 24.49
N GLY F 252 19.61 38.71 23.73
CA GLY F 252 20.92 38.26 24.13
C GLY F 252 21.69 39.41 24.72
N THR F 253 22.68 39.06 25.53
CA THR F 253 23.56 40.04 26.15
C THR F 253 24.50 40.51 25.06
N SER F 254 24.64 39.67 24.03
CA SER F 254 25.51 39.95 22.89
C SER F 254 25.00 39.19 21.66
N ASN F 255 25.90 38.91 20.72
CA ASN F 255 25.57 38.19 19.49
C ASN F 255 25.39 36.71 19.77
N TYR F 256 24.66 36.04 18.88
CA TYR F 256 24.42 34.61 19.03
C TYR F 256 23.67 34.13 17.80
N SER F 257 23.63 32.81 17.63
CA SER F 257 22.92 32.17 16.54
C SER F 257 21.96 31.21 17.21
N PHE F 258 21.01 30.67 16.45
CA PHE F 258 20.08 29.70 17.02
C PHE F 258 19.34 28.95 15.94
N ILE F 259 19.03 27.69 16.25
CA ILE F 259 18.29 26.81 15.35
C ILE F 259 16.89 26.65 15.95
N TRP F 260 15.86 26.98 15.17
CA TRP F 260 14.48 26.83 15.65
C TRP F 260 13.85 25.70 14.86
N ALA F 261 13.17 24.79 15.56
CA ALA F 261 12.47 23.67 14.94
C ALA F 261 11.03 23.69 15.40
N MET F 262 10.09 23.49 14.48
CA MET F 262 8.68 23.49 14.85
C MET F 262 7.86 22.50 14.05
N CYS F 263 6.63 22.26 14.52
CA CYS F 263 5.70 21.36 13.85
C CYS F 263 4.34 21.48 14.52
N GLY F 264 3.33 20.90 13.89
CA GLY F 264 1.98 20.95 14.44
C GLY F 264 0.84 20.75 13.45
N GLU F 265 0.40 21.83 12.82
CA GLU F 265 -0.71 21.75 11.87
C GLU F 265 -0.31 22.09 10.44
#